data_6JST
#
_entry.id   6JST
#
_cell.length_a   50.991
_cell.length_b   51.187
_cell.length_c   134.473
_cell.angle_alpha   90.990
_cell.angle_beta   91.330
_cell.angle_gamma   96.330
#
_symmetry.space_group_name_H-M   'P 1'
#
loop_
_entity.id
_entity.type
_entity.pdbx_description
1 polymer Phosphotriesterase
2 non-polymer 'FE (III) ION'
3 non-polymer 'ZINC ION'
4 non-polymer 'HYDROXIDE ION'
5 non-polymer '3-OXO-OCTANOIC ACID (2-OXO-TETRAHYDRO-FURAN-3-YL)-AMIDE'
6 water water
#
_entity_poly.entity_id   1
_entity_poly.type   'polypeptide(L)'
_entity_poly.pdbx_seq_one_letter_code
;GSHNMAEMVETVCGPVPVEQLGKTLIHEHFLFGYPGFQGDVTRGTFREDESLRVAVEAAEKMKRHGIQTVVDPTPNDCGR
NPAFLRRVAEETGLNIICATGYPYEGEGAPPYFQFRRLLGTAEDDIYDMFMAELTEGIADTGIKAGVI(KCX)LASSKGR
ITEYEKMFFRAAARAQKETGAVIITHTQEGTMGPEQAAYLLEHGADPKKIVIGHMCGNTDPDYHRKTLAYGVYIAFDRFG
IQGMVGAPTDEERVRTLLALLRDGYEKQIMLSHNTVNVWLGRPFTLPEPFAEMMKNWHVEHLFVNIIPALKNEGIRDEVL
EQMFIGNPAALFSA
;
_entity_poly.pdbx_strand_id   A,B,C,D
#
# COMPACT_ATOMS: atom_id res chain seq x y z
N GLU A 7 -25.75 6.48 44.57
CA GLU A 7 -25.73 5.03 44.67
C GLU A 7 -26.02 4.37 43.32
N MET A 8 -26.84 5.02 42.49
CA MET A 8 -27.12 4.58 41.12
C MET A 8 -26.62 5.64 40.15
N VAL A 9 -26.29 5.23 38.93
CA VAL A 9 -25.96 6.15 37.85
C VAL A 9 -26.73 5.74 36.61
N GLU A 10 -27.24 6.72 35.87
CA GLU A 10 -28.00 6.40 34.67
C GLU A 10 -27.02 5.98 33.57
N THR A 11 -27.26 4.81 32.99
CA THR A 11 -26.53 4.32 31.83
C THR A 11 -27.49 4.22 30.65
N VAL A 12 -26.98 3.76 29.50
CA VAL A 12 -27.80 3.63 28.30
C VAL A 12 -28.70 2.43 28.50
N CYS A 13 -28.53 1.72 29.60
CA CYS A 13 -29.38 0.58 29.95
C CYS A 13 -30.04 0.79 31.30
N GLY A 14 -30.23 2.06 31.66
CA GLY A 14 -30.95 2.46 32.84
C GLY A 14 -30.02 2.55 34.04
N PRO A 15 -30.60 2.62 35.24
CA PRO A 15 -29.79 2.81 36.45
C PRO A 15 -28.92 1.60 36.73
N VAL A 16 -27.65 1.84 37.03
CA VAL A 16 -26.74 0.78 37.46
C VAL A 16 -26.11 1.20 38.79
N PRO A 17 -25.97 0.30 39.77
CA PRO A 17 -25.32 0.72 41.02
C PRO A 17 -23.89 1.13 40.78
N VAL A 18 -23.47 2.24 41.42
CA VAL A 18 -22.12 2.72 41.19
C VAL A 18 -21.12 1.65 41.63
N GLU A 19 -21.46 0.88 42.66
CA GLU A 19 -20.58 -0.16 43.18
C GLU A 19 -20.29 -1.23 42.14
N GLN A 20 -21.10 -1.30 41.07
CA GLN A 20 -20.95 -2.32 40.03
C GLN A 20 -20.33 -1.78 38.75
N LEU A 21 -19.93 -0.51 38.72
CA LEU A 21 -19.33 0.03 37.50
C LEU A 21 -17.99 -0.65 37.23
N GLY A 22 -17.21 -0.90 38.27
CA GLY A 22 -15.99 -1.64 38.06
C GLY A 22 -14.98 -0.84 37.27
N LYS A 23 -14.08 -1.59 36.63
CA LYS A 23 -13.04 -1.00 35.80
C LYS A 23 -13.63 -0.15 34.69
N THR A 24 -13.27 1.11 34.64
CA THR A 24 -13.94 2.10 33.81
C THR A 24 -12.97 2.91 32.98
N LEU A 25 -13.29 3.06 31.69
CA LEU A 25 -12.61 4.00 30.82
C LEU A 25 -13.45 5.28 30.78
N ILE A 26 -12.84 6.40 31.16
CA ILE A 26 -13.62 7.61 31.47
C ILE A 26 -13.97 8.44 30.25
N HIS A 27 -13.40 8.15 29.08
CA HIS A 27 -13.57 9.02 27.93
C HIS A 27 -13.22 8.26 26.63
N GLU A 28 -14.23 7.65 26.01
CA GLU A 28 -14.09 7.05 24.70
C GLU A 28 -15.36 7.36 23.92
N HIS A 29 -15.23 7.44 22.60
CA HIS A 29 -16.38 7.67 21.74
C HIS A 29 -16.63 6.43 20.91
N PHE A 30 -17.84 5.90 20.98
CA PHE A 30 -18.21 4.87 19.99
C PHE A 30 -18.43 5.50 18.62
N LEU A 31 -19.22 6.57 18.57
CA LEU A 31 -19.42 7.37 17.37
C LEU A 31 -18.99 8.79 17.65
N PHE A 32 -18.42 9.45 16.65
CA PHE A 32 -18.17 10.88 16.74
C PHE A 32 -18.11 11.45 15.34
N GLY A 33 -18.73 12.61 15.17
CA GLY A 33 -18.58 13.40 13.97
C GLY A 33 -18.32 14.85 14.33
N TYR A 34 -17.46 15.48 13.57
CA TYR A 34 -17.23 16.92 13.73
C TYR A 34 -18.46 17.69 13.26
N PRO A 35 -18.96 18.65 14.05
CA PRO A 35 -20.11 19.45 13.62
C PRO A 35 -19.95 19.94 12.18
N GLY A 36 -21.00 19.78 11.40
CA GLY A 36 -20.91 19.92 9.97
C GLY A 36 -21.03 18.59 9.23
N PHE A 37 -20.75 17.48 9.91
CA PHE A 37 -20.83 16.19 9.23
C PHE A 37 -22.24 15.93 8.72
N GLN A 38 -23.24 16.55 9.35
CA GLN A 38 -24.64 16.31 8.99
C GLN A 38 -24.93 16.75 7.55
N GLY A 39 -24.29 17.81 7.07
CA GLY A 39 -24.54 18.23 5.70
C GLY A 39 -23.91 17.38 4.63
N ASP A 40 -23.05 16.45 5.00
CA ASP A 40 -22.38 15.56 4.07
C ASP A 40 -23.06 14.19 4.02
N VAL A 41 -24.38 14.19 4.21
CA VAL A 41 -25.14 12.95 4.36
C VAL A 41 -25.05 12.09 3.10
N THR A 42 -24.90 12.70 1.92
CA THR A 42 -25.04 11.94 0.70
C THR A 42 -23.85 11.01 0.51
N ARG A 43 -22.65 11.53 0.72
CA ARG A 43 -21.38 10.82 0.63
C ARG A 43 -20.90 10.30 1.96
N GLY A 44 -21.60 10.60 3.05
CA GLY A 44 -21.18 10.21 4.37
C GLY A 44 -22.32 9.63 5.18
N THR A 45 -23.10 8.75 4.57
CA THR A 45 -24.23 8.17 5.27
C THR A 45 -23.77 7.34 6.46
N PHE A 46 -24.54 7.41 7.54
CA PHE A 46 -24.33 6.53 8.68
C PHE A 46 -24.64 5.09 8.29
N ARG A 47 -23.66 4.21 8.42
CA ARG A 47 -23.80 2.79 8.10
C ARG A 47 -24.09 2.03 9.40
N GLU A 48 -25.36 1.79 9.70
CA GLU A 48 -25.74 1.33 11.03
C GLU A 48 -25.20 -0.05 11.37
N ASP A 49 -25.42 -1.02 10.47
CA ASP A 49 -24.99 -2.40 10.76
C ASP A 49 -23.48 -2.47 10.99
N GLU A 50 -22.71 -1.88 10.07
CA GLU A 50 -21.26 -1.97 10.15
C GLU A 50 -20.70 -1.11 11.28
N SER A 51 -21.36 0.00 11.64
CA SER A 51 -20.92 0.81 12.78
C SER A 51 -21.24 0.10 14.10
N LEU A 52 -22.31 -0.67 14.13
CA LEU A 52 -22.60 -1.51 15.30
C LEU A 52 -21.53 -2.59 15.48
N ARG A 53 -21.17 -3.31 14.41
CA ARG A 53 -20.23 -4.42 14.54
C ARG A 53 -18.85 -3.92 15.02
N VAL A 54 -18.36 -2.83 14.43
CA VAL A 54 -17.13 -2.15 14.89
C VAL A 54 -17.28 -1.70 16.34
N ALA A 55 -18.41 -1.05 16.66
CA ALA A 55 -18.60 -0.60 18.04
C ALA A 55 -18.61 -1.77 18.99
N VAL A 56 -19.34 -2.83 18.63
CA VAL A 56 -19.42 -4.01 19.48
C VAL A 56 -18.05 -4.65 19.62
N GLU A 57 -17.24 -4.59 18.55
CA GLU A 57 -15.91 -5.19 18.64
C GLU A 57 -15.03 -4.39 19.57
N ALA A 58 -15.05 -3.06 19.43
CA ALA A 58 -14.37 -2.19 20.39
C ALA A 58 -14.80 -2.52 21.81
N ALA A 59 -16.09 -2.73 22.02
CA ALA A 59 -16.58 -3.11 23.34
C ALA A 59 -15.96 -4.43 23.78
N GLU A 60 -15.83 -5.39 22.87
CA GLU A 60 -15.27 -6.69 23.24
C GLU A 60 -13.78 -6.59 23.57
N LYS A 61 -13.03 -5.80 22.81
CA LYS A 61 -11.61 -5.60 23.11
C LYS A 61 -11.42 -4.98 24.49
N MET A 62 -12.22 -3.95 24.81
CA MET A 62 -12.14 -3.35 26.14
C MET A 62 -12.50 -4.37 27.20
N LYS A 63 -13.45 -5.25 26.90
CA LYS A 63 -13.86 -6.26 27.86
C LYS A 63 -12.74 -7.26 28.14
N ARG A 64 -11.89 -7.53 27.14
CA ARG A 64 -10.80 -8.48 27.35
C ARG A 64 -9.74 -7.94 28.30
N HIS A 65 -9.68 -6.63 28.49
CA HIS A 65 -8.78 -6.02 29.48
C HIS A 65 -9.49 -5.63 30.76
N GLY A 66 -10.65 -6.23 31.05
CA GLY A 66 -11.36 -6.05 32.29
C GLY A 66 -12.38 -4.92 32.32
N ILE A 67 -12.47 -4.10 31.28
CA ILE A 67 -13.35 -2.93 31.35
C ILE A 67 -14.79 -3.38 31.43
N GLN A 68 -15.53 -2.83 32.40
CA GLN A 68 -16.96 -3.08 32.53
C GLN A 68 -17.81 -1.87 32.21
N THR A 69 -17.22 -0.68 32.19
CA THR A 69 -17.95 0.58 32.06
C THR A 69 -17.16 1.56 31.21
N VAL A 70 -17.81 2.15 30.21
CA VAL A 70 -17.25 3.23 29.41
C VAL A 70 -18.13 4.46 29.58
N VAL A 71 -17.51 5.61 29.83
CA VAL A 71 -18.18 6.89 29.69
C VAL A 71 -17.91 7.41 28.27
N ASP A 72 -19.00 7.63 27.51
CA ASP A 72 -18.95 8.14 26.15
C ASP A 72 -19.46 9.58 26.16
N PRO A 73 -18.59 10.58 26.16
CA PRO A 73 -19.05 11.95 26.30
C PRO A 73 -19.19 12.66 24.97
N THR A 74 -19.74 11.97 23.97
CA THR A 74 -19.95 12.62 22.69
C THR A 74 -20.93 13.77 22.85
N PRO A 75 -20.58 14.99 22.46
CA PRO A 75 -21.53 16.09 22.57
C PRO A 75 -22.78 15.88 21.74
N ASN A 76 -23.82 16.62 22.09
CA ASN A 76 -25.15 16.40 21.53
C ASN A 76 -25.16 16.49 20.01
N ASP A 77 -24.47 17.47 19.44
CA ASP A 77 -24.55 17.66 17.99
C ASP A 77 -23.37 17.05 17.27
N CYS A 78 -22.65 16.13 17.92
CA CYS A 78 -21.49 15.45 17.37
C CYS A 78 -21.74 13.97 17.16
N GLY A 79 -22.99 13.60 16.95
CA GLY A 79 -23.29 12.21 16.67
C GLY A 79 -23.77 11.36 17.82
N ARG A 80 -23.90 11.93 19.03
CA ARG A 80 -24.45 11.22 20.18
C ARG A 80 -25.75 10.50 19.81
N ASN A 81 -25.78 9.20 20.10
CA ASN A 81 -26.85 8.31 19.62
C ASN A 81 -27.16 7.32 20.74
N PRO A 82 -27.95 7.74 21.72
CA PRO A 82 -28.19 6.89 22.89
C PRO A 82 -28.79 5.54 22.54
N ALA A 83 -29.73 5.49 21.60
CA ALA A 83 -30.29 4.18 21.26
C ALA A 83 -29.22 3.30 20.63
N PHE A 84 -28.30 3.90 19.86
CA PHE A 84 -27.20 3.11 19.30
C PHE A 84 -26.31 2.55 20.39
N LEU A 85 -25.97 3.39 21.36
CA LEU A 85 -25.11 2.94 22.45
C LEU A 85 -25.81 1.84 23.22
N ARG A 86 -27.14 1.92 23.36
CA ARG A 86 -27.87 0.87 24.06
C ARG A 86 -27.82 -0.45 23.30
N ARG A 87 -27.80 -0.41 21.95
CA ARG A 87 -27.61 -1.65 21.22
C ARG A 87 -26.21 -2.22 21.47
N VAL A 88 -25.21 -1.36 21.60
CA VAL A 88 -23.88 -1.87 21.95
C VAL A 88 -23.91 -2.49 23.35
N ALA A 89 -24.56 -1.83 24.29
CA ALA A 89 -24.53 -2.28 25.68
C ALA A 89 -25.39 -3.53 25.89
N GLU A 90 -26.56 -3.58 25.25
CA GLU A 90 -27.40 -4.79 25.33
C GLU A 90 -26.66 -6.00 24.77
N GLU A 91 -25.89 -5.79 23.70
CA GLU A 91 -25.22 -6.88 23.00
C GLU A 91 -23.99 -7.39 23.77
N THR A 92 -23.24 -6.48 24.40
CA THR A 92 -21.96 -6.81 25.03
C THR A 92 -21.99 -6.88 26.55
N GLY A 93 -23.02 -6.33 27.20
CA GLY A 93 -23.06 -6.29 28.64
C GLY A 93 -22.24 -5.16 29.24
N LEU A 94 -21.62 -4.37 28.40
CA LEU A 94 -20.85 -3.22 28.87
C LEU A 94 -21.81 -2.16 29.39
N ASN A 95 -21.49 -1.57 30.56
CA ASN A 95 -22.17 -0.34 30.96
C ASN A 95 -21.63 0.81 30.14
N ILE A 96 -22.53 1.61 29.57
CA ILE A 96 -22.15 2.81 28.84
C ILE A 96 -22.94 3.97 29.38
N ILE A 97 -22.23 5.02 29.80
CA ILE A 97 -22.81 6.23 30.32
C ILE A 97 -22.60 7.33 29.29
N CYS A 98 -23.67 8.03 28.94
CA CYS A 98 -23.54 9.05 27.91
C CYS A 98 -23.67 10.43 28.56
N ALA A 99 -23.58 11.47 27.73
CA ALA A 99 -23.40 12.85 28.16
C ALA A 99 -24.53 13.71 27.64
N THR A 100 -24.68 14.88 28.26
CA THR A 100 -25.44 15.98 27.69
C THR A 100 -24.48 17.13 27.63
N GLY A 101 -24.33 17.74 26.47
CA GLY A 101 -23.37 18.84 26.41
C GLY A 101 -23.06 19.19 24.98
N TYR A 102 -22.35 20.29 24.84
CA TYR A 102 -22.06 20.84 23.53
C TYR A 102 -20.55 21.01 23.40
N PRO A 103 -20.02 21.03 22.18
CA PRO A 103 -18.57 21.13 21.98
C PRO A 103 -18.10 22.57 22.20
N TYR A 104 -16.79 22.76 22.28
CA TYR A 104 -16.29 24.13 22.39
C TYR A 104 -16.45 24.87 21.06
N GLU A 105 -16.35 26.20 21.14
CA GLU A 105 -16.61 27.06 19.98
C GLU A 105 -15.72 26.68 18.80
N GLY A 106 -14.45 26.39 19.05
CA GLY A 106 -13.51 26.12 17.96
C GLY A 106 -13.87 24.94 17.08
N GLU A 107 -14.48 23.91 17.66
CA GLU A 107 -14.89 22.73 16.88
C GLU A 107 -16.35 22.45 17.10
N GLY A 108 -17.15 23.51 17.09
CA GLY A 108 -18.56 23.40 17.33
C GLY A 108 -19.41 24.07 16.28
N ALA A 109 -20.71 24.15 16.56
CA ALA A 109 -21.68 24.91 15.77
C ALA A 109 -22.37 25.82 16.77
N PRO A 110 -21.76 26.96 17.10
CA PRO A 110 -22.37 27.89 18.07
C PRO A 110 -23.55 28.71 17.54
N PRO A 111 -23.86 28.74 16.22
CA PRO A 111 -24.97 29.63 15.80
C PRO A 111 -26.31 29.43 16.52
N TYR A 112 -26.70 28.19 16.78
CA TYR A 112 -28.01 27.93 17.40
C TYR A 112 -28.11 28.56 18.79
N PHE A 113 -27.09 28.39 19.62
CA PHE A 113 -27.21 28.96 20.95
C PHE A 113 -26.69 30.38 21.02
N GLN A 114 -25.87 30.80 20.04
CA GLN A 114 -25.55 32.24 19.95
C GLN A 114 -26.80 33.04 19.65
N PHE A 115 -27.67 32.51 18.78
CA PHE A 115 -28.91 33.19 18.49
C PHE A 115 -29.79 33.28 19.72
N ARG A 116 -29.84 32.20 20.50
CA ARG A 116 -30.63 32.23 21.71
C ARG A 116 -30.00 33.13 22.78
N ARG A 117 -28.68 33.33 22.75
CA ARG A 117 -28.07 34.32 23.62
C ARG A 117 -28.52 35.72 23.25
N LEU A 118 -28.70 35.98 21.95
CA LEU A 118 -29.25 37.27 21.51
C LEU A 118 -30.62 37.52 22.11
N LEU A 119 -31.45 36.48 22.16
CA LEU A 119 -32.78 36.58 22.77
C LEU A 119 -32.76 36.60 24.29
N GLY A 120 -31.65 36.22 24.92
CA GLY A 120 -31.59 36.29 26.35
C GLY A 120 -32.05 35.04 27.06
N THR A 121 -32.21 33.92 26.35
CA THR A 121 -32.70 32.69 26.93
C THR A 121 -31.69 31.55 26.91
N ALA A 122 -30.52 31.75 26.28
CA ALA A 122 -29.55 30.68 26.05
C ALA A 122 -29.21 29.93 27.35
N GLU A 123 -28.69 30.64 28.36
CA GLU A 123 -28.18 29.90 29.52
C GLU A 123 -29.30 29.13 30.21
N ASP A 124 -30.51 29.68 30.23
CA ASP A 124 -31.62 28.95 30.81
C ASP A 124 -32.03 27.79 29.92
N ASP A 125 -31.97 27.99 28.61
CA ASP A 125 -32.32 26.91 27.68
C ASP A 125 -31.35 25.74 27.83
N ILE A 126 -30.07 26.04 28.03
CA ILE A 126 -29.06 24.99 28.19
C ILE A 126 -29.30 24.25 29.50
N TYR A 127 -29.56 25.00 30.57
CA TYR A 127 -29.99 24.43 31.83
C TYR A 127 -31.16 23.45 31.64
N ASP A 128 -32.23 23.92 30.99
CA ASP A 128 -33.40 23.08 30.68
C ASP A 128 -33.02 21.78 29.97
N MET A 129 -32.21 21.88 28.93
CA MET A 129 -31.75 20.70 28.20
C MET A 129 -30.93 19.79 29.12
N PHE A 130 -30.00 20.36 29.89
CA PHE A 130 -29.24 19.54 30.82
C PHE A 130 -30.17 18.81 31.78
N MET A 131 -31.15 19.54 32.35
CA MET A 131 -32.04 18.92 33.33
C MET A 131 -32.94 17.88 32.68
N ALA A 132 -33.41 18.16 31.46
CA ALA A 132 -34.27 17.17 30.79
C ALA A 132 -33.49 15.89 30.50
N GLU A 133 -32.28 16.01 29.98
CA GLU A 133 -31.57 14.80 29.59
C GLU A 133 -30.98 14.08 30.80
N LEU A 134 -30.80 14.77 31.92
CA LEU A 134 -30.29 14.09 33.09
C LEU A 134 -31.40 13.37 33.84
N THR A 135 -32.59 13.95 33.88
CA THR A 135 -33.66 13.47 34.76
C THR A 135 -34.87 12.88 34.03
N GLU A 136 -35.09 13.20 32.75
CA GLU A 136 -36.23 12.63 32.04
C GLU A 136 -35.81 11.68 30.91
N GLY A 137 -35.07 12.18 29.95
CA GLY A 137 -34.46 11.32 28.96
C GLY A 137 -34.08 12.11 27.73
N ILE A 138 -33.20 11.53 26.95
CA ILE A 138 -32.76 12.11 25.69
C ILE A 138 -33.76 11.76 24.60
N ALA A 139 -34.37 12.79 23.98
CA ALA A 139 -35.32 12.63 22.88
C ALA A 139 -36.39 11.64 23.35
N ASP A 140 -36.75 10.63 22.55
CA ASP A 140 -37.68 9.59 22.97
C ASP A 140 -36.98 8.26 23.30
N THR A 141 -35.67 8.28 23.52
CA THR A 141 -34.90 7.08 23.75
C THR A 141 -35.17 6.45 25.12
N GLY A 142 -35.69 7.20 26.08
CA GLY A 142 -35.73 6.72 27.44
C GLY A 142 -34.41 6.72 28.17
N ILE A 143 -33.33 7.17 27.55
CA ILE A 143 -31.99 7.10 28.13
C ILE A 143 -31.62 8.47 28.71
N LYS A 144 -31.23 8.48 29.98
CA LYS A 144 -30.70 9.68 30.63
C LYS A 144 -29.18 9.74 30.46
N ALA A 145 -28.64 10.94 30.21
CA ALA A 145 -27.20 11.13 30.33
C ALA A 145 -26.80 10.98 31.79
N GLY A 146 -25.69 10.29 32.02
CA GLY A 146 -25.09 10.29 33.35
C GLY A 146 -24.07 11.37 33.60
N VAL A 147 -23.65 12.09 32.58
CA VAL A 147 -22.66 13.15 32.79
C VAL A 147 -23.04 14.38 31.99
N ILE A 148 -22.55 15.52 32.45
CA ILE A 148 -22.61 16.76 31.72
C ILE A 148 -21.23 16.99 31.10
N LEU A 150 -18.63 19.44 29.20
CA LEU A 150 -18.26 20.83 28.94
C LEU A 150 -16.96 20.90 28.15
N ALA A 151 -16.73 22.00 27.44
CA ALA A 151 -15.53 22.15 26.64
C ALA A 151 -15.18 23.63 26.54
N SER A 152 -13.89 23.90 26.56
CA SER A 152 -13.47 25.26 26.35
C SER A 152 -12.47 25.33 25.21
N SER A 153 -12.30 26.56 24.70
CA SER A 153 -11.38 26.86 23.61
C SER A 153 -9.93 26.96 24.08
N LYS A 154 -9.02 27.04 23.11
CA LYS A 154 -7.60 27.21 23.45
C LYS A 154 -7.35 28.57 24.09
N GLY A 155 -6.81 28.56 25.32
CA GLY A 155 -6.40 29.81 25.95
C GLY A 155 -7.53 30.68 26.43
N ARG A 156 -8.76 30.23 26.31
CA ARG A 156 -9.92 31.05 26.61
C ARG A 156 -11.10 30.14 26.94
N ILE A 157 -11.93 30.55 27.89
CA ILE A 157 -13.26 29.98 28.05
C ILE A 157 -14.17 31.07 27.54
N THR A 158 -14.65 30.92 26.31
CA THR A 158 -15.34 32.03 25.67
C THR A 158 -16.65 32.36 26.38
N GLU A 159 -17.22 33.51 26.03
CA GLU A 159 -18.47 33.93 26.69
C GLU A 159 -19.59 32.97 26.33
N TYR A 160 -19.57 32.46 25.11
CA TYR A 160 -20.48 31.40 24.71
C TYR A 160 -20.30 30.14 25.55
N GLU A 161 -19.07 29.62 25.60
CA GLU A 161 -18.76 28.46 26.44
C GLU A 161 -19.15 28.70 27.90
N LYS A 162 -18.91 29.90 28.42
CA LYS A 162 -19.27 30.16 29.81
C LYS A 162 -20.75 29.90 30.11
N MET A 163 -21.63 30.12 29.13
CA MET A 163 -23.05 29.83 29.31
C MET A 163 -23.28 28.37 29.69
N PHE A 164 -22.58 27.47 29.02
CA PHE A 164 -22.70 26.05 29.33
C PHE A 164 -22.09 25.75 30.68
N PHE A 165 -20.97 26.40 31.02
CA PHE A 165 -20.38 26.14 32.32
C PHE A 165 -21.34 26.52 33.44
N ARG A 166 -21.97 27.70 33.34
CA ARG A 166 -22.85 28.12 34.42
C ARG A 166 -24.10 27.24 34.48
N ALA A 167 -24.69 26.98 33.32
CA ALA A 167 -25.77 25.99 33.23
C ALA A 167 -25.39 24.68 33.90
N ALA A 168 -24.17 24.17 33.63
CA ALA A 168 -23.75 22.88 34.16
C ALA A 168 -23.66 22.94 35.67
N ALA A 169 -23.09 24.02 36.20
CA ALA A 169 -23.06 24.20 37.64
C ALA A 169 -24.46 24.18 38.23
N ARG A 170 -25.39 24.95 37.66
CA ARG A 170 -26.76 24.98 38.16
C ARG A 170 -27.39 23.60 38.11
N ALA A 171 -27.22 22.87 36.99
CA ALA A 171 -27.80 21.53 36.93
C ALA A 171 -27.11 20.57 37.89
N GLN A 172 -25.81 20.73 38.11
CA GLN A 172 -25.12 19.88 39.08
C GLN A 172 -25.68 20.11 40.47
N LYS A 173 -25.88 21.38 40.84
CA LYS A 173 -26.39 21.67 42.17
C LYS A 173 -27.74 20.98 42.36
N GLU A 174 -28.55 20.93 41.32
CA GLU A 174 -29.88 20.34 41.46
C GLU A 174 -29.88 18.82 41.35
N THR A 175 -28.95 18.25 40.59
CA THR A 175 -29.00 16.83 40.29
C THR A 175 -27.87 16.04 40.91
N GLY A 176 -26.76 16.69 41.24
CA GLY A 176 -25.59 15.94 41.65
C GLY A 176 -24.85 15.28 40.51
N ALA A 177 -25.12 15.67 39.27
CA ALA A 177 -24.50 15.01 38.13
C ALA A 177 -23.00 15.30 38.03
N VAL A 178 -22.27 14.28 37.59
CA VAL A 178 -20.85 14.43 37.27
C VAL A 178 -20.68 15.34 36.07
N ILE A 179 -19.70 16.26 36.16
CA ILE A 179 -19.24 17.06 35.03
C ILE A 179 -17.94 16.48 34.49
N ILE A 180 -17.85 16.38 33.16
CA ILE A 180 -16.66 15.93 32.48
C ILE A 180 -16.34 17.01 31.48
N THR A 181 -15.11 17.51 31.48
CA THR A 181 -14.77 18.58 30.55
C THR A 181 -13.74 18.13 29.51
N HIS A 182 -13.67 18.93 28.45
CA HIS A 182 -12.64 18.93 27.43
C HIS A 182 -11.83 20.21 27.60
N THR A 183 -10.50 20.09 27.65
CA THR A 183 -9.63 21.27 27.58
C THR A 183 -8.89 21.22 26.25
N GLN A 184 -8.68 22.38 25.64
CA GLN A 184 -8.08 22.44 24.32
C GLN A 184 -6.59 22.71 24.41
N GLU A 185 -5.79 21.80 23.86
CA GLU A 185 -4.35 21.98 23.70
C GLU A 185 -3.67 22.35 25.01
N GLY A 186 -4.07 21.69 26.09
CA GLY A 186 -3.42 21.87 27.38
C GLY A 186 -3.55 23.26 27.99
N THR A 187 -4.67 23.92 27.77
CA THR A 187 -4.93 25.22 28.37
C THR A 187 -6.21 25.15 29.17
N MET A 188 -6.34 26.04 30.18
CA MET A 188 -7.58 26.36 30.92
C MET A 188 -8.03 25.31 31.92
N GLY A 189 -7.23 24.29 32.22
CA GLY A 189 -7.53 23.40 33.31
C GLY A 189 -7.86 24.10 34.62
N PRO A 190 -6.90 24.88 35.13
CA PRO A 190 -7.15 25.61 36.38
C PRO A 190 -8.28 26.60 36.23
N GLU A 191 -8.39 27.20 35.05
CA GLU A 191 -9.46 28.16 34.82
C GLU A 191 -10.83 27.48 34.86
N GLN A 192 -10.93 26.28 34.31
CA GLN A 192 -12.21 25.56 34.31
C GLN A 192 -12.65 25.24 35.73
N ALA A 193 -11.72 24.70 36.52
CA ALA A 193 -12.00 24.34 37.90
C ALA A 193 -12.39 25.55 38.72
N ALA A 194 -11.63 26.64 38.63
CA ALA A 194 -11.97 27.81 39.41
C ALA A 194 -13.34 28.37 39.00
N TYR A 195 -13.67 28.32 37.69
CA TYR A 195 -14.91 28.94 37.25
C TYR A 195 -16.11 28.07 37.62
N LEU A 196 -15.96 26.76 37.49
CA LEU A 196 -17.01 25.85 37.96
C LEU A 196 -17.24 26.01 39.46
N LEU A 197 -16.15 26.11 40.22
CA LEU A 197 -16.27 26.28 41.67
C LEU A 197 -16.87 27.65 42.02
N GLU A 198 -16.40 28.73 41.37
CA GLU A 198 -17.09 30.01 41.46
C GLU A 198 -18.60 29.88 41.47
N HIS A 199 -19.13 29.06 40.57
CA HIS A 199 -20.56 28.96 40.41
C HIS A 199 -21.15 27.78 41.18
N GLY A 200 -20.43 27.28 42.17
CA GLY A 200 -21.02 26.38 43.14
C GLY A 200 -20.97 24.92 42.79
N ALA A 201 -20.27 24.55 41.71
CA ALA A 201 -20.01 23.16 41.37
C ALA A 201 -19.14 22.45 42.42
N ASP A 202 -19.30 21.14 42.48
CA ASP A 202 -18.65 20.32 43.49
C ASP A 202 -17.40 19.70 42.89
N PRO A 203 -16.21 20.00 43.42
CA PRO A 203 -14.98 19.47 42.81
C PRO A 203 -14.93 17.97 42.79
N LYS A 204 -15.58 17.31 43.77
CA LYS A 204 -15.59 15.87 43.78
C LYS A 204 -16.45 15.30 42.66
N LYS A 205 -17.19 16.14 41.94
CA LYS A 205 -18.00 15.66 40.83
C LYS A 205 -17.53 16.19 39.49
N ILE A 206 -16.28 16.68 39.40
CA ILE A 206 -15.76 17.31 38.20
C ILE A 206 -14.52 16.56 37.72
N VAL A 207 -14.49 16.24 36.42
CA VAL A 207 -13.30 15.72 35.76
C VAL A 207 -12.85 16.76 34.74
N ILE A 208 -11.66 17.31 34.95
CA ILE A 208 -11.05 18.21 33.97
C ILE A 208 -10.28 17.37 32.96
N GLY A 209 -10.77 17.34 31.71
CA GLY A 209 -10.24 16.42 30.74
C GLY A 209 -9.08 16.93 29.91
N HIS A 210 -8.55 16.01 29.10
CA HIS A 210 -7.44 16.27 28.18
C HIS A 210 -6.31 16.97 28.88
N MET A 211 -6.14 16.67 30.17
CA MET A 211 -5.08 17.31 30.94
C MET A 211 -3.71 16.81 30.52
N CYS A 212 -3.66 15.66 29.84
CA CYS A 212 -2.42 15.16 29.25
C CYS A 212 -1.95 16.05 28.11
N GLY A 213 -2.78 17.00 27.70
CA GLY A 213 -2.38 17.98 26.71
C GLY A 213 -1.35 18.95 27.21
N ASN A 214 -1.05 18.95 28.50
CA ASN A 214 -0.06 19.84 29.06
C ASN A 214 0.98 19.00 29.80
N THR A 215 2.26 19.30 29.55
CA THR A 215 3.37 18.50 30.05
C THR A 215 4.08 19.17 31.22
N ASP A 216 3.52 20.23 31.80
CA ASP A 216 4.15 20.80 32.97
C ASP A 216 3.41 20.33 34.21
N PRO A 217 4.02 19.52 35.07
CA PRO A 217 3.30 19.05 36.27
C PRO A 217 2.80 20.19 37.15
N ASP A 218 3.42 21.37 37.09
CA ASP A 218 2.95 22.52 37.85
C ASP A 218 1.54 22.94 37.43
N TYR A 219 1.27 22.89 36.11
CA TYR A 219 -0.07 23.16 35.60
C TYR A 219 -1.07 22.13 36.11
N HIS A 220 -0.67 20.87 36.14
CA HIS A 220 -1.51 19.82 36.68
C HIS A 220 -1.76 20.05 38.16
N ARG A 221 -0.72 20.41 38.91
CA ARG A 221 -0.91 20.60 40.33
C ARG A 221 -1.83 21.78 40.60
N LYS A 222 -1.74 22.81 39.78
CA LYS A 222 -2.63 23.96 39.94
C LYS A 222 -4.08 23.54 39.79
N THR A 223 -4.32 22.57 38.91
CA THR A 223 -5.67 22.05 38.66
C THR A 223 -6.12 21.11 39.77
N LEU A 224 -5.25 20.16 40.12
CA LEU A 224 -5.52 19.24 41.23
C LEU A 224 -5.75 19.99 42.54
N ALA A 225 -5.16 21.17 42.70
CA ALA A 225 -5.35 21.94 43.93
C ALA A 225 -6.81 22.28 44.19
N TYR A 226 -7.65 22.28 43.16
CA TYR A 226 -9.08 22.54 43.33
C TYR A 226 -9.84 21.33 43.83
N GLY A 227 -9.20 20.18 44.00
CA GLY A 227 -9.86 18.98 44.49
C GLY A 227 -10.60 18.22 43.43
N VAL A 228 -10.56 18.69 42.19
CA VAL A 228 -11.19 18.02 41.05
C VAL A 228 -10.37 16.80 40.61
N TYR A 229 -10.99 15.96 39.78
CA TYR A 229 -10.24 14.95 39.05
C TYR A 229 -9.67 15.56 37.80
N ILE A 230 -8.59 14.96 37.29
CA ILE A 230 -8.06 15.28 35.97
C ILE A 230 -7.97 13.98 35.19
N ALA A 231 -8.12 14.07 33.86
CA ALA A 231 -8.07 12.89 33.04
C ALA A 231 -6.92 13.01 32.06
N PHE A 232 -6.01 12.04 32.08
CA PHE A 232 -5.05 11.81 31.01
C PHE A 232 -5.79 10.92 30.03
N ASP A 233 -6.57 11.53 29.14
CA ASP A 233 -7.61 10.80 28.44
C ASP A 233 -7.41 10.77 26.93
N ARG A 234 -6.20 11.04 26.44
CA ARG A 234 -5.92 11.04 25.01
C ARG A 234 -4.68 10.21 24.67
N PHE A 235 -4.43 9.14 25.44
CA PHE A 235 -3.31 8.26 25.13
C PHE A 235 -3.48 7.68 23.73
N GLY A 236 -2.37 7.69 22.98
CA GLY A 236 -2.35 7.28 21.59
C GLY A 236 -2.42 8.42 20.60
N ILE A 237 -2.96 9.56 20.99
CA ILE A 237 -3.07 10.70 20.08
C ILE A 237 -1.74 11.45 20.11
N GLN A 238 -0.99 11.36 19.02
CA GLN A 238 0.37 11.89 18.93
C GLN A 238 0.57 12.61 17.62
N GLY A 239 1.18 13.80 17.69
CA GLY A 239 1.57 14.55 16.52
C GLY A 239 0.50 15.40 15.87
N MET A 240 -0.74 15.34 16.40
CA MET A 240 -1.90 16.03 15.76
C MET A 240 -2.49 17.14 16.64
N VAL A 241 -2.77 18.29 16.03
CA VAL A 241 -3.40 19.47 16.70
C VAL A 241 -2.81 19.76 18.08
N GLY A 242 -1.49 19.91 18.20
CA GLY A 242 -0.89 20.30 19.48
C GLY A 242 -0.70 19.21 20.50
N ALA A 243 -1.15 17.98 20.24
CA ALA A 243 -1.02 16.93 21.27
C ALA A 243 0.41 16.47 21.41
N PRO A 244 0.95 16.29 22.62
CA PRO A 244 2.32 15.79 22.80
C PRO A 244 2.39 14.29 22.56
N THR A 245 3.51 13.69 22.90
CA THR A 245 3.72 12.26 22.72
C THR A 245 3.26 11.49 23.96
N ASP A 246 3.00 10.20 23.76
CA ASP A 246 2.69 9.32 24.89
C ASP A 246 3.84 9.27 25.89
N GLU A 247 5.07 9.47 25.42
CA GLU A 247 6.22 9.50 26.31
C GLU A 247 6.11 10.66 27.28
N GLU A 248 5.71 11.84 26.79
CA GLU A 248 5.55 12.98 27.68
C GLU A 248 4.33 12.82 28.57
N ARG A 249 3.23 12.27 28.04
CA ARG A 249 2.10 11.92 28.89
C ARG A 249 2.55 11.06 30.07
N VAL A 250 3.35 10.03 29.80
CA VAL A 250 3.76 9.08 30.83
C VAL A 250 4.71 9.75 31.82
N ARG A 251 5.64 10.57 31.31
CA ARG A 251 6.56 11.31 32.16
C ARG A 251 5.81 12.27 33.08
N THR A 252 4.78 12.94 32.54
CA THR A 252 3.95 13.81 33.34
C THR A 252 3.17 13.02 34.39
N LEU A 253 2.54 11.92 33.97
CA LEU A 253 1.73 11.12 34.89
C LEU A 253 2.59 10.53 36.00
N LEU A 254 3.74 9.96 35.65
CA LEU A 254 4.63 9.38 36.67
C LEU A 254 4.97 10.40 37.74
N ALA A 255 5.21 11.65 37.33
CA ALA A 255 5.54 12.69 38.31
C ALA A 255 4.36 12.97 39.22
N LEU A 256 3.15 12.93 38.67
CA LEU A 256 1.97 13.11 39.52
C LEU A 256 1.76 11.91 40.44
N LEU A 257 2.01 10.70 39.94
CA LEU A 257 1.79 9.53 40.77
C LEU A 257 2.81 9.46 41.90
N ARG A 258 4.07 9.77 41.61
CA ARG A 258 5.10 9.77 42.64
C ARG A 258 4.87 10.85 43.69
N ASP A 259 4.05 11.85 43.38
CA ASP A 259 3.59 12.86 44.32
C ASP A 259 2.32 12.45 45.07
N GLY A 260 1.78 11.27 44.77
CA GLY A 260 0.65 10.75 45.52
C GLY A 260 -0.72 11.23 45.09
N TYR A 261 -0.87 11.64 43.84
CA TYR A 261 -2.13 12.18 43.32
C TYR A 261 -3.01 11.14 42.64
N GLU A 262 -2.87 9.86 42.97
CA GLU A 262 -3.58 8.85 42.18
C GLU A 262 -5.08 8.84 42.45
N LYS A 263 -5.54 9.33 43.60
CA LYS A 263 -6.98 9.40 43.85
C LYS A 263 -7.65 10.54 43.08
N GLN A 264 -6.90 11.26 42.26
CA GLN A 264 -7.47 12.33 41.47
C GLN A 264 -7.30 12.12 39.97
N ILE A 265 -6.67 11.03 39.53
CA ILE A 265 -6.29 10.83 38.14
C ILE A 265 -7.07 9.67 37.56
N MET A 266 -7.52 9.84 36.31
CA MET A 266 -8.16 8.80 35.52
C MET A 266 -7.58 8.84 34.12
N LEU A 267 -7.57 7.69 33.45
CA LEU A 267 -6.89 7.57 32.17
C LEU A 267 -7.87 7.06 31.12
N SER A 268 -7.67 7.53 29.89
CA SER A 268 -8.47 7.07 28.74
C SER A 268 -7.71 7.42 27.45
N HIS A 269 -8.29 6.99 26.32
CA HIS A 269 -7.73 7.21 24.98
C HIS A 269 -8.47 8.26 24.18
N ASN A 270 -9.73 8.55 24.49
CA ASN A 270 -10.56 9.41 23.65
C ASN A 270 -10.69 8.83 22.24
N THR A 271 -10.84 7.51 22.11
CA THR A 271 -10.98 6.95 20.76
C THR A 271 -12.21 7.52 20.06
N VAL A 272 -12.17 7.47 18.73
CA VAL A 272 -13.33 7.61 17.86
C VAL A 272 -13.42 6.28 17.11
N ASN A 273 -14.28 5.37 17.58
CA ASN A 273 -14.27 4.05 16.96
C ASN A 273 -14.98 4.04 15.62
N VAL A 274 -15.99 4.89 15.44
CA VAL A 274 -16.63 5.07 14.15
C VAL A 274 -16.77 6.57 13.91
N TRP A 275 -16.03 7.09 12.93
CA TRP A 275 -16.20 8.46 12.47
C TRP A 275 -17.50 8.63 11.70
N LEU A 276 -18.26 9.66 12.04
CA LEU A 276 -19.45 9.99 11.26
C LEU A 276 -19.09 10.93 10.10
N GLY A 277 -19.91 10.89 9.06
CA GLY A 277 -19.56 11.51 7.81
C GLY A 277 -18.72 10.61 6.94
N ARG A 278 -18.06 11.24 5.99
CA ARG A 278 -17.29 10.58 4.93
C ARG A 278 -15.97 10.04 5.47
N PRO A 279 -15.58 8.83 5.09
CA PRO A 279 -14.31 8.27 5.58
C PRO A 279 -13.12 9.09 5.08
N PHE A 280 -12.01 8.93 5.79
CA PHE A 280 -10.78 9.64 5.48
C PHE A 280 -9.59 8.76 5.83
N THR A 281 -8.43 9.14 5.34
CA THR A 281 -7.17 8.51 5.73
C THR A 281 -6.15 9.60 6.03
N LEU A 282 -5.45 9.43 7.13
CA LEU A 282 -4.37 10.34 7.45
C LEU A 282 -3.10 9.96 6.70
N PRO A 283 -2.30 10.94 6.32
CA PRO A 283 -0.96 10.64 5.80
C PRO A 283 -0.15 9.90 6.86
N GLU A 284 0.63 8.92 6.41
CA GLU A 284 1.35 8.01 7.31
C GLU A 284 2.37 8.71 8.22
N PRO A 285 2.88 9.91 7.87
CA PRO A 285 3.54 10.69 8.94
C PRO A 285 2.65 10.84 10.15
N PHE A 286 1.41 11.30 9.97
CA PHE A 286 0.45 11.30 11.07
C PHE A 286 -0.07 9.89 11.35
N ALA A 287 -0.38 9.13 10.28
CA ALA A 287 -1.09 7.86 10.47
C ALA A 287 -0.27 6.84 11.24
N GLU A 288 1.06 6.83 11.06
CA GLU A 288 1.88 5.92 11.85
C GLU A 288 2.09 6.43 13.27
N MET A 289 2.03 7.75 13.48
CA MET A 289 2.17 8.23 14.85
C MET A 289 0.85 8.15 15.60
N MET A 290 -0.28 8.20 14.89
CA MET A 290 -1.58 7.91 15.47
C MET A 290 -1.87 6.41 15.58
N LYS A 291 -0.90 5.54 15.29
CA LYS A 291 -1.22 4.13 15.09
C LYS A 291 -1.61 3.41 16.38
N ASN A 292 -1.27 3.94 17.56
CA ASN A 292 -1.66 3.28 18.79
C ASN A 292 -2.96 3.84 19.36
N TRP A 293 -3.71 4.62 18.59
CA TRP A 293 -4.93 5.25 19.09
C TRP A 293 -6.08 4.25 18.97
N HIS A 294 -6.08 3.30 19.89
CA HIS A 294 -7.15 2.30 19.93
C HIS A 294 -7.40 1.91 21.38
N VAL A 295 -8.56 1.30 21.62
CA VAL A 295 -9.04 1.07 22.98
C VAL A 295 -8.17 0.11 23.77
N GLU A 296 -7.24 -0.60 23.14
CA GLU A 296 -6.36 -1.51 23.87
C GLU A 296 -5.01 -0.90 24.22
N HIS A 297 -4.77 0.36 23.86
CA HIS A 297 -3.41 0.91 23.95
C HIS A 297 -2.98 1.09 25.39
N LEU A 298 -3.87 1.58 26.25
CA LEU A 298 -3.55 1.73 27.66
C LEU A 298 -3.08 0.40 28.23
N PHE A 299 -3.75 -0.69 27.88
CA PHE A 299 -3.53 -1.96 28.51
C PHE A 299 -2.41 -2.78 27.85
N VAL A 300 -2.10 -2.53 26.59
CA VAL A 300 -1.08 -3.30 25.88
C VAL A 300 0.27 -2.59 25.85
N ASN A 301 0.28 -1.26 25.83
CA ASN A 301 1.52 -0.48 25.71
C ASN A 301 1.81 0.39 26.93
N ILE A 302 0.81 1.08 27.48
CA ILE A 302 1.07 2.12 28.47
C ILE A 302 1.17 1.55 29.87
N ILE A 303 0.17 0.78 30.31
CA ILE A 303 0.11 0.33 31.71
C ILE A 303 1.31 -0.55 32.08
N PRO A 304 1.73 -1.47 31.20
CA PRO A 304 2.91 -2.30 31.44
C PRO A 304 4.13 -1.38 31.67
N ALA A 305 4.34 -0.39 30.78
CA ALA A 305 5.44 0.53 30.95
C ALA A 305 5.39 1.21 32.31
N LEU A 306 4.19 1.60 32.75
CA LEU A 306 4.05 2.17 34.08
C LEU A 306 4.46 1.17 35.16
N LYS A 307 4.00 -0.08 35.03
CA LYS A 307 4.38 -1.13 35.98
C LYS A 307 5.89 -1.35 36.00
N ASN A 308 6.57 -1.11 34.89
CA ASN A 308 8.03 -1.25 34.85
C ASN A 308 8.75 0.03 35.27
N GLU A 309 8.00 1.05 35.71
CA GLU A 309 8.59 2.26 36.27
C GLU A 309 8.19 2.48 37.72
N GLY A 310 7.61 1.48 38.37
CA GLY A 310 7.36 1.49 39.79
C GLY A 310 5.91 1.40 40.18
N ILE A 311 5.00 1.64 39.25
CA ILE A 311 3.61 1.82 39.60
C ILE A 311 3.00 0.47 39.96
N ARG A 312 2.40 0.41 41.15
CA ARG A 312 1.83 -0.82 41.69
C ARG A 312 0.40 -1.03 41.23
N ASP A 313 -0.05 -2.28 41.34
CA ASP A 313 -1.41 -2.67 40.96
C ASP A 313 -2.45 -1.84 41.70
N GLU A 314 -2.25 -1.65 43.02
CA GLU A 314 -3.22 -0.91 43.80
C GLU A 314 -3.31 0.56 43.40
N VAL A 315 -2.29 1.10 42.75
CA VAL A 315 -2.43 2.46 42.20
C VAL A 315 -3.26 2.43 40.92
N LEU A 316 -3.01 1.45 40.06
CA LEU A 316 -3.83 1.30 38.86
C LEU A 316 -5.30 1.09 39.21
N GLU A 317 -5.58 0.21 40.18
CA GLU A 317 -6.97 -0.04 40.58
C GLU A 317 -7.64 1.21 41.14
N GLN A 318 -6.89 2.05 41.86
CA GLN A 318 -7.44 3.31 42.31
C GLN A 318 -7.90 4.16 41.13
N MET A 319 -7.07 4.25 40.09
CA MET A 319 -7.40 5.08 38.94
C MET A 319 -8.51 4.47 38.09
N PHE A 320 -8.47 3.16 37.87
CA PHE A 320 -9.45 2.58 36.95
C PHE A 320 -10.74 2.19 37.64
N ILE A 321 -10.69 1.90 38.93
CA ILE A 321 -11.86 1.38 39.63
C ILE A 321 -12.29 2.36 40.72
N GLY A 322 -11.37 2.69 41.63
CA GLY A 322 -11.74 3.51 42.78
C GLY A 322 -12.22 4.89 42.39
N ASN A 323 -11.52 5.55 41.46
CA ASN A 323 -11.87 6.94 41.13
C ASN A 323 -13.23 7.02 40.44
N PRO A 324 -13.55 6.18 39.43
CA PRO A 324 -14.92 6.20 38.91
C PRO A 324 -15.95 5.95 39.98
N ALA A 325 -15.73 4.94 40.82
CA ALA A 325 -16.67 4.66 41.90
C ALA A 325 -16.86 5.89 42.78
N ALA A 326 -15.76 6.54 43.18
CA ALA A 326 -15.91 7.74 43.97
C ALA A 326 -16.57 8.85 43.16
N LEU A 327 -16.20 8.98 41.88
CA LEU A 327 -16.72 10.06 41.08
C LEU A 327 -18.23 10.07 41.07
N PHE A 328 -18.84 8.89 40.85
CA PHE A 328 -20.26 8.81 40.58
C PHE A 328 -21.09 8.63 41.84
N SER A 329 -20.48 8.54 43.01
CA SER A 329 -21.26 8.29 44.22
C SER A 329 -21.24 9.48 45.17
N GLU B 7 -33.39 23.07 -20.51
CA GLU B 7 -34.83 23.02 -20.78
C GLU B 7 -35.60 22.56 -19.54
N MET B 8 -35.02 21.66 -18.75
CA MET B 8 -35.62 21.17 -17.51
C MET B 8 -34.74 21.56 -16.32
N VAL B 9 -35.35 21.66 -15.14
CA VAL B 9 -34.63 21.86 -13.88
C VAL B 9 -35.11 20.83 -12.87
N GLU B 10 -34.20 20.31 -12.05
CA GLU B 10 -34.58 19.30 -11.09
C GLU B 10 -35.32 19.94 -9.93
N THR B 11 -36.47 19.40 -9.58
CA THR B 11 -37.23 19.88 -8.44
C THR B 11 -37.37 18.73 -7.46
N VAL B 12 -38.06 19.01 -6.35
CA VAL B 12 -38.28 17.94 -5.35
C VAL B 12 -39.27 16.92 -5.89
N CYS B 13 -39.90 17.22 -7.01
CA CYS B 13 -40.75 16.26 -7.71
C CYS B 13 -40.18 15.91 -9.08
N GLY B 14 -38.86 15.91 -9.20
CA GLY B 14 -38.21 15.54 -10.42
C GLY B 14 -38.12 16.68 -11.42
N PRO B 15 -37.72 16.34 -12.65
CA PRO B 15 -37.49 17.37 -13.67
C PRO B 15 -38.78 18.06 -14.05
N VAL B 16 -38.73 19.39 -14.12
CA VAL B 16 -39.87 20.22 -14.55
C VAL B 16 -39.38 21.12 -15.68
N PRO B 17 -40.11 21.26 -16.79
CA PRO B 17 -39.67 22.19 -17.83
C PRO B 17 -39.50 23.59 -17.28
N VAL B 18 -38.41 24.26 -17.69
CA VAL B 18 -38.17 25.60 -17.19
C VAL B 18 -39.33 26.50 -17.57
N GLU B 19 -39.89 26.32 -18.78
CA GLU B 19 -40.94 27.19 -19.25
C GLU B 19 -42.22 27.11 -18.41
N GLN B 20 -42.33 26.12 -17.54
CA GLN B 20 -43.50 25.97 -16.68
C GLN B 20 -43.26 26.43 -15.26
N LEU B 21 -42.06 26.93 -14.93
CA LEU B 21 -41.80 27.42 -13.58
C LEU B 21 -42.70 28.59 -13.22
N GLY B 22 -42.99 29.45 -14.20
CA GLY B 22 -43.95 30.51 -13.98
C GLY B 22 -43.42 31.48 -12.93
N LYS B 23 -44.35 32.19 -12.29
CA LYS B 23 -44.02 33.14 -11.23
C LYS B 23 -43.28 32.44 -10.10
N THR B 24 -42.11 32.96 -9.74
CA THR B 24 -41.17 32.23 -8.90
C THR B 24 -40.64 33.11 -7.78
N LEU B 25 -40.63 32.59 -6.56
CA LEU B 25 -39.92 33.21 -5.45
C LEU B 25 -38.56 32.54 -5.31
N ILE B 26 -37.49 33.33 -5.42
CA ILE B 26 -36.15 32.78 -5.59
C ILE B 26 -35.50 32.36 -4.28
N HIS B 27 -36.06 32.72 -3.13
CA HIS B 27 -35.37 32.47 -1.86
C HIS B 27 -36.38 32.47 -0.70
N GLU B 28 -36.86 31.28 -0.33
CA GLU B 28 -37.70 31.12 0.84
C GLU B 28 -37.30 29.80 1.46
N HIS B 29 -37.50 29.66 2.77
CA HIS B 29 -37.16 28.44 3.50
C HIS B 29 -38.46 27.87 4.06
N PHE B 30 -38.77 26.62 3.72
CA PHE B 30 -39.86 26.00 4.44
C PHE B 30 -39.42 25.61 5.84
N LEU B 31 -38.28 24.95 5.93
CA LEU B 31 -37.66 24.59 7.20
C LEU B 31 -36.32 25.29 7.27
N PHE B 32 -35.94 25.70 8.48
CA PHE B 32 -34.59 26.20 8.65
C PHE B 32 -34.24 26.11 10.13
N GLY B 33 -33.06 25.59 10.42
CA GLY B 33 -32.46 25.74 11.74
C GLY B 33 -31.03 26.23 11.64
N TYR B 34 -30.63 27.00 12.65
CA TYR B 34 -29.23 27.39 12.74
C TYR B 34 -28.40 26.19 13.14
N PRO B 35 -27.23 25.95 12.50
CA PRO B 35 -26.38 24.81 12.89
C PRO B 35 -26.12 24.76 14.41
N GLY B 36 -26.21 23.56 14.97
CA GLY B 36 -26.29 23.38 16.40
C GLY B 36 -27.68 23.05 16.90
N PHE B 37 -28.71 23.32 16.08
CA PHE B 37 -30.07 22.96 16.44
C PHE B 37 -30.20 21.47 16.64
N GLN B 38 -29.32 20.70 16.00
CA GLN B 38 -29.37 19.25 16.10
C GLN B 38 -29.05 18.81 17.54
N GLY B 39 -28.23 19.60 18.28
CA GLY B 39 -28.00 19.12 19.63
C GLY B 39 -29.12 19.37 20.63
N ASP B 40 -30.13 20.16 20.24
CA ASP B 40 -31.28 20.49 21.07
C ASP B 40 -32.48 19.61 20.73
N VAL B 41 -32.24 18.33 20.45
CA VAL B 41 -33.31 17.47 19.96
C VAL B 41 -34.33 17.17 21.05
N THR B 42 -33.96 17.26 22.33
CA THR B 42 -34.88 16.81 23.37
C THR B 42 -36.01 17.81 23.57
N ARG B 43 -35.67 19.10 23.61
CA ARG B 43 -36.62 20.18 23.79
C ARG B 43 -37.00 20.86 22.49
N GLY B 44 -36.39 20.44 21.38
CA GLY B 44 -36.57 21.11 20.11
C GLY B 44 -36.81 20.08 19.03
N THR B 45 -37.63 19.09 19.32
CA THR B 45 -37.84 18.03 18.36
C THR B 45 -38.67 18.51 17.17
N PHE B 46 -38.43 17.90 16.04
CA PHE B 46 -39.11 18.27 14.80
C PHE B 46 -40.52 17.67 14.81
N ARG B 47 -41.53 18.54 14.82
CA ARG B 47 -42.95 18.12 14.85
C ARG B 47 -43.41 18.07 13.40
N GLU B 48 -43.36 16.88 12.82
CA GLU B 48 -43.42 16.79 11.37
C GLU B 48 -44.83 17.04 10.84
N ASP B 49 -45.85 16.62 11.58
CA ASP B 49 -47.22 16.80 11.09
C ASP B 49 -47.64 18.25 11.14
N GLU B 50 -47.30 18.94 12.23
CA GLU B 50 -47.60 20.37 12.28
C GLU B 50 -46.71 21.19 11.36
N SER B 51 -45.46 20.77 11.17
CA SER B 51 -44.60 21.50 10.23
C SER B 51 -45.15 21.39 8.82
N LEU B 52 -45.60 20.19 8.44
CA LEU B 52 -46.18 20.03 7.12
C LEU B 52 -47.38 20.94 6.94
N ARG B 53 -48.26 20.98 7.96
CA ARG B 53 -49.42 21.86 7.91
C ARG B 53 -49.02 23.30 7.68
N VAL B 54 -48.03 23.76 8.46
CA VAL B 54 -47.55 25.14 8.32
C VAL B 54 -46.92 25.34 6.94
N ALA B 55 -46.07 24.41 6.52
CA ALA B 55 -45.39 24.55 5.23
C ALA B 55 -46.38 24.54 4.08
N VAL B 56 -47.38 23.65 4.15
CA VAL B 56 -48.38 23.56 3.10
C VAL B 56 -49.23 24.83 3.06
N GLU B 57 -49.56 25.37 4.23
CA GLU B 57 -50.33 26.61 4.27
C GLU B 57 -49.54 27.76 3.69
N ALA B 58 -48.24 27.84 4.00
CA ALA B 58 -47.37 28.82 3.35
C ALA B 58 -47.38 28.64 1.83
N ALA B 59 -47.35 27.39 1.37
CA ALA B 59 -47.41 27.14 -0.06
C ALA B 59 -48.72 27.63 -0.64
N GLU B 60 -49.82 27.45 0.09
CA GLU B 60 -51.12 27.89 -0.40
C GLU B 60 -51.21 29.42 -0.42
N LYS B 61 -50.68 30.09 0.62
CA LYS B 61 -50.65 31.55 0.62
C LYS B 61 -49.85 32.08 -0.57
N MET B 62 -48.74 31.43 -0.91
CA MET B 62 -47.97 31.88 -2.07
C MET B 62 -48.74 31.61 -3.36
N LYS B 63 -49.37 30.42 -3.48
CA LYS B 63 -50.16 30.13 -4.66
C LYS B 63 -51.28 31.15 -4.84
N ARG B 64 -51.80 31.70 -3.74
CA ARG B 64 -52.91 32.64 -3.84
C ARG B 64 -52.51 33.94 -4.52
N HIS B 65 -51.22 34.23 -4.58
CA HIS B 65 -50.66 35.36 -5.31
C HIS B 65 -49.96 34.92 -6.59
N GLY B 66 -50.33 33.75 -7.13
CA GLY B 66 -49.85 33.32 -8.41
C GLY B 66 -48.54 32.57 -8.44
N ILE B 67 -47.90 32.35 -7.29
CA ILE B 67 -46.61 31.67 -7.26
C ILE B 67 -46.78 30.21 -7.63
N GLN B 68 -45.95 29.73 -8.56
CA GLN B 68 -45.93 28.33 -8.95
C GLN B 68 -44.65 27.62 -8.55
N THR B 69 -43.59 28.37 -8.20
CA THR B 69 -42.26 27.80 -7.99
C THR B 69 -41.55 28.60 -6.90
N VAL B 70 -40.99 27.88 -5.94
CA VAL B 70 -40.16 28.46 -4.88
C VAL B 70 -38.80 27.80 -4.94
N VAL B 71 -37.74 28.60 -4.90
CA VAL B 71 -36.40 28.07 -4.69
C VAL B 71 -36.14 28.11 -3.20
N ASP B 72 -35.85 26.95 -2.60
CA ASP B 72 -35.58 26.85 -1.17
C ASP B 72 -34.10 26.50 -1.02
N PRO B 73 -33.25 27.47 -0.68
CA PRO B 73 -31.82 27.23 -0.61
C PRO B 73 -31.30 26.92 0.78
N THR B 74 -32.06 26.15 1.55
CA THR B 74 -31.63 25.77 2.88
C THR B 74 -30.33 24.99 2.80
N PRO B 75 -29.24 25.44 3.44
CA PRO B 75 -28.00 24.67 3.39
C PRO B 75 -28.15 23.28 3.99
N ASN B 76 -27.21 22.40 3.60
CA ASN B 76 -27.33 20.97 3.89
C ASN B 76 -27.45 20.69 5.38
N ASP B 77 -26.70 21.40 6.21
CA ASP B 77 -26.71 21.15 7.64
C ASP B 77 -27.62 22.10 8.37
N CYS B 78 -28.51 22.80 7.65
CA CYS B 78 -29.44 23.75 8.24
C CYS B 78 -30.87 23.23 8.19
N GLY B 79 -31.04 21.90 8.17
CA GLY B 79 -32.35 21.31 8.18
C GLY B 79 -32.94 21.03 6.82
N ARG B 80 -32.16 21.14 5.75
CA ARG B 80 -32.62 20.77 4.40
C ARG B 80 -33.18 19.35 4.40
N ASN B 81 -34.38 19.19 3.85
CA ASN B 81 -35.15 17.97 4.04
C ASN B 81 -35.92 17.73 2.75
N PRO B 82 -35.25 17.26 1.70
CA PRO B 82 -35.92 17.11 0.40
C PRO B 82 -37.18 16.29 0.46
N ALA B 83 -37.21 15.21 1.25
CA ALA B 83 -38.43 14.42 1.24
C ALA B 83 -39.57 15.17 1.89
N PHE B 84 -39.27 16.02 2.88
CA PHE B 84 -40.31 16.87 3.44
C PHE B 84 -40.82 17.86 2.40
N LEU B 85 -39.90 18.56 1.72
CA LEU B 85 -40.29 19.49 0.66
C LEU B 85 -41.13 18.80 -0.41
N ARG B 86 -40.76 17.56 -0.76
CA ARG B 86 -41.57 16.80 -1.72
C ARG B 86 -42.99 16.57 -1.20
N ARG B 87 -43.16 16.30 0.09
CA ARG B 87 -44.51 16.19 0.61
C ARG B 87 -45.26 17.51 0.47
N VAL B 88 -44.57 18.63 0.68
CA VAL B 88 -45.21 19.92 0.45
C VAL B 88 -45.61 20.06 -1.02
N ALA B 89 -44.70 19.70 -1.93
CA ALA B 89 -44.92 19.94 -3.35
C ALA B 89 -45.99 18.99 -3.90
N GLU B 90 -45.96 17.72 -3.47
CA GLU B 90 -46.97 16.74 -3.87
C GLU B 90 -48.37 17.20 -3.48
N GLU B 91 -48.50 17.73 -2.26
CA GLU B 91 -49.80 18.14 -1.73
C GLU B 91 -50.35 19.38 -2.44
N THR B 92 -49.49 20.35 -2.74
CA THR B 92 -49.93 21.66 -3.21
C THR B 92 -49.76 21.87 -4.70
N GLY B 93 -48.96 21.03 -5.38
CA GLY B 93 -48.63 21.27 -6.76
C GLY B 93 -47.62 22.37 -7.00
N LEU B 94 -47.07 22.95 -5.92
CA LEU B 94 -45.99 23.91 -6.03
C LEU B 94 -44.73 23.21 -6.50
N ASN B 95 -44.01 23.84 -7.46
CA ASN B 95 -42.67 23.39 -7.81
C ASN B 95 -41.72 23.88 -6.73
N ILE B 96 -40.93 22.98 -6.17
CA ILE B 96 -39.95 23.39 -5.15
C ILE B 96 -38.58 22.92 -5.59
N ILE B 97 -37.64 23.85 -5.73
CA ILE B 97 -36.27 23.53 -6.10
C ILE B 97 -35.41 23.69 -4.88
N CYS B 98 -34.62 22.66 -4.54
CA CYS B 98 -33.80 22.76 -3.33
C CYS B 98 -32.33 22.92 -3.73
N ALA B 99 -31.45 23.04 -2.73
CA ALA B 99 -30.05 23.34 -2.99
C ALA B 99 -29.11 22.32 -2.40
N THR B 100 -27.83 22.46 -2.79
CA THR B 100 -26.72 21.79 -2.16
C THR B 100 -25.75 22.88 -1.77
N GLY B 101 -25.31 22.87 -0.54
CA GLY B 101 -24.34 23.88 -0.14
C GLY B 101 -24.28 23.98 1.35
N TYR B 102 -23.36 24.80 1.80
CA TYR B 102 -23.09 24.94 3.22
C TYR B 102 -23.21 26.40 3.60
N PRO B 103 -23.52 26.69 4.86
CA PRO B 103 -23.62 28.09 5.30
C PRO B 103 -22.24 28.73 5.45
N TYR B 104 -22.24 30.06 5.51
CA TYR B 104 -20.99 30.78 5.69
C TYR B 104 -20.44 30.50 7.07
N GLU B 105 -19.16 30.87 7.26
CA GLU B 105 -18.41 30.46 8.43
C GLU B 105 -19.04 31.00 9.72
N GLY B 106 -19.43 32.27 9.72
CA GLY B 106 -20.03 32.86 10.92
C GLY B 106 -21.22 32.09 11.46
N GLU B 107 -22.16 31.71 10.60
CA GLU B 107 -23.41 31.10 11.06
C GLU B 107 -23.53 29.66 10.55
N GLY B 108 -22.40 28.96 10.56
CA GLY B 108 -22.34 27.59 10.16
C GLY B 108 -21.58 26.74 11.15
N ALA B 109 -21.25 25.52 10.73
CA ALA B 109 -20.47 24.56 11.48
C ALA B 109 -19.26 24.20 10.63
N PRO B 110 -18.20 25.00 10.70
CA PRO B 110 -17.02 24.75 9.87
C PRO B 110 -16.20 23.53 10.27
N PRO B 111 -16.32 22.95 11.49
CA PRO B 111 -15.31 21.94 11.87
C PRO B 111 -15.11 20.78 10.89
N TYR B 112 -16.21 20.26 10.34
CA TYR B 112 -16.13 19.06 9.53
C TYR B 112 -15.27 19.27 8.28
N PHE B 113 -15.55 20.32 7.50
CA PHE B 113 -14.78 20.52 6.28
C PHE B 113 -13.47 21.26 6.55
N GLN B 114 -13.33 21.93 7.70
CA GLN B 114 -12.00 22.38 8.12
C GLN B 114 -11.08 21.19 8.36
N PHE B 115 -11.64 20.11 8.93
CA PHE B 115 -10.84 18.91 9.18
C PHE B 115 -10.35 18.31 7.88
N ARG B 116 -11.22 18.24 6.87
CA ARG B 116 -10.81 17.72 5.58
C ARG B 116 -9.91 18.67 4.83
N ARG B 117 -9.98 19.97 5.13
CA ARG B 117 -9.03 20.89 4.52
C ARG B 117 -7.62 20.63 5.01
N LEU B 118 -7.47 20.40 6.33
CA LEU B 118 -6.21 19.96 6.90
C LEU B 118 -5.69 18.68 6.25
N LEU B 119 -6.59 17.74 5.91
CA LEU B 119 -6.18 16.54 5.20
C LEU B 119 -5.93 16.76 3.72
N GLY B 120 -6.34 17.91 3.19
CA GLY B 120 -6.11 18.24 1.79
C GLY B 120 -7.18 17.78 0.82
N THR B 121 -8.31 17.26 1.28
CA THR B 121 -9.33 16.76 0.37
C THR B 121 -10.59 17.62 0.32
N ALA B 122 -10.67 18.70 1.11
CA ALA B 122 -11.95 19.40 1.31
C ALA B 122 -12.56 19.92 0.01
N GLU B 123 -11.79 20.68 -0.77
CA GLU B 123 -12.38 21.27 -1.97
C GLU B 123 -12.90 20.17 -2.88
N ASP B 124 -12.13 19.10 -3.04
CA ASP B 124 -12.55 18.01 -3.93
C ASP B 124 -13.78 17.33 -3.36
N ASP B 125 -13.81 17.14 -2.04
CA ASP B 125 -14.95 16.54 -1.37
C ASP B 125 -16.21 17.38 -1.55
N ILE B 126 -16.06 18.71 -1.51
CA ILE B 126 -17.22 19.59 -1.69
C ILE B 126 -17.70 19.50 -3.14
N TYR B 127 -16.76 19.46 -4.07
CA TYR B 127 -17.10 19.22 -5.48
C TYR B 127 -17.87 17.91 -5.66
N ASP B 128 -17.36 16.82 -5.05
CA ASP B 128 -18.03 15.51 -5.11
C ASP B 128 -19.46 15.62 -4.59
N MET B 129 -19.62 16.31 -3.46
CA MET B 129 -20.94 16.49 -2.88
C MET B 129 -21.85 17.26 -3.83
N PHE B 130 -21.39 18.40 -4.34
CA PHE B 130 -22.21 19.14 -5.29
C PHE B 130 -22.61 18.25 -6.47
N MET B 131 -21.63 17.53 -7.03
CA MET B 131 -21.91 16.73 -8.21
C MET B 131 -22.89 15.62 -7.91
N ALA B 132 -22.79 15.02 -6.72
CA ALA B 132 -23.68 13.91 -6.36
C ALA B 132 -25.09 14.42 -6.15
N GLU B 133 -25.22 15.53 -5.44
CA GLU B 133 -26.55 16.06 -5.14
C GLU B 133 -27.18 16.73 -6.36
N LEU B 134 -26.38 17.18 -7.31
CA LEU B 134 -26.96 17.78 -8.51
C LEU B 134 -27.36 16.75 -9.54
N THR B 135 -26.62 15.63 -9.62
CA THR B 135 -26.77 14.70 -10.73
C THR B 135 -27.22 13.30 -10.35
N GLU B 136 -27.07 12.88 -9.09
CA GLU B 136 -27.55 11.55 -8.69
C GLU B 136 -28.69 11.60 -7.69
N GLY B 137 -28.54 12.34 -6.62
CA GLY B 137 -29.61 12.53 -5.65
C GLY B 137 -29.08 12.83 -4.27
N ILE B 138 -29.90 13.50 -3.49
CA ILE B 138 -29.61 13.80 -2.10
C ILE B 138 -29.95 12.57 -1.26
N ALA B 139 -28.98 12.10 -0.47
CA ALA B 139 -29.19 10.97 0.44
C ALA B 139 -29.88 9.85 -0.35
N ASP B 140 -30.92 9.21 0.19
CA ASP B 140 -31.73 8.24 -0.53
C ASP B 140 -33.07 8.80 -1.00
N THR B 141 -33.24 10.12 -1.04
CA THR B 141 -34.51 10.75 -1.35
C THR B 141 -34.86 10.61 -2.84
N GLY B 142 -33.87 10.39 -3.70
CA GLY B 142 -34.00 10.52 -5.13
C GLY B 142 -34.17 11.93 -5.64
N ILE B 143 -34.01 12.95 -4.80
CA ILE B 143 -34.21 14.34 -5.19
C ILE B 143 -32.86 14.98 -5.49
N LYS B 144 -32.71 15.56 -6.69
CA LYS B 144 -31.53 16.35 -7.02
C LYS B 144 -31.74 17.80 -6.63
N ALA B 145 -30.69 18.45 -6.12
CA ALA B 145 -30.76 19.88 -5.94
C ALA B 145 -30.69 20.54 -7.31
N GLY B 146 -31.45 21.61 -7.47
CA GLY B 146 -31.41 22.40 -8.69
C GLY B 146 -30.52 23.61 -8.62
N VAL B 147 -29.97 23.92 -7.46
CA VAL B 147 -29.06 25.05 -7.34
C VAL B 147 -27.96 24.70 -6.35
N ILE B 148 -26.81 25.34 -6.56
CA ILE B 148 -25.72 25.38 -5.56
C ILE B 148 -25.90 26.62 -4.73
N LEU B 150 -24.17 29.16 -2.05
CA LEU B 150 -22.90 29.63 -1.47
C LEU B 150 -23.17 30.76 -0.52
N ALA B 151 -22.25 31.00 0.40
CA ALA B 151 -22.43 32.10 1.33
C ALA B 151 -21.06 32.60 1.76
N SER B 152 -20.99 33.89 2.02
CA SER B 152 -19.76 34.43 2.55
C SER B 152 -20.06 35.22 3.82
N SER B 153 -18.97 35.52 4.53
CA SER B 153 -19.01 36.25 5.78
C SER B 153 -19.04 37.77 5.53
N LYS B 154 -19.23 38.51 6.63
CA LYS B 154 -19.23 39.97 6.54
C LYS B 154 -17.84 40.48 6.21
N GLY B 155 -17.73 41.15 5.06
CA GLY B 155 -16.51 41.83 4.65
C GLY B 155 -15.38 40.90 4.25
N ARG B 156 -15.64 39.62 4.10
CA ARG B 156 -14.60 38.67 3.75
C ARG B 156 -15.25 37.44 3.13
N ILE B 157 -14.64 36.91 2.08
CA ILE B 157 -14.90 35.53 1.64
C ILE B 157 -13.75 34.74 2.22
N THR B 158 -14.03 34.04 3.32
CA THR B 158 -12.95 33.38 4.04
C THR B 158 -12.34 32.27 3.19
N GLU B 159 -11.17 31.83 3.61
CA GLU B 159 -10.48 30.78 2.87
C GLU B 159 -11.27 29.49 2.90
N TYR B 160 -11.90 29.19 4.04
CA TYR B 160 -12.84 28.07 4.08
C TYR B 160 -14.01 28.28 3.11
N GLU B 161 -14.65 29.45 3.14
CA GLU B 161 -15.73 29.73 2.21
C GLU B 161 -15.23 29.64 0.76
N LYS B 162 -14.02 30.11 0.50
CA LYS B 162 -13.50 30.09 -0.87
C LYS B 162 -13.46 28.67 -1.44
N MET B 163 -13.21 27.67 -0.60
CA MET B 163 -13.25 26.29 -1.05
C MET B 163 -14.58 25.95 -1.71
N PHE B 164 -15.69 26.38 -1.11
CA PHE B 164 -17.01 26.11 -1.68
C PHE B 164 -17.25 26.89 -2.96
N PHE B 165 -16.83 28.16 -2.98
CA PHE B 165 -16.91 28.94 -4.22
C PHE B 165 -16.19 28.25 -5.34
N ARG B 166 -14.97 27.74 -5.08
CA ARG B 166 -14.21 27.14 -6.16
C ARG B 166 -14.88 25.84 -6.60
N ALA B 167 -15.27 25.01 -5.64
CA ALA B 167 -16.01 23.78 -5.95
C ALA B 167 -17.28 24.05 -6.73
N ALA B 168 -17.95 25.17 -6.42
CA ALA B 168 -19.22 25.45 -7.08
C ALA B 168 -18.97 25.83 -8.53
N ALA B 169 -17.93 26.65 -8.77
CA ALA B 169 -17.57 26.97 -10.14
C ALA B 169 -17.22 25.72 -10.92
N ARG B 170 -16.51 24.78 -10.29
CA ARG B 170 -16.17 23.52 -10.96
C ARG B 170 -17.43 22.73 -11.29
N ALA B 171 -18.34 22.59 -10.34
CA ALA B 171 -19.56 21.84 -10.61
C ALA B 171 -20.46 22.57 -11.58
N GLN B 172 -20.43 23.91 -11.57
CA GLN B 172 -21.19 24.64 -12.56
C GLN B 172 -20.63 24.38 -13.95
N LYS B 173 -19.31 24.44 -14.11
CA LYS B 173 -18.71 24.15 -15.42
C LYS B 173 -19.15 22.79 -15.95
N GLU B 174 -19.30 21.78 -15.06
CA GLU B 174 -19.68 20.44 -15.50
C GLU B 174 -21.18 20.27 -15.70
N THR B 175 -22.02 20.93 -14.90
CA THR B 175 -23.45 20.68 -14.91
C THR B 175 -24.25 21.83 -15.48
N GLY B 176 -23.67 23.02 -15.57
CA GLY B 176 -24.47 24.18 -15.88
C GLY B 176 -25.45 24.59 -14.81
N ALA B 177 -25.25 24.14 -13.55
CA ALA B 177 -26.22 24.41 -12.52
C ALA B 177 -26.16 25.86 -12.05
N VAL B 178 -27.32 26.38 -11.67
CA VAL B 178 -27.42 27.73 -11.14
C VAL B 178 -26.73 27.83 -9.78
N ILE B 179 -26.01 28.93 -9.57
CA ILE B 179 -25.43 29.27 -8.26
C ILE B 179 -26.28 30.37 -7.62
N ILE B 180 -26.67 30.16 -6.36
CA ILE B 180 -27.40 31.16 -5.60
C ILE B 180 -26.59 31.46 -4.34
N THR B 181 -26.29 32.73 -4.11
CA THR B 181 -25.44 33.06 -2.97
C THR B 181 -26.19 33.82 -1.88
N HIS B 182 -25.53 33.83 -0.71
CA HIS B 182 -25.86 34.62 0.47
C HIS B 182 -24.72 35.64 0.64
N THR B 183 -25.08 36.90 0.73
CA THR B 183 -24.10 37.88 1.21
C THR B 183 -24.48 38.31 2.62
N GLN B 184 -23.48 38.66 3.43
CA GLN B 184 -23.72 38.99 4.84
C GLN B 184 -23.67 40.50 5.01
N GLU B 185 -24.78 41.08 5.48
CA GLU B 185 -24.79 42.48 5.89
C GLU B 185 -24.30 43.40 4.77
N GLY B 186 -24.76 43.12 3.56
CA GLY B 186 -24.48 44.01 2.43
C GLY B 186 -23.02 44.12 2.05
N THR B 187 -22.24 43.07 2.23
CA THR B 187 -20.84 43.06 1.82
C THR B 187 -20.58 41.93 0.83
N MET B 188 -19.53 42.14 0.02
CA MET B 188 -18.85 41.13 -0.82
C MET B 188 -19.63 40.76 -2.07
N GLY B 189 -20.69 41.50 -2.40
CA GLY B 189 -21.43 41.29 -3.63
C GLY B 189 -20.52 41.29 -4.83
N PRO B 190 -19.79 42.39 -5.04
CA PRO B 190 -18.89 42.42 -6.20
C PRO B 190 -17.77 41.41 -6.07
N GLU B 191 -17.29 41.21 -4.84
CA GLU B 191 -16.22 40.23 -4.64
C GLU B 191 -16.68 38.83 -5.05
N GLN B 192 -17.90 38.45 -4.66
CA GLN B 192 -18.42 37.13 -5.00
C GLN B 192 -18.48 36.93 -6.51
N ALA B 193 -19.09 37.88 -7.21
CA ALA B 193 -19.16 37.79 -8.66
C ALA B 193 -17.78 37.69 -9.29
N ALA B 194 -16.84 38.55 -8.87
CA ALA B 194 -15.55 38.49 -9.55
C ALA B 194 -14.82 37.20 -9.26
N TYR B 195 -14.97 36.68 -8.05
CA TYR B 195 -14.22 35.48 -7.72
C TYR B 195 -14.83 34.27 -8.40
N LEU B 196 -16.15 34.23 -8.47
CA LEU B 196 -16.83 33.18 -9.24
C LEU B 196 -16.41 33.24 -10.71
N LEU B 197 -16.39 34.44 -11.29
CA LEU B 197 -16.02 34.57 -12.71
C LEU B 197 -14.54 34.22 -12.93
N GLU B 198 -13.67 34.67 -12.03
CA GLU B 198 -12.28 34.25 -11.98
C GLU B 198 -12.10 32.74 -12.18
N HIS B 199 -12.98 31.97 -11.56
CA HIS B 199 -12.89 30.52 -11.63
C HIS B 199 -13.82 29.94 -12.69
N GLY B 200 -14.23 30.76 -13.65
CA GLY B 200 -14.92 30.27 -14.82
C GLY B 200 -16.41 30.06 -14.68
N ALA B 201 -17.02 30.54 -13.60
CA ALA B 201 -18.46 30.46 -13.49
C ALA B 201 -19.17 31.35 -14.52
N ASP B 202 -20.42 31.02 -14.80
CA ASP B 202 -21.23 31.71 -15.79
C ASP B 202 -22.04 32.80 -15.11
N PRO B 203 -21.82 34.09 -15.42
CA PRO B 203 -22.65 35.14 -14.78
C PRO B 203 -24.13 34.94 -14.99
N LYS B 204 -24.54 34.45 -16.17
CA LYS B 204 -25.96 34.27 -16.39
C LYS B 204 -26.54 33.12 -15.58
N LYS B 205 -25.72 32.44 -14.78
CA LYS B 205 -26.23 31.37 -13.91
C LYS B 205 -25.99 31.65 -12.44
N ILE B 206 -25.61 32.88 -12.09
CA ILE B 206 -25.31 33.25 -10.71
C ILE B 206 -26.35 34.25 -10.22
N VAL B 207 -26.83 34.04 -8.99
CA VAL B 207 -27.68 35.00 -8.28
C VAL B 207 -26.94 35.43 -7.02
N ILE B 208 -26.52 36.69 -6.98
CA ILE B 208 -25.91 37.21 -5.77
C ILE B 208 -27.00 37.65 -4.80
N GLY B 209 -27.09 36.95 -3.65
CA GLY B 209 -28.21 37.17 -2.77
C GLY B 209 -28.01 38.20 -1.69
N HIS B 210 -29.11 38.47 -0.98
CA HIS B 210 -29.16 39.41 0.13
C HIS B 210 -28.58 40.76 -0.27
N MET B 211 -28.67 41.10 -1.57
CA MET B 211 -28.15 42.38 -2.05
C MET B 211 -28.92 43.55 -1.48
N CYS B 212 -30.17 43.33 -1.08
CA CYS B 212 -30.92 44.36 -0.41
C CYS B 212 -30.29 44.74 0.92
N GLY B 213 -29.29 44.00 1.40
CA GLY B 213 -28.58 44.38 2.61
C GLY B 213 -27.78 45.65 2.47
N ASN B 214 -27.62 46.14 1.24
CA ASN B 214 -26.82 47.33 0.97
C ASN B 214 -27.70 48.37 0.30
N THR B 215 -27.65 49.61 0.82
CA THR B 215 -28.52 50.68 0.36
C THR B 215 -27.82 51.65 -0.59
N ASP B 216 -26.63 51.28 -1.06
CA ASP B 216 -25.84 52.15 -1.93
C ASP B 216 -25.96 51.66 -3.36
N PRO B 217 -26.76 52.30 -4.22
CA PRO B 217 -26.93 51.76 -5.57
C PRO B 217 -25.64 51.60 -6.37
N ASP B 218 -24.56 52.31 -6.00
CA ASP B 218 -23.27 52.15 -6.66
C ASP B 218 -22.69 50.76 -6.43
N TYR B 219 -22.92 50.21 -5.24
CA TYR B 219 -22.48 48.86 -4.92
C TYR B 219 -23.28 47.83 -5.71
N HIS B 220 -24.60 48.02 -5.81
CA HIS B 220 -25.42 47.16 -6.65
C HIS B 220 -24.96 47.23 -8.10
N ARG B 221 -24.67 48.45 -8.58
CA ARG B 221 -24.26 48.55 -9.99
C ARG B 221 -22.91 47.88 -10.20
N LYS B 222 -22.01 48.00 -9.22
CA LYS B 222 -20.73 47.31 -9.25
C LYS B 222 -20.91 45.81 -9.40
N THR B 223 -21.92 45.26 -8.72
CA THR B 223 -22.22 43.83 -8.79
C THR B 223 -22.90 43.48 -10.10
N LEU B 224 -23.86 44.30 -10.52
CA LEU B 224 -24.58 44.02 -11.76
C LEU B 224 -23.66 44.12 -12.97
N ALA B 225 -22.56 44.88 -12.85
CA ALA B 225 -21.62 45.04 -13.96
C ALA B 225 -21.04 43.71 -14.40
N TYR B 226 -20.98 42.73 -13.49
CA TYR B 226 -20.52 41.40 -13.84
C TYR B 226 -21.53 40.60 -14.64
N GLY B 227 -22.75 41.12 -14.82
CA GLY B 227 -23.75 40.41 -15.59
C GLY B 227 -24.55 39.40 -14.80
N VAL B 228 -24.25 39.25 -13.52
CA VAL B 228 -24.95 38.34 -12.63
C VAL B 228 -26.34 38.87 -12.31
N TYR B 229 -27.20 38.00 -11.79
CA TYR B 229 -28.42 38.44 -11.15
C TYR B 229 -28.13 38.87 -9.71
N ILE B 230 -28.95 39.77 -9.18
CA ILE B 230 -28.95 40.10 -7.77
C ILE B 230 -30.36 39.87 -7.23
N ALA B 231 -30.45 39.58 -5.95
CA ALA B 231 -31.75 39.36 -5.33
C ALA B 231 -31.92 40.30 -4.15
N PHE B 232 -33.05 41.03 -4.17
CA PHE B 232 -33.60 41.72 -3.01
C PHE B 232 -34.50 40.71 -2.33
N ASP B 233 -33.89 39.83 -1.51
CA ASP B 233 -34.55 38.60 -1.15
C ASP B 233 -34.87 38.50 0.34
N ARG B 234 -34.78 39.59 1.09
CA ARG B 234 -35.12 39.57 2.51
C ARG B 234 -36.16 40.61 2.86
N PHE B 235 -37.14 40.85 1.98
CA PHE B 235 -38.21 41.79 2.32
C PHE B 235 -38.94 41.32 3.58
N GLY B 236 -39.16 42.25 4.52
CA GLY B 236 -39.79 41.94 5.79
C GLY B 236 -38.82 41.76 6.95
N ILE B 237 -37.54 41.54 6.67
CA ILE B 237 -36.55 41.41 7.74
C ILE B 237 -36.08 42.81 8.08
N GLN B 238 -36.43 43.28 9.28
CA GLN B 238 -36.02 44.60 9.78
C GLN B 238 -35.60 44.49 11.23
N GLY B 239 -34.56 45.26 11.60
CA GLY B 239 -34.00 45.21 12.94
C GLY B 239 -32.84 44.24 13.07
N MET B 240 -33.11 42.94 12.87
CA MET B 240 -32.14 41.89 13.07
C MET B 240 -31.04 41.93 12.02
N VAL B 241 -29.91 41.29 12.35
CA VAL B 241 -28.76 41.06 11.46
C VAL B 241 -28.30 42.35 10.79
N GLY B 242 -28.51 43.49 11.47
CA GLY B 242 -28.10 44.78 10.95
C GLY B 242 -28.78 45.23 9.67
N ALA B 243 -29.81 44.52 9.22
CA ALA B 243 -30.37 44.75 7.91
C ALA B 243 -31.10 46.08 7.83
N PRO B 244 -31.24 46.64 6.62
CA PRO B 244 -32.00 47.90 6.47
C PRO B 244 -33.48 47.73 6.65
N THR B 245 -34.22 48.83 6.48
CA THR B 245 -35.67 48.77 6.50
C THR B 245 -36.18 48.46 5.11
N ASP B 246 -37.45 48.05 5.05
CA ASP B 246 -38.08 47.81 3.76
C ASP B 246 -38.18 49.09 2.94
N GLU B 247 -38.38 50.24 3.60
CA GLU B 247 -38.37 51.51 2.88
C GLU B 247 -37.04 51.76 2.19
N GLU B 248 -35.93 51.49 2.89
CA GLU B 248 -34.62 51.53 2.27
C GLU B 248 -34.49 50.51 1.14
N ARG B 249 -34.99 49.29 1.34
CA ARG B 249 -34.99 48.32 0.25
C ARG B 249 -35.70 48.85 -0.98
N VAL B 250 -36.84 49.51 -0.81
CA VAL B 250 -37.64 49.94 -1.96
C VAL B 250 -36.94 51.08 -2.69
N ARG B 251 -36.32 52.00 -1.96
CA ARG B 251 -35.62 53.13 -2.56
C ARG B 251 -34.44 52.68 -3.41
N THR B 252 -33.67 51.71 -2.90
CA THR B 252 -32.58 51.12 -3.69
C THR B 252 -33.13 50.39 -4.91
N LEU B 253 -34.17 49.58 -4.72
CA LEU B 253 -34.72 48.85 -5.85
C LEU B 253 -35.19 49.81 -6.93
N LEU B 254 -36.08 50.72 -6.56
CA LEU B 254 -36.59 51.73 -7.49
C LEU B 254 -35.48 52.45 -8.24
N ALA B 255 -34.34 52.68 -7.60
CA ALA B 255 -33.24 53.34 -8.30
C ALA B 255 -32.71 52.46 -9.43
N LEU B 256 -32.51 51.17 -9.15
CA LEU B 256 -32.03 50.27 -10.19
C LEU B 256 -33.09 49.98 -11.26
N LEU B 257 -34.37 49.98 -10.89
CA LEU B 257 -35.38 49.79 -11.92
C LEU B 257 -35.48 51.02 -12.83
N ARG B 258 -35.38 52.21 -12.25
CA ARG B 258 -35.42 53.42 -13.08
C ARG B 258 -34.15 53.54 -13.92
N ASP B 259 -33.11 52.81 -13.57
CA ASP B 259 -31.90 52.71 -14.36
C ASP B 259 -31.94 51.58 -15.37
N GLY B 260 -33.00 50.79 -15.38
CA GLY B 260 -33.20 49.78 -16.42
C GLY B 260 -32.70 48.38 -16.13
N TYR B 261 -32.48 48.00 -14.86
CA TYR B 261 -31.84 46.73 -14.51
C TYR B 261 -32.85 45.62 -14.18
N GLU B 262 -34.10 45.70 -14.65
CA GLU B 262 -35.12 44.72 -14.26
C GLU B 262 -34.78 43.30 -14.67
N LYS B 263 -34.06 43.10 -15.77
CA LYS B 263 -33.75 41.74 -16.21
C LYS B 263 -32.63 41.11 -15.40
N GLN B 264 -32.10 41.82 -14.40
CA GLN B 264 -31.06 41.26 -13.54
C GLN B 264 -31.48 41.11 -12.09
N ILE B 265 -32.74 41.40 -11.75
CA ILE B 265 -33.18 41.56 -10.36
C ILE B 265 -34.32 40.59 -10.09
N MET B 266 -34.24 39.91 -8.93
CA MET B 266 -35.31 39.07 -8.42
C MET B 266 -35.61 39.42 -6.96
N LEU B 267 -36.86 39.18 -6.57
CA LEU B 267 -37.36 39.61 -5.27
C LEU B 267 -37.80 38.40 -4.46
N SER B 268 -37.55 38.42 -3.15
CA SER B 268 -38.02 37.33 -2.30
C SER B 268 -38.00 37.83 -0.85
N HIS B 269 -38.40 36.95 0.09
CA HIS B 269 -38.47 37.30 1.51
C HIS B 269 -37.52 36.54 2.41
N ASN B 270 -36.95 35.42 1.95
CA ASN B 270 -36.08 34.60 2.80
C ASN B 270 -36.83 34.15 4.07
N THR B 271 -38.10 33.79 3.93
CA THR B 271 -38.84 33.42 5.14
C THR B 271 -38.27 32.14 5.73
N VAL B 272 -38.55 31.95 7.02
CA VAL B 272 -38.37 30.67 7.70
C VAL B 272 -39.76 30.31 8.18
N ASN B 273 -40.46 29.42 7.45
CA ASN B 273 -41.82 29.15 7.81
C ASN B 273 -41.93 28.23 9.01
N VAL B 274 -40.96 27.34 9.21
CA VAL B 274 -40.86 26.52 10.40
C VAL B 274 -39.41 26.55 10.87
N TRP B 275 -39.19 27.10 12.05
CA TRP B 275 -37.90 27.06 12.72
C TRP B 275 -37.60 25.70 13.31
N LEU B 276 -36.42 25.18 13.00
CA LEU B 276 -35.96 23.93 13.62
C LEU B 276 -35.31 24.23 14.96
N GLY B 277 -35.39 23.26 15.85
CA GLY B 277 -35.01 23.49 17.22
C GLY B 277 -36.19 23.96 18.06
N ARG B 278 -35.82 24.54 19.20
CA ARG B 278 -36.79 24.99 20.18
C ARG B 278 -37.48 26.27 19.73
N PRO B 279 -38.81 26.36 19.87
CA PRO B 279 -39.51 27.61 19.52
C PRO B 279 -38.95 28.78 20.30
N PHE B 280 -39.16 29.97 19.74
CA PHE B 280 -38.71 31.19 20.37
C PHE B 280 -39.67 32.32 20.01
N THR B 281 -39.80 33.28 20.92
CA THR B 281 -40.55 34.50 20.69
C THR B 281 -39.57 35.67 20.61
N LEU B 282 -39.73 36.50 19.62
CA LEU B 282 -38.88 37.66 19.50
C LEU B 282 -39.27 38.73 20.50
N PRO B 283 -38.29 39.37 21.16
CA PRO B 283 -38.62 40.48 22.06
C PRO B 283 -39.39 41.54 21.31
N GLU B 284 -40.39 42.10 21.98
CA GLU B 284 -41.36 43.02 21.37
C GLU B 284 -40.75 44.10 20.48
N PRO B 285 -39.54 44.65 20.79
CA PRO B 285 -38.91 45.58 19.82
C PRO B 285 -38.74 44.95 18.44
N PHE B 286 -37.93 43.89 18.36
CA PHE B 286 -37.74 43.23 17.08
C PHE B 286 -39.05 42.64 16.58
N ALA B 287 -39.89 42.14 17.49
CA ALA B 287 -41.12 41.46 17.13
C ALA B 287 -42.03 42.34 16.28
N GLU B 288 -42.04 43.66 16.55
CA GLU B 288 -42.88 44.57 15.78
C GLU B 288 -42.23 44.94 14.45
N MET B 289 -40.91 45.12 14.44
CA MET B 289 -40.21 45.42 13.20
C MET B 289 -40.23 44.24 12.24
N MET B 290 -40.29 43.03 12.77
CA MET B 290 -40.26 41.79 11.99
C MET B 290 -41.66 41.30 11.59
N LYS B 291 -42.73 42.01 11.95
CA LYS B 291 -44.08 41.50 11.75
C LYS B 291 -44.44 41.29 10.28
N ASN B 292 -43.74 41.91 9.34
CA ASN B 292 -44.10 41.70 7.94
C ASN B 292 -43.32 40.57 7.29
N TRP B 293 -42.47 39.86 8.03
CA TRP B 293 -41.63 38.81 7.47
C TRP B 293 -42.45 37.54 7.28
N HIS B 294 -43.25 37.53 6.21
CA HIS B 294 -44.07 36.37 5.81
C HIS B 294 -44.22 36.36 4.29
N VAL B 295 -44.60 35.19 3.76
CA VAL B 295 -44.59 34.92 2.33
C VAL B 295 -45.59 35.74 1.52
N GLU B 296 -46.48 36.51 2.16
CA GLU B 296 -47.43 37.34 1.43
C GLU B 296 -46.97 38.78 1.31
N HIS B 297 -45.89 39.14 2.00
CA HIS B 297 -45.52 40.53 2.23
C HIS B 297 -45.27 41.28 0.94
N LEU B 298 -44.56 40.65 0.00
CA LEU B 298 -44.25 41.34 -1.24
C LEU B 298 -45.51 41.68 -2.00
N PHE B 299 -46.45 40.74 -2.07
CA PHE B 299 -47.67 40.93 -2.83
C PHE B 299 -48.65 41.85 -2.11
N VAL B 300 -48.67 41.80 -0.78
CA VAL B 300 -49.66 42.56 -0.01
C VAL B 300 -49.20 43.99 0.26
N ASN B 301 -47.90 44.22 0.43
CA ASN B 301 -47.37 45.52 0.83
C ASN B 301 -46.36 46.09 -0.15
N ILE B 302 -45.36 45.32 -0.57
CA ILE B 302 -44.25 45.88 -1.35
C ILE B 302 -44.69 46.18 -2.79
N ILE B 303 -45.17 45.16 -3.51
CA ILE B 303 -45.57 45.40 -4.90
C ILE B 303 -46.58 46.52 -5.01
N PRO B 304 -47.57 46.68 -4.11
CA PRO B 304 -48.44 47.84 -4.21
C PRO B 304 -47.67 49.15 -4.16
N ALA B 305 -46.73 49.30 -3.23
CA ALA B 305 -45.93 50.51 -3.19
C ALA B 305 -45.16 50.69 -4.49
N LEU B 306 -44.57 49.62 -5.03
CA LEU B 306 -43.85 49.72 -6.29
C LEU B 306 -44.76 50.20 -7.42
N LYS B 307 -45.96 49.63 -7.52
CA LYS B 307 -46.90 50.05 -8.56
C LYS B 307 -47.27 51.52 -8.39
N ASN B 308 -47.49 51.95 -7.13
CA ASN B 308 -47.73 53.37 -6.88
C ASN B 308 -46.58 54.23 -7.39
N GLU B 309 -45.36 53.70 -7.35
CA GLU B 309 -44.17 54.44 -7.74
C GLU B 309 -43.88 54.36 -9.24
N GLY B 310 -44.80 53.81 -10.03
CA GLY B 310 -44.64 53.81 -11.47
C GLY B 310 -44.11 52.52 -12.08
N ILE B 311 -43.78 51.52 -11.28
CA ILE B 311 -43.31 50.26 -11.85
C ILE B 311 -44.48 49.59 -12.57
N ARG B 312 -44.24 49.18 -13.80
CA ARG B 312 -45.28 48.56 -14.61
C ARG B 312 -45.35 47.05 -14.39
N ASP B 313 -46.48 46.46 -14.80
CA ASP B 313 -46.67 45.03 -14.61
C ASP B 313 -45.66 44.22 -15.40
N GLU B 314 -45.27 44.71 -16.58
CA GLU B 314 -44.27 44.00 -17.38
C GLU B 314 -42.92 43.88 -16.66
N VAL B 315 -42.53 44.93 -15.93
CA VAL B 315 -41.27 44.87 -15.19
C VAL B 315 -41.37 43.85 -14.06
N LEU B 316 -42.49 43.84 -13.33
CA LEU B 316 -42.70 42.81 -12.31
C LEU B 316 -42.70 41.41 -12.93
N GLU B 317 -43.38 41.25 -14.08
CA GLU B 317 -43.37 39.96 -14.77
C GLU B 317 -41.96 39.58 -15.20
N GLN B 318 -41.17 40.56 -15.60
CA GLN B 318 -39.76 40.34 -15.84
C GLN B 318 -39.08 39.76 -14.61
N MET B 319 -39.28 40.38 -13.46
CA MET B 319 -38.57 39.93 -12.27
C MET B 319 -39.09 38.59 -11.77
N PHE B 320 -40.41 38.40 -11.78
CA PHE B 320 -40.95 37.20 -11.17
C PHE B 320 -41.02 36.01 -12.11
N ILE B 321 -41.15 36.24 -13.42
CA ILE B 321 -41.30 35.16 -14.38
C ILE B 321 -40.13 35.09 -15.36
N GLY B 322 -39.78 36.22 -15.98
CA GLY B 322 -38.77 36.18 -17.02
C GLY B 322 -37.39 35.81 -16.49
N ASN B 323 -37.00 36.41 -15.36
CA ASN B 323 -35.65 36.20 -14.87
C ASN B 323 -35.48 34.78 -14.33
N PRO B 324 -36.42 34.23 -13.56
CA PRO B 324 -36.27 32.81 -13.19
C PRO B 324 -36.20 31.89 -14.39
N ALA B 325 -36.99 32.16 -15.43
CA ALA B 325 -36.90 31.32 -16.61
C ALA B 325 -35.55 31.46 -17.31
N ALA B 326 -35.07 32.69 -17.52
CA ALA B 326 -33.76 32.84 -18.13
C ALA B 326 -32.68 32.20 -17.26
N LEU B 327 -32.77 32.40 -15.95
CA LEU B 327 -31.74 31.93 -15.04
C LEU B 327 -31.53 30.43 -15.18
N PHE B 328 -32.62 29.69 -15.26
CA PHE B 328 -32.58 28.24 -15.27
C PHE B 328 -32.50 27.65 -16.68
N SER B 329 -32.60 28.46 -17.71
CA SER B 329 -32.61 27.95 -19.08
C SER B 329 -31.23 27.99 -19.74
N GLU C 7 35.93 10.98 -17.01
CA GLU C 7 34.97 11.73 -17.82
C GLU C 7 34.20 10.80 -18.76
N MET C 8 34.77 9.64 -19.07
CA MET C 8 34.14 8.68 -19.97
C MET C 8 33.57 7.51 -19.16
N VAL C 9 32.85 6.64 -19.87
CA VAL C 9 32.31 5.41 -19.30
C VAL C 9 32.25 4.37 -20.40
N GLU C 10 32.63 3.13 -20.07
CA GLU C 10 32.67 2.07 -21.05
C GLU C 10 31.25 1.52 -21.29
N THR C 11 30.78 1.65 -22.51
CA THR C 11 29.50 1.09 -22.93
C THR C 11 29.76 -0.10 -23.86
N VAL C 12 28.68 -0.71 -24.33
CA VAL C 12 28.84 -1.78 -25.32
C VAL C 12 29.50 -1.22 -26.58
N CYS C 13 29.31 0.06 -26.86
CA CYS C 13 29.92 0.73 -27.99
C CYS C 13 31.14 1.55 -27.60
N GLY C 14 31.89 1.10 -26.60
CA GLY C 14 33.13 1.72 -26.22
C GLY C 14 32.94 2.88 -25.25
N PRO C 15 33.97 3.71 -25.11
CA PRO C 15 33.89 4.81 -24.14
C PRO C 15 33.02 5.93 -24.69
N VAL C 16 32.10 6.41 -23.85
CA VAL C 16 31.24 7.54 -24.18
C VAL C 16 31.43 8.57 -23.06
N PRO C 17 31.48 9.87 -23.36
CA PRO C 17 31.56 10.86 -22.28
C PRO C 17 30.32 10.79 -21.41
N VAL C 18 30.53 10.82 -20.08
CA VAL C 18 29.42 10.65 -19.16
C VAL C 18 28.43 11.80 -19.28
N GLU C 19 28.93 13.02 -19.50
CA GLU C 19 28.07 14.15 -19.73
C GLU C 19 27.10 13.91 -20.88
N GLN C 20 27.45 13.00 -21.80
CA GLN C 20 26.57 12.65 -22.92
C GLN C 20 25.47 11.65 -22.55
N LEU C 21 25.57 11.00 -21.38
CA LEU C 21 24.58 9.99 -21.00
C LEU C 21 23.16 10.54 -21.10
N GLY C 22 22.94 11.76 -20.59
CA GLY C 22 21.63 12.37 -20.68
C GLY C 22 20.58 11.61 -19.89
N LYS C 23 19.38 11.52 -20.47
CA LYS C 23 18.29 10.80 -19.83
C LYS C 23 18.62 9.31 -19.80
N THR C 24 18.61 8.73 -18.59
CA THR C 24 19.06 7.35 -18.37
C THR C 24 18.04 6.57 -17.57
N LEU C 25 17.69 5.38 -18.06
CA LEU C 25 17.02 4.37 -17.24
C LEU C 25 18.10 3.49 -16.63
N ILE C 26 18.14 3.44 -15.29
CA ILE C 26 19.26 2.81 -14.56
C ILE C 26 19.15 1.30 -14.45
N HIS C 27 18.01 0.69 -14.78
CA HIS C 27 17.85 -0.75 -14.51
C HIS C 27 16.77 -1.33 -15.43
N GLU C 28 17.21 -1.86 -16.59
CA GLU C 28 16.35 -2.62 -17.49
C GLU C 28 17.16 -3.76 -18.09
N HIS C 29 16.47 -4.84 -18.48
CA HIS C 29 17.14 -5.99 -19.07
C HIS C 29 16.59 -6.20 -20.48
N PHE C 30 17.48 -6.15 -21.47
CA PHE C 30 17.09 -6.53 -22.81
C PHE C 30 16.88 -8.03 -22.89
N LEU C 31 17.83 -8.81 -22.36
CA LEU C 31 17.74 -10.26 -22.25
C LEU C 31 17.90 -10.67 -20.79
N PHE C 32 17.06 -11.59 -20.32
CA PHE C 32 17.25 -12.15 -18.99
C PHE C 32 16.76 -13.58 -18.96
N GLY C 33 17.60 -14.45 -18.43
CA GLY C 33 17.21 -15.82 -18.13
C GLY C 33 17.53 -16.17 -16.70
N TYR C 34 16.66 -16.97 -16.10
CA TYR C 34 16.90 -17.42 -14.74
C TYR C 34 18.01 -18.46 -14.74
N PRO C 35 18.98 -18.38 -13.81
CA PRO C 35 19.97 -19.45 -13.69
C PRO C 35 19.33 -20.82 -13.75
N GLY C 36 19.86 -21.68 -14.61
CA GLY C 36 19.26 -22.94 -14.98
C GLY C 36 18.68 -22.95 -16.38
N PHE C 37 18.42 -21.78 -16.95
CA PHE C 37 17.88 -21.70 -18.30
C PHE C 37 18.80 -22.35 -19.31
N GLN C 38 20.09 -22.45 -19.00
CA GLN C 38 21.06 -23.02 -19.93
C GLN C 38 20.70 -24.45 -20.30
N GLY C 39 20.13 -25.21 -19.37
CA GLY C 39 19.77 -26.59 -19.60
C GLY C 39 18.40 -26.87 -20.21
N ASP C 40 17.63 -25.84 -20.54
CA ASP C 40 16.37 -25.98 -21.27
C ASP C 40 16.53 -25.45 -22.69
N VAL C 41 17.72 -25.67 -23.26
CA VAL C 41 18.03 -25.10 -24.56
C VAL C 41 17.29 -25.84 -25.66
N THR C 42 16.97 -27.13 -25.46
CA THR C 42 16.29 -27.90 -26.49
C THR C 42 14.90 -27.32 -26.79
N ARG C 43 14.08 -27.11 -25.76
CA ARG C 43 12.75 -26.57 -25.94
C ARG C 43 12.65 -25.09 -25.57
N GLY C 44 13.78 -24.43 -25.34
CA GLY C 44 13.77 -23.00 -25.06
C GLY C 44 14.92 -22.29 -25.74
N THR C 45 15.10 -22.57 -27.03
CA THR C 45 16.25 -22.06 -27.75
C THR C 45 16.16 -20.55 -27.94
N PHE C 46 17.32 -19.90 -27.92
CA PHE C 46 17.40 -18.47 -28.13
C PHE C 46 17.22 -18.16 -29.62
N ARG C 47 16.27 -17.28 -29.93
CA ARG C 47 16.02 -16.87 -31.32
C ARG C 47 16.59 -15.47 -31.50
N GLU C 48 17.75 -15.40 -32.16
CA GLU C 48 18.48 -14.14 -32.30
C GLU C 48 17.65 -13.08 -33.02
N ASP C 49 17.14 -13.42 -34.20
CA ASP C 49 16.47 -12.42 -35.05
C ASP C 49 15.32 -11.75 -34.32
N GLU C 50 14.35 -12.54 -33.84
CA GLU C 50 13.18 -11.97 -33.20
C GLU C 50 13.51 -11.30 -31.87
N SER C 51 14.49 -11.84 -31.12
CA SER C 51 14.91 -11.20 -29.88
C SER C 51 15.47 -9.81 -30.13
N LEU C 52 16.31 -9.67 -31.17
CA LEU C 52 16.83 -8.35 -31.53
C LEU C 52 15.73 -7.43 -32.00
N ARG C 53 14.69 -7.98 -32.64
CA ARG C 53 13.55 -7.16 -33.03
C ARG C 53 12.82 -6.62 -31.80
N VAL C 54 12.54 -7.51 -30.83
CA VAL C 54 11.92 -7.08 -29.58
C VAL C 54 12.85 -6.15 -28.82
N ALA C 55 14.14 -6.48 -28.78
CA ALA C 55 15.09 -5.63 -28.06
C ALA C 55 15.21 -4.25 -28.69
N VAL C 56 15.17 -4.19 -30.03
CA VAL C 56 15.32 -2.90 -30.69
C VAL C 56 14.06 -2.05 -30.51
N GLU C 57 12.88 -2.67 -30.64
CA GLU C 57 11.65 -1.90 -30.47
C GLU C 57 11.53 -1.37 -29.04
N ALA C 58 12.01 -2.14 -28.06
CA ALA C 58 12.03 -1.64 -26.69
C ALA C 58 12.95 -0.43 -26.59
N ALA C 59 14.12 -0.48 -27.24
CA ALA C 59 14.97 0.69 -27.31
C ALA C 59 14.25 1.85 -27.98
N GLU C 60 13.42 1.55 -28.99
CA GLU C 60 12.67 2.59 -29.68
C GLU C 60 11.61 3.21 -28.77
N LYS C 61 10.88 2.38 -28.03
CA LYS C 61 9.85 2.91 -27.12
C LYS C 61 10.47 3.83 -26.08
N MET C 62 11.58 3.40 -25.47
CA MET C 62 12.28 4.25 -24.53
C MET C 62 12.88 5.47 -25.23
N LYS C 63 13.41 5.29 -26.44
CA LYS C 63 13.91 6.43 -27.20
C LYS C 63 12.84 7.47 -27.40
N ARG C 64 11.56 7.08 -27.35
CA ARG C 64 10.52 8.09 -27.49
C ARG C 64 10.16 8.77 -26.17
N HIS C 65 10.56 8.28 -25.02
CA HIS C 65 10.29 9.16 -23.91
C HIS C 65 11.55 9.92 -23.49
N GLY C 66 12.49 10.06 -24.40
CA GLY C 66 13.69 10.83 -24.20
C GLY C 66 14.88 10.03 -23.75
N ILE C 67 14.73 8.72 -23.56
CA ILE C 67 15.81 7.93 -22.98
C ILE C 67 16.97 7.85 -23.96
N GLN C 68 18.16 8.18 -23.48
CA GLN C 68 19.37 8.11 -24.27
C GLN C 68 20.33 7.02 -23.83
N THR C 69 20.33 6.67 -22.55
CA THR C 69 21.21 5.64 -22.02
C THR C 69 20.40 4.67 -21.18
N VAL C 70 20.82 3.41 -21.20
CA VAL C 70 20.18 2.37 -20.42
C VAL C 70 21.26 1.51 -19.79
N VAL C 71 21.19 1.35 -18.47
CA VAL C 71 22.02 0.38 -17.78
C VAL C 71 21.30 -0.96 -17.78
N ASP C 72 21.94 -1.98 -18.34
CA ASP C 72 21.46 -3.35 -18.32
C ASP C 72 22.33 -4.12 -17.33
N PRO C 73 21.84 -4.38 -16.12
CA PRO C 73 22.68 -5.06 -15.11
C PRO C 73 22.50 -6.55 -15.06
N THR C 74 22.12 -7.17 -16.20
CA THR C 74 21.92 -8.61 -16.23
C THR C 74 23.15 -9.34 -15.73
N PRO C 75 23.02 -10.28 -14.81
CA PRO C 75 24.19 -10.99 -14.28
C PRO C 75 24.86 -11.86 -15.33
N ASN C 76 26.12 -12.21 -15.04
CA ASN C 76 26.95 -12.93 -16.00
C ASN C 76 26.34 -14.25 -16.41
N ASP C 77 25.75 -14.98 -15.46
CA ASP C 77 25.21 -16.31 -15.72
C ASP C 77 23.73 -16.27 -16.05
N CYS C 78 23.15 -15.07 -16.15
CA CYS C 78 21.72 -14.89 -16.38
C CYS C 78 21.43 -14.49 -17.83
N GLY C 79 22.31 -14.85 -18.75
CA GLY C 79 22.10 -14.54 -20.15
C GLY C 79 22.75 -13.28 -20.63
N ARG C 80 23.63 -12.67 -19.84
CA ARG C 80 24.38 -11.51 -20.26
C ARG C 80 25.02 -11.75 -21.62
N ASN C 81 24.88 -10.78 -22.52
CA ASN C 81 25.32 -10.94 -23.90
C ASN C 81 25.72 -9.59 -24.47
N PRO C 82 26.95 -9.13 -24.17
CA PRO C 82 27.36 -7.79 -24.62
C PRO C 82 27.27 -7.60 -26.13
N ALA C 83 27.71 -8.59 -26.91
CA ALA C 83 27.66 -8.43 -28.37
C ALA C 83 26.22 -8.22 -28.84
N PHE C 84 25.27 -8.96 -28.28
CA PHE C 84 23.87 -8.76 -28.62
C PHE C 84 23.42 -7.34 -28.27
N LEU C 85 23.73 -6.89 -27.04
CA LEU C 85 23.41 -5.52 -26.66
C LEU C 85 24.06 -4.51 -27.58
N ARG C 86 25.24 -4.85 -28.12
CA ARG C 86 25.92 -3.95 -29.03
C ARG C 86 25.12 -3.73 -30.32
N ARG C 87 24.64 -4.82 -30.93
CA ARG C 87 23.80 -4.67 -32.13
C ARG C 87 22.49 -3.98 -31.80
N VAL C 88 21.99 -4.11 -30.57
CA VAL C 88 20.89 -3.26 -30.17
C VAL C 88 21.31 -1.79 -30.22
N ALA C 89 22.55 -1.50 -29.82
CA ALA C 89 23.01 -0.12 -29.75
C ALA C 89 23.40 0.43 -31.12
N GLU C 90 24.19 -0.33 -31.89
CA GLU C 90 24.58 0.12 -33.23
C GLU C 90 23.36 0.45 -34.08
N GLU C 91 22.23 -0.21 -33.82
CA GLU C 91 21.03 0.06 -34.61
C GLU C 91 20.27 1.29 -34.11
N THR C 92 20.26 1.53 -32.80
CA THR C 92 19.40 2.55 -32.22
C THR C 92 20.13 3.80 -31.75
N GLY C 93 21.46 3.78 -31.71
CA GLY C 93 22.19 4.91 -31.17
C GLY C 93 22.04 5.02 -29.66
N LEU C 94 21.22 4.17 -29.06
CA LEU C 94 21.05 4.18 -27.62
C LEU C 94 22.33 3.69 -26.94
N ASN C 95 22.72 4.37 -25.86
CA ASN C 95 23.90 3.95 -25.12
C ASN C 95 23.50 2.85 -24.15
N ILE C 96 24.25 1.74 -24.16
CA ILE C 96 23.92 0.58 -23.34
C ILE C 96 25.13 0.24 -22.49
N ILE C 97 24.99 0.38 -21.18
CA ILE C 97 26.02 -0.01 -20.22
C ILE C 97 25.62 -1.35 -19.62
N CYS C 98 26.54 -2.30 -19.62
CA CYS C 98 26.28 -3.61 -19.05
C CYS C 98 27.06 -3.77 -17.76
N ALA C 99 26.83 -4.90 -17.10
CA ALA C 99 27.37 -5.13 -15.78
C ALA C 99 28.28 -6.36 -15.77
N THR C 100 29.02 -6.45 -14.68
CA THR C 100 29.73 -7.67 -14.28
C THR C 100 29.28 -7.96 -12.86
N GLY C 101 28.84 -9.19 -12.62
CA GLY C 101 28.28 -9.51 -11.32
C GLY C 101 27.44 -10.77 -11.39
N TYR C 102 27.26 -11.38 -10.23
CA TYR C 102 26.51 -12.61 -10.08
C TYR C 102 25.23 -12.37 -9.30
N PRO C 103 24.21 -13.19 -9.52
CA PRO C 103 22.97 -13.03 -8.75
C PRO C 103 23.16 -13.49 -7.30
N TYR C 104 22.23 -13.04 -6.46
CA TYR C 104 22.26 -13.46 -5.07
C TYR C 104 21.98 -14.96 -4.97
N GLU C 105 22.39 -15.53 -3.84
CA GLU C 105 22.40 -16.98 -3.70
C GLU C 105 21.04 -17.61 -3.88
N GLY C 106 19.97 -16.90 -3.49
CA GLY C 106 18.65 -17.50 -3.52
C GLY C 106 18.08 -17.68 -4.92
N GLU C 107 18.51 -16.82 -5.87
CA GLU C 107 18.01 -16.86 -7.25
C GLU C 107 19.14 -17.15 -8.26
N GLY C 108 20.14 -17.90 -7.83
CA GLY C 108 21.23 -18.15 -8.77
C GLY C 108 21.84 -19.54 -8.75
N ALA C 109 23.11 -19.60 -9.14
CA ALA C 109 23.85 -20.86 -9.25
C ALA C 109 25.15 -20.75 -8.46
N PRO C 110 25.09 -20.92 -7.14
CA PRO C 110 26.30 -20.78 -6.28
C PRO C 110 27.37 -21.85 -6.49
N PRO C 111 27.03 -23.13 -6.87
CA PRO C 111 28.06 -24.20 -6.86
C PRO C 111 29.45 -23.83 -7.38
N TYR C 112 29.54 -22.96 -8.38
CA TYR C 112 30.82 -22.72 -9.03
C TYR C 112 31.78 -21.97 -8.12
N PHE C 113 31.35 -20.84 -7.57
CA PHE C 113 32.19 -20.08 -6.67
C PHE C 113 32.11 -20.58 -5.23
N GLN C 114 31.07 -21.33 -4.86
CA GLN C 114 31.11 -22.08 -3.62
C GLN C 114 32.26 -23.09 -3.63
N PHE C 115 32.50 -23.70 -4.79
CA PHE C 115 33.60 -24.65 -4.93
C PHE C 115 34.95 -23.97 -4.72
N ARG C 116 35.22 -22.91 -5.48
CA ARG C 116 36.48 -22.20 -5.33
C ARG C 116 36.60 -21.54 -3.96
N ARG C 117 35.48 -21.39 -3.25
CA ARG C 117 35.54 -21.01 -1.84
C ARG C 117 36.16 -22.12 -1.00
N LEU C 118 35.89 -23.38 -1.36
CA LEU C 118 36.58 -24.49 -0.70
C LEU C 118 38.08 -24.47 -1.01
N LEU C 119 38.43 -24.21 -2.28
CA LEU C 119 39.82 -24.11 -2.67
C LEU C 119 40.52 -22.87 -2.11
N GLY C 120 39.77 -21.96 -1.50
CA GLY C 120 40.36 -20.78 -0.87
C GLY C 120 40.70 -19.66 -1.82
N THR C 121 40.13 -19.65 -3.02
CA THR C 121 40.51 -18.68 -4.04
C THR C 121 39.35 -17.85 -4.56
N ALA C 122 38.16 -17.96 -3.98
CA ALA C 122 36.96 -17.41 -4.60
C ALA C 122 37.00 -15.88 -4.67
N GLU C 123 37.18 -15.20 -3.52
CA GLU C 123 37.15 -13.74 -3.54
C GLU C 123 38.25 -13.17 -4.43
N ASP C 124 39.42 -13.81 -4.47
CA ASP C 124 40.46 -13.37 -5.38
C ASP C 124 40.08 -13.64 -6.84
N ASP C 125 39.36 -14.73 -7.11
CA ASP C 125 38.93 -15.03 -8.47
C ASP C 125 37.81 -14.08 -8.90
N ILE C 126 36.90 -13.76 -7.98
CA ILE C 126 35.84 -12.80 -8.28
C ILE C 126 36.43 -11.45 -8.62
N TYR C 127 37.34 -10.97 -7.77
CA TYR C 127 38.04 -9.73 -8.02
C TYR C 127 38.69 -9.73 -9.40
N ASP C 128 39.42 -10.80 -9.72
CA ASP C 128 40.03 -10.93 -11.04
C ASP C 128 38.98 -10.81 -12.14
N MET C 129 37.85 -11.51 -11.98
CA MET C 129 36.75 -11.39 -12.93
C MET C 129 36.29 -9.94 -13.07
N PHE C 130 35.97 -9.29 -11.94
CA PHE C 130 35.50 -7.91 -11.99
C PHE C 130 36.52 -7.01 -12.67
N MET C 131 37.79 -7.12 -12.26
CA MET C 131 38.85 -6.34 -12.89
C MET C 131 38.95 -6.62 -14.38
N ALA C 132 38.95 -7.90 -14.77
CA ALA C 132 39.20 -8.25 -16.16
C ALA C 132 38.12 -7.71 -17.08
N GLU C 133 36.88 -7.69 -16.62
CA GLU C 133 35.79 -7.21 -17.46
C GLU C 133 35.59 -5.71 -17.37
N LEU C 134 36.07 -5.07 -16.30
CA LEU C 134 35.95 -3.63 -16.16
C LEU C 134 37.04 -2.89 -16.90
N THR C 135 38.24 -3.46 -16.99
CA THR C 135 39.38 -2.80 -17.61
C THR C 135 39.84 -3.43 -18.91
N GLU C 136 39.64 -4.75 -19.11
CA GLU C 136 40.09 -5.41 -20.32
C GLU C 136 38.94 -5.67 -21.30
N GLY C 137 37.92 -6.39 -20.86
CA GLY C 137 36.77 -6.67 -21.72
C GLY C 137 36.10 -7.98 -21.34
N ILE C 138 34.83 -8.08 -21.69
CA ILE C 138 34.03 -9.28 -21.42
C ILE C 138 34.29 -10.30 -22.53
N ALA C 139 34.87 -11.44 -22.16
CA ALA C 139 35.11 -12.56 -23.08
C ALA C 139 35.97 -12.04 -24.22
N ASP C 140 35.67 -12.36 -25.48
CA ASP C 140 36.35 -11.78 -26.62
C ASP C 140 35.51 -10.69 -27.28
N THR C 141 34.43 -10.24 -26.62
CA THR C 141 33.53 -9.26 -27.21
C THR C 141 34.13 -7.86 -27.31
N GLY C 142 35.29 -7.62 -26.71
CA GLY C 142 35.90 -6.30 -26.70
C GLY C 142 35.17 -5.25 -25.89
N ILE C 143 34.08 -5.62 -25.22
CA ILE C 143 33.25 -4.70 -24.46
C ILE C 143 33.62 -4.81 -22.98
N LYS C 144 33.73 -3.66 -22.32
CA LYS C 144 33.95 -3.61 -20.88
C LYS C 144 32.65 -3.27 -20.16
N ALA C 145 32.46 -3.86 -18.99
CA ALA C 145 31.31 -3.50 -18.16
C ALA C 145 31.52 -2.12 -17.56
N GLY C 146 30.42 -1.38 -17.42
CA GLY C 146 30.47 -0.04 -16.86
C GLY C 146 29.99 0.04 -15.43
N VAL C 147 29.42 -1.06 -14.92
CA VAL C 147 28.97 -1.13 -13.52
C VAL C 147 29.30 -2.49 -12.96
N ILE C 148 29.34 -2.56 -11.63
CA ILE C 148 29.43 -3.83 -10.94
C ILE C 148 28.05 -4.13 -10.37
N LEU C 150 25.73 -6.27 -7.79
CA LEU C 150 25.72 -7.08 -6.57
C LEU C 150 24.28 -7.35 -6.13
N ALA C 151 24.08 -8.42 -5.36
CA ALA C 151 22.76 -8.78 -4.88
C ALA C 151 22.90 -9.53 -3.56
N SER C 152 21.89 -9.38 -2.70
CA SER C 152 21.81 -10.13 -1.46
C SER C 152 20.49 -10.89 -1.42
N SER C 153 20.38 -11.77 -0.43
CA SER C 153 19.17 -12.56 -0.24
C SER C 153 18.19 -11.81 0.66
N LYS C 154 17.08 -12.47 0.99
CA LYS C 154 16.03 -11.86 1.80
C LYS C 154 16.45 -11.83 3.27
N GLY C 155 16.50 -10.63 3.85
CA GLY C 155 16.78 -10.46 5.25
C GLY C 155 18.16 -10.91 5.68
N ARG C 156 19.06 -11.12 4.72
CA ARG C 156 20.40 -11.64 4.99
C ARG C 156 21.32 -11.29 3.84
N ILE C 157 22.58 -11.02 4.16
CA ILE C 157 23.65 -11.01 3.18
C ILE C 157 24.48 -12.26 3.45
N THR C 158 24.30 -13.29 2.63
CA THR C 158 24.91 -14.59 2.91
C THR C 158 26.42 -14.52 2.79
N GLU C 159 27.09 -15.52 3.37
CA GLU C 159 28.54 -15.60 3.29
C GLU C 159 29.01 -15.69 1.84
N TYR C 160 28.26 -16.40 1.01
CA TYR C 160 28.57 -16.47 -0.42
C TYR C 160 28.50 -15.09 -1.06
N GLU C 161 27.46 -14.32 -0.74
CA GLU C 161 27.30 -13.01 -1.34
C GLU C 161 28.35 -12.03 -0.85
N LYS C 162 28.86 -12.23 0.36
CA LYS C 162 29.81 -11.29 0.95
C LYS C 162 31.17 -11.35 0.27
N MET C 163 31.50 -12.46 -0.40
CA MET C 163 32.71 -12.49 -1.23
C MET C 163 32.60 -11.50 -2.37
N PHE C 164 31.47 -11.53 -3.09
CA PHE C 164 31.24 -10.59 -4.19
C PHE C 164 31.21 -9.15 -3.70
N PHE C 165 30.62 -8.93 -2.51
CA PHE C 165 30.59 -7.58 -1.95
C PHE C 165 32.00 -7.09 -1.60
N ARG C 166 32.86 -8.00 -1.14
CA ARG C 166 34.23 -7.60 -0.82
C ARG C 166 35.05 -7.37 -2.08
N ALA C 167 34.97 -8.31 -3.03
CA ALA C 167 35.71 -8.15 -4.28
C ALA C 167 35.25 -6.93 -5.07
N ALA C 168 33.99 -6.53 -4.88
CA ALA C 168 33.49 -5.36 -5.58
C ALA C 168 34.09 -4.08 -5.01
N ALA C 169 34.28 -4.04 -3.69
CA ALA C 169 34.91 -2.88 -3.06
C ALA C 169 36.37 -2.75 -3.46
N ARG C 170 37.06 -3.87 -3.68
CA ARG C 170 38.46 -3.80 -4.07
C ARG C 170 38.60 -3.28 -5.49
N ALA C 171 37.83 -3.84 -6.41
CA ALA C 171 37.88 -3.38 -7.80
C ALA C 171 37.43 -1.93 -7.91
N GLN C 172 36.47 -1.52 -7.08
CA GLN C 172 36.03 -0.13 -7.12
C GLN C 172 37.15 0.82 -6.71
N LYS C 173 37.89 0.48 -5.66
CA LYS C 173 38.99 1.34 -5.21
C LYS C 173 40.16 1.36 -6.19
N GLU C 174 40.17 0.48 -7.19
CA GLU C 174 41.17 0.52 -8.25
C GLU C 174 40.64 1.06 -9.57
N THR C 175 39.33 0.95 -9.82
CA THR C 175 38.73 1.42 -11.06
C THR C 175 37.71 2.54 -10.88
N GLY C 176 37.27 2.83 -9.67
CA GLY C 176 36.23 3.83 -9.47
C GLY C 176 34.89 3.52 -10.09
N ALA C 177 34.67 2.27 -10.53
CA ALA C 177 33.46 1.92 -11.26
C ALA C 177 32.22 2.13 -10.41
N VAL C 178 31.08 2.20 -11.08
CA VAL C 178 29.80 2.31 -10.41
C VAL C 178 29.38 0.93 -9.92
N ILE C 179 28.72 0.90 -8.76
CA ILE C 179 28.17 -0.33 -8.21
C ILE C 179 26.66 -0.19 -8.19
N ILE C 180 25.96 -1.18 -8.76
CA ILE C 180 24.51 -1.25 -8.67
C ILE C 180 24.15 -2.52 -7.92
N THR C 181 23.22 -2.41 -6.98
CA THR C 181 22.87 -3.54 -6.15
C THR C 181 21.44 -3.99 -6.41
N HIS C 182 21.14 -5.17 -5.88
CA HIS C 182 19.80 -5.73 -5.88
C HIS C 182 19.49 -6.14 -4.44
N THR C 183 18.39 -5.63 -3.89
CA THR C 183 17.93 -6.00 -2.56
C THR C 183 16.70 -6.89 -2.70
N GLN C 184 16.62 -7.91 -1.86
CA GLN C 184 15.57 -8.91 -1.97
C GLN C 184 14.41 -8.56 -1.04
N GLU C 185 13.20 -8.47 -1.62
CA GLU C 185 11.97 -8.15 -0.90
C GLU C 185 12.15 -6.92 0.00
N GLY C 186 12.85 -5.92 -0.50
CA GLY C 186 13.03 -4.69 0.26
C GLY C 186 13.77 -4.85 1.56
N THR C 187 14.70 -5.79 1.63
CA THR C 187 15.52 -5.97 2.82
C THR C 187 16.96 -5.58 2.53
N MET C 188 17.71 -5.34 3.61
CA MET C 188 19.17 -5.24 3.62
C MET C 188 19.71 -4.02 2.86
N GLY C 189 18.89 -2.99 2.65
CA GLY C 189 19.36 -1.76 2.05
C GLY C 189 20.49 -1.10 2.83
N PRO C 190 20.23 -0.70 4.09
CA PRO C 190 21.31 -0.12 4.88
C PRO C 190 22.47 -1.08 5.09
N GLU C 191 22.20 -2.38 5.07
CA GLU C 191 23.25 -3.37 5.31
C GLU C 191 24.22 -3.46 4.14
N GLN C 192 23.71 -3.38 2.91
CA GLN C 192 24.58 -3.34 1.74
C GLN C 192 25.42 -2.09 1.75
N ALA C 193 24.80 -0.93 1.98
CA ALA C 193 25.55 0.32 2.00
C ALA C 193 26.58 0.31 3.12
N ALA C 194 26.19 -0.14 4.31
CA ALA C 194 27.13 -0.22 5.43
C ALA C 194 28.27 -1.19 5.13
N TYR C 195 27.96 -2.35 4.54
CA TYR C 195 29.00 -3.35 4.31
C TYR C 195 29.96 -2.91 3.21
N LEU C 196 29.47 -2.21 2.20
CA LEU C 196 30.37 -1.71 1.16
C LEU C 196 31.26 -0.60 1.68
N LEU C 197 30.71 0.31 2.47
CA LEU C 197 31.52 1.37 3.06
C LEU C 197 32.44 0.85 4.16
N GLU C 198 32.13 -0.31 4.73
CA GLU C 198 33.03 -0.95 5.68
C GLU C 198 34.27 -1.49 4.99
N HIS C 199 34.26 -1.64 3.67
CA HIS C 199 35.39 -2.17 2.90
C HIS C 199 35.91 -1.16 1.90
N GLY C 200 35.57 0.12 2.05
CA GLY C 200 36.22 1.19 1.32
C GLY C 200 35.48 1.70 0.10
N ALA C 201 34.27 1.23 -0.16
CA ALA C 201 33.53 1.61 -1.36
C ALA C 201 32.97 3.04 -1.23
N ASP C 202 33.14 3.83 -2.27
CA ASP C 202 32.64 5.20 -2.29
C ASP C 202 31.12 5.18 -2.36
N PRO C 203 30.41 5.74 -1.38
CA PRO C 203 28.94 5.79 -1.47
C PRO C 203 28.42 6.68 -2.58
N LYS C 204 29.22 7.61 -3.12
CA LYS C 204 28.82 8.36 -4.29
C LYS C 204 28.92 7.53 -5.57
N LYS C 205 29.24 6.24 -5.43
CA LYS C 205 29.38 5.33 -6.56
C LYS C 205 28.54 4.07 -6.40
N ILE C 206 27.52 4.11 -5.53
CA ILE C 206 26.75 2.94 -5.16
C ILE C 206 25.27 3.22 -5.37
N VAL C 207 24.60 2.31 -6.06
CA VAL C 207 23.15 2.39 -6.25
C VAL C 207 22.54 1.17 -5.59
N ILE C 208 21.82 1.40 -4.49
CA ILE C 208 21.08 0.34 -3.81
C ILE C 208 19.77 0.15 -4.57
N GLY C 209 19.66 -0.94 -5.33
CA GLY C 209 18.51 -1.15 -6.17
C GLY C 209 17.33 -1.78 -5.45
N HIS C 210 16.19 -1.79 -6.13
CA HIS C 210 14.99 -2.47 -5.68
C HIS C 210 14.50 -1.97 -4.30
N MET C 211 14.89 -0.76 -3.92
CA MET C 211 14.46 -0.20 -2.65
C MET C 211 12.96 0.01 -2.61
N CYS C 212 12.32 0.16 -3.77
CA CYS C 212 10.88 0.27 -3.86
C CYS C 212 10.17 -0.95 -3.31
N GLY C 213 10.89 -2.05 -3.05
CA GLY C 213 10.31 -3.22 -2.41
C GLY C 213 9.99 -3.03 -0.95
N ASN C 214 10.39 -1.91 -0.35
CA ASN C 214 10.06 -1.57 1.03
C ASN C 214 9.24 -0.29 1.05
N THR C 215 8.12 -0.31 1.76
CA THR C 215 7.19 0.81 1.83
C THR C 215 7.38 1.66 3.07
N ASP C 216 8.43 1.40 3.86
CA ASP C 216 8.65 2.13 5.11
C ASP C 216 9.66 3.23 4.87
N PRO C 217 9.27 4.51 4.91
CA PRO C 217 10.23 5.59 4.65
C PRO C 217 11.35 5.67 5.66
N ASP C 218 11.18 5.15 6.87
CA ASP C 218 12.31 5.08 7.80
C ASP C 218 13.40 4.18 7.25
N TYR C 219 13.02 3.04 6.67
CA TYR C 219 13.99 2.14 6.08
C TYR C 219 14.69 2.78 4.89
N HIS C 220 13.97 3.64 4.16
CA HIS C 220 14.60 4.36 3.06
C HIS C 220 15.53 5.44 3.59
N ARG C 221 15.07 6.22 4.57
CA ARG C 221 15.91 7.25 5.16
C ARG C 221 17.17 6.66 5.78
N LYS C 222 17.08 5.44 6.34
CA LYS C 222 18.26 4.79 6.90
C LYS C 222 19.28 4.44 5.83
N THR C 223 18.83 4.20 4.60
CA THR C 223 19.75 3.84 3.52
C THR C 223 20.36 5.07 2.87
N LEU C 224 19.54 6.09 2.60
CA LEU C 224 20.04 7.35 2.06
C LEU C 224 21.06 7.98 2.99
N ALA C 225 20.93 7.75 4.29
CA ALA C 225 21.86 8.33 5.26
C ALA C 225 23.29 7.89 5.02
N TYR C 226 23.50 6.75 4.36
CA TYR C 226 24.84 6.29 4.07
C TYR C 226 25.50 7.03 2.92
N GLY C 227 24.78 7.92 2.23
CA GLY C 227 25.35 8.64 1.11
C GLY C 227 25.31 7.91 -0.20
N VAL C 228 24.45 6.90 -0.31
CA VAL C 228 24.35 6.08 -1.49
C VAL C 228 23.17 6.54 -2.33
N TYR C 229 23.04 5.98 -3.52
CA TYR C 229 21.83 6.13 -4.31
C TYR C 229 20.88 4.99 -3.97
N ILE C 230 19.59 5.28 -4.07
CA ILE C 230 18.57 4.25 -4.05
C ILE C 230 17.79 4.33 -5.35
N ALA C 231 17.35 3.18 -5.83
CA ALA C 231 16.72 3.06 -7.14
C ALA C 231 15.34 2.44 -6.96
N PHE C 232 14.29 3.26 -7.10
CA PHE C 232 12.94 2.74 -7.26
C PHE C 232 12.85 2.21 -8.69
N ASP C 233 13.27 0.96 -8.89
CA ASP C 233 13.58 0.45 -10.22
C ASP C 233 12.70 -0.73 -10.63
N ARG C 234 11.59 -0.96 -9.92
CA ARG C 234 10.71 -2.09 -10.25
C ARG C 234 9.29 -1.61 -10.54
N PHE C 235 9.14 -0.37 -11.00
CA PHE C 235 7.81 0.14 -11.33
C PHE C 235 7.14 -0.75 -12.35
N GLY C 236 5.88 -1.11 -12.07
CA GLY C 236 5.11 -1.96 -12.96
C GLY C 236 5.12 -3.43 -12.58
N ILE C 237 5.97 -3.83 -11.63
CA ILE C 237 5.93 -5.18 -11.08
C ILE C 237 5.05 -5.13 -9.85
N GLN C 238 3.85 -5.69 -9.95
CA GLN C 238 2.94 -5.74 -8.82
C GLN C 238 2.53 -7.16 -8.52
N GLY C 239 2.25 -7.43 -7.23
CA GLY C 239 1.76 -8.72 -6.76
C GLY C 239 2.71 -9.89 -6.87
N MET C 240 3.83 -9.77 -7.58
CA MET C 240 4.84 -10.82 -7.68
C MET C 240 6.11 -10.38 -6.98
N VAL C 241 7.03 -11.34 -6.82
CA VAL C 241 8.27 -11.21 -6.05
C VAL C 241 7.96 -10.56 -4.70
N GLY C 242 6.73 -10.74 -4.23
CA GLY C 242 6.25 -10.18 -2.98
C GLY C 242 6.07 -8.68 -2.96
N ALA C 243 6.44 -7.99 -4.04
CA ALA C 243 6.63 -6.56 -4.02
C ALA C 243 5.32 -5.80 -3.79
N PRO C 244 5.38 -4.52 -3.46
CA PRO C 244 4.17 -3.75 -3.20
C PRO C 244 3.45 -3.38 -4.50
N THR C 245 2.30 -2.73 -4.34
CA THR C 245 1.60 -2.18 -5.48
C THR C 245 2.24 -0.86 -5.90
N ASP C 246 2.11 -0.56 -7.20
CA ASP C 246 2.69 0.65 -7.77
C ASP C 246 2.23 1.91 -7.03
N GLU C 247 0.95 1.96 -6.67
CA GLU C 247 0.48 3.06 -5.83
C GLU C 247 1.31 3.15 -4.56
N GLU C 248 1.60 2.01 -3.94
CA GLU C 248 2.43 2.00 -2.74
C GLU C 248 3.82 2.56 -3.03
N ARG C 249 4.34 2.33 -4.22
CA ARG C 249 5.63 2.91 -4.61
C ARG C 249 5.55 4.42 -4.68
N VAL C 250 4.50 4.95 -5.33
CA VAL C 250 4.36 6.40 -5.48
C VAL C 250 4.35 7.05 -4.11
N ARG C 251 3.57 6.49 -3.18
CA ARG C 251 3.42 7.08 -1.86
C ARG C 251 4.74 7.08 -1.10
N THR C 252 5.55 6.04 -1.26
CA THR C 252 6.87 6.04 -0.64
C THR C 252 7.78 7.06 -1.31
N LEU C 253 7.72 7.16 -2.64
CA LEU C 253 8.60 8.08 -3.36
C LEU C 253 8.18 9.53 -3.13
N LEU C 254 6.86 9.79 -3.14
CA LEU C 254 6.38 11.14 -2.87
C LEU C 254 6.88 11.66 -1.53
N ALA C 255 7.04 10.79 -0.54
CA ALA C 255 7.50 11.22 0.77
C ALA C 255 8.99 11.57 0.74
N LEU C 256 9.78 10.79 0.01
CA LEU C 256 11.22 11.07 -0.07
C LEU C 256 11.49 12.34 -0.86
N LEU C 257 10.72 12.59 -1.91
CA LEU C 257 10.90 13.81 -2.69
C LEU C 257 10.42 15.03 -1.93
N ARG C 258 9.33 14.89 -1.17
CA ARG C 258 8.88 15.98 -0.31
C ARG C 258 9.92 16.29 0.78
N ASP C 259 10.72 15.30 1.16
CA ASP C 259 11.75 15.46 2.19
C ASP C 259 13.08 15.94 1.62
N GLY C 260 13.17 16.19 0.31
CA GLY C 260 14.39 16.71 -0.25
C GLY C 260 15.48 15.68 -0.46
N TYR C 261 15.11 14.51 -1.01
CA TYR C 261 16.08 13.45 -1.30
C TYR C 261 16.26 13.23 -2.79
N GLU C 262 15.96 14.23 -3.61
CA GLU C 262 15.89 14.04 -5.07
C GLU C 262 17.26 13.77 -5.69
N LYS C 263 18.34 14.19 -5.06
CA LYS C 263 19.66 14.00 -5.67
C LYS C 263 20.22 12.60 -5.49
N GLN C 264 19.52 11.70 -4.78
CA GLN C 264 20.02 10.35 -4.54
C GLN C 264 19.10 9.27 -5.06
N ILE C 265 18.11 9.60 -5.89
CA ILE C 265 17.05 8.66 -6.25
C ILE C 265 17.00 8.53 -7.76
N MET C 266 16.78 7.29 -8.22
CA MET C 266 16.62 7.02 -9.63
C MET C 266 15.42 6.10 -9.82
N LEU C 267 14.90 6.05 -11.05
CA LEU C 267 13.67 5.33 -11.34
C LEU C 267 13.87 4.41 -12.55
N SER C 268 13.29 3.22 -12.48
CA SER C 268 13.39 2.24 -13.57
C SER C 268 12.25 1.25 -13.41
N HIS C 269 12.19 0.27 -14.34
CA HIS C 269 11.17 -0.77 -14.31
C HIS C 269 11.73 -2.17 -14.09
N ASN C 270 13.00 -2.41 -14.43
CA ASN C 270 13.59 -3.74 -14.34
C ASN C 270 12.90 -4.70 -15.31
N THR C 271 12.59 -4.20 -16.50
CA THR C 271 11.91 -5.01 -17.48
C THR C 271 12.78 -6.18 -17.93
N VAL C 272 12.13 -7.26 -18.34
CA VAL C 272 12.77 -8.35 -19.07
C VAL C 272 12.10 -8.34 -20.43
N ASN C 273 12.79 -7.78 -21.42
CA ASN C 273 12.18 -7.61 -22.74
C ASN C 273 12.20 -8.90 -23.54
N VAL C 274 13.25 -9.71 -23.39
CA VAL C 274 13.31 -11.03 -24.02
C VAL C 274 13.72 -12.01 -22.93
N TRP C 275 12.80 -12.90 -22.56
CA TRP C 275 13.10 -13.96 -21.61
C TRP C 275 13.85 -15.08 -22.32
N LEU C 276 14.84 -15.64 -21.64
CA LEU C 276 15.64 -16.73 -22.17
C LEU C 276 15.13 -18.07 -21.63
N GLY C 277 15.31 -19.10 -22.43
CA GLY C 277 14.65 -20.37 -22.14
C GLY C 277 13.23 -20.40 -22.69
N ARG C 278 12.41 -21.27 -22.11
CA ARG C 278 11.06 -21.48 -22.61
C ARG C 278 10.20 -20.24 -22.38
N PRO C 279 9.40 -19.83 -23.37
CA PRO C 279 8.35 -18.84 -23.12
C PRO C 279 7.33 -19.38 -22.14
N PHE C 280 6.52 -18.46 -21.61
CA PHE C 280 5.48 -18.79 -20.64
C PHE C 280 4.35 -17.78 -20.77
N THR C 281 3.31 -17.99 -19.99
CA THR C 281 2.28 -16.98 -19.77
C THR C 281 2.01 -16.90 -18.27
N LEU C 282 1.67 -15.74 -17.82
CA LEU C 282 1.38 -15.80 -16.41
C LEU C 282 -0.12 -15.97 -16.19
N PRO C 283 -0.53 -16.63 -15.09
CA PRO C 283 -1.96 -16.84 -14.87
C PRO C 283 -2.67 -15.54 -14.54
N GLU C 284 -3.89 -15.41 -15.07
CA GLU C 284 -4.70 -14.18 -15.08
C GLU C 284 -4.76 -13.41 -13.77
N PRO C 285 -4.64 -14.06 -12.58
CA PRO C 285 -4.36 -13.28 -11.37
C PRO C 285 -3.12 -12.42 -11.54
N PHE C 286 -1.97 -13.08 -11.77
CA PHE C 286 -0.72 -12.35 -11.89
C PHE C 286 -0.69 -11.51 -13.16
N ALA C 287 -1.34 -11.98 -14.23
CA ALA C 287 -1.12 -11.40 -15.56
C ALA C 287 -1.64 -9.96 -15.63
N GLU C 288 -2.77 -9.67 -15.00
CA GLU C 288 -3.35 -8.35 -15.14
C GLU C 288 -2.73 -7.34 -14.18
N MET C 289 -2.29 -7.77 -13.01
CA MET C 289 -1.53 -6.88 -12.13
C MET C 289 -0.18 -6.50 -12.74
N MET C 290 0.36 -7.32 -13.64
CA MET C 290 1.66 -7.08 -14.25
C MET C 290 1.56 -6.32 -15.56
N LYS C 291 0.36 -5.85 -15.92
CA LYS C 291 0.10 -5.32 -17.26
C LYS C 291 0.81 -4.02 -17.55
N ASN C 292 1.38 -3.35 -16.55
CA ASN C 292 2.17 -2.14 -16.77
C ASN C 292 3.67 -2.42 -16.79
N TRP C 293 4.08 -3.68 -16.77
CA TRP C 293 5.50 -4.01 -16.65
C TRP C 293 6.15 -3.90 -18.02
N HIS C 294 6.30 -2.67 -18.48
CA HIS C 294 6.91 -2.39 -19.77
C HIS C 294 7.73 -1.11 -19.67
N VAL C 295 8.53 -0.85 -20.69
CA VAL C 295 9.49 0.25 -20.65
C VAL C 295 8.84 1.63 -20.75
N GLU C 296 7.56 1.70 -21.11
CA GLU C 296 6.85 2.97 -21.25
C GLU C 296 6.07 3.36 -20.01
N HIS C 297 6.11 2.53 -18.96
CA HIS C 297 5.24 2.71 -17.81
C HIS C 297 5.59 3.96 -17.01
N LEU C 298 6.88 4.22 -16.80
CA LEU C 298 7.29 5.40 -16.06
C LEU C 298 6.81 6.68 -16.75
N PHE C 299 6.88 6.71 -18.08
CA PHE C 299 6.59 7.93 -18.82
C PHE C 299 5.14 8.06 -19.24
N VAL C 300 4.39 6.97 -19.30
CA VAL C 300 2.99 7.07 -19.67
C VAL C 300 2.08 7.19 -18.44
N ASN C 301 2.43 6.53 -17.33
CA ASN C 301 1.55 6.56 -16.17
C ASN C 301 2.19 7.17 -14.94
N ILE C 302 3.40 6.74 -14.55
CA ILE C 302 3.98 7.20 -13.28
C ILE C 302 4.22 8.69 -13.30
N ILE C 303 5.09 9.16 -14.22
CA ILE C 303 5.48 10.57 -14.22
C ILE C 303 4.30 11.51 -14.34
N PRO C 304 3.25 11.23 -15.14
CA PRO C 304 2.07 12.11 -15.09
C PRO C 304 1.41 12.15 -13.73
N ALA C 305 1.33 11.01 -13.04
CA ALA C 305 0.74 10.97 -11.71
C ALA C 305 1.64 11.64 -10.68
N LEU C 306 2.93 11.80 -10.96
CA LEU C 306 3.81 12.57 -10.09
C LEU C 306 3.67 14.07 -10.33
N LYS C 307 3.61 14.47 -11.60
CA LYS C 307 3.42 15.89 -11.92
C LYS C 307 2.14 16.43 -11.32
N ASN C 308 1.06 15.65 -11.38
CA ASN C 308 -0.22 16.11 -10.84
C ASN C 308 -0.24 16.08 -9.31
N GLU C 309 0.57 15.25 -8.67
CA GLU C 309 0.69 15.28 -7.23
C GLU C 309 1.74 16.27 -6.76
N GLY C 310 2.26 17.09 -7.67
CA GLY C 310 3.06 18.24 -7.30
C GLY C 310 4.56 18.13 -7.48
N ILE C 311 5.05 17.18 -8.28
CA ILE C 311 6.48 17.07 -8.55
C ILE C 311 6.79 17.83 -9.84
N ARG C 312 7.91 18.52 -9.85
CA ARG C 312 8.21 19.49 -10.89
C ARG C 312 9.32 19.00 -11.82
N ASP C 313 9.37 19.63 -13.00
CA ASP C 313 10.26 19.18 -14.07
C ASP C 313 11.71 19.05 -13.60
N GLU C 314 12.19 20.02 -12.81
CA GLU C 314 13.58 19.99 -12.37
C GLU C 314 13.87 18.84 -11.42
N VAL C 315 12.84 18.31 -10.75
CA VAL C 315 13.03 17.16 -9.89
C VAL C 315 13.11 15.87 -10.71
N LEU C 316 12.31 15.78 -11.78
CA LEU C 316 12.45 14.68 -12.73
C LEU C 316 13.77 14.75 -13.48
N GLU C 317 14.18 15.94 -13.89
CA GLU C 317 15.47 16.08 -14.57
C GLU C 317 16.61 15.62 -13.67
N GLN C 318 16.51 15.91 -12.37
CA GLN C 318 17.55 15.48 -11.43
C GLN C 318 17.67 13.97 -11.41
N MET C 319 16.55 13.26 -11.24
CA MET C 319 16.63 11.80 -11.14
C MET C 319 17.10 11.17 -12.45
N PHE C 320 16.59 11.64 -13.59
CA PHE C 320 16.81 10.95 -14.85
C PHE C 320 18.09 11.39 -15.56
N ILE C 321 18.47 12.66 -15.47
CA ILE C 321 19.65 13.18 -16.16
C ILE C 321 20.75 13.52 -15.16
N GLY C 322 20.46 14.40 -14.20
CA GLY C 322 21.43 14.79 -13.21
C GLY C 322 22.07 13.64 -12.46
N ASN C 323 21.25 12.82 -11.81
CA ASN C 323 21.77 11.76 -10.95
C ASN C 323 22.66 10.77 -11.69
N PRO C 324 22.27 10.22 -12.86
CA PRO C 324 23.22 9.37 -13.60
C PRO C 324 24.53 10.06 -13.92
N ALA C 325 24.47 11.31 -14.39
CA ALA C 325 25.70 12.01 -14.77
C ALA C 325 26.68 12.11 -13.61
N ALA C 326 26.18 12.41 -12.41
CA ALA C 326 27.09 12.52 -11.27
C ALA C 326 27.51 11.14 -10.77
N LEU C 327 26.67 10.14 -11.01
CA LEU C 327 26.99 8.78 -10.56
C LEU C 327 28.27 8.28 -11.22
N PHE C 328 28.36 8.41 -12.54
CA PHE C 328 29.48 7.86 -13.29
C PHE C 328 30.68 8.80 -13.40
N SER C 329 30.63 9.96 -12.74
CA SER C 329 31.73 10.92 -12.85
C SER C 329 32.47 11.08 -11.53
N GLU D 7 17.58 -54.10 -27.90
CA GLU D 7 18.44 -54.15 -29.07
C GLU D 7 19.35 -52.92 -29.14
N MET D 8 18.74 -51.74 -29.27
CA MET D 8 19.45 -50.51 -29.59
C MET D 8 19.54 -49.57 -28.40
N VAL D 9 20.59 -48.76 -28.38
CA VAL D 9 20.78 -47.70 -27.41
C VAL D 9 21.32 -46.49 -28.16
N GLU D 10 20.80 -45.31 -27.84
CA GLU D 10 21.23 -44.07 -28.51
C GLU D 10 22.60 -43.66 -27.98
N THR D 11 23.62 -43.80 -28.80
CA THR D 11 24.91 -43.19 -28.48
C THR D 11 24.94 -41.78 -29.07
N VAL D 12 26.07 -41.08 -28.85
CA VAL D 12 26.26 -39.78 -29.47
C VAL D 12 26.50 -39.92 -30.96
N CYS D 13 26.79 -41.14 -31.43
CA CYS D 13 26.92 -41.48 -32.84
C CYS D 13 25.70 -42.25 -33.35
N GLY D 14 24.51 -41.94 -32.82
CA GLY D 14 23.29 -42.60 -33.23
C GLY D 14 23.07 -43.92 -32.54
N PRO D 15 22.06 -44.67 -32.98
CA PRO D 15 21.81 -45.99 -32.40
C PRO D 15 23.03 -46.90 -32.54
N VAL D 16 23.27 -47.70 -31.51
CA VAL D 16 24.28 -48.74 -31.52
C VAL D 16 23.62 -49.95 -30.88
N PRO D 17 23.86 -51.17 -31.38
CA PRO D 17 23.31 -52.35 -30.69
C PRO D 17 23.97 -52.54 -29.33
N VAL D 18 23.13 -52.85 -28.34
CA VAL D 18 23.60 -53.08 -26.98
C VAL D 18 24.62 -54.21 -26.95
N GLU D 19 24.54 -55.13 -27.91
CA GLU D 19 25.46 -56.25 -28.04
C GLU D 19 26.89 -55.81 -28.33
N GLN D 20 27.09 -54.56 -28.76
CA GLN D 20 28.41 -54.07 -29.14
C GLN D 20 28.89 -52.96 -28.21
N LEU D 21 28.26 -52.80 -27.04
CA LEU D 21 28.81 -51.92 -26.01
C LEU D 21 30.07 -52.51 -25.39
N GLY D 22 30.05 -53.81 -25.08
CA GLY D 22 31.23 -54.45 -24.53
C GLY D 22 31.56 -53.94 -23.14
N LYS D 23 32.86 -53.74 -22.90
CA LYS D 23 33.31 -53.28 -21.60
C LYS D 23 33.00 -51.80 -21.44
N THR D 24 32.33 -51.45 -20.33
CA THR D 24 31.73 -50.14 -20.16
C THR D 24 32.13 -49.53 -18.82
N LEU D 25 32.32 -48.20 -18.81
CA LEU D 25 32.38 -47.40 -17.59
C LEU D 25 31.08 -46.63 -17.49
N ILE D 26 30.30 -46.91 -16.44
CA ILE D 26 28.92 -46.41 -16.37
C ILE D 26 28.82 -44.94 -15.98
N HIS D 27 29.94 -44.28 -15.66
CA HIS D 27 29.83 -42.92 -15.12
C HIS D 27 31.20 -42.23 -15.15
N GLU D 28 31.45 -41.49 -16.22
CA GLU D 28 32.60 -40.59 -16.32
C GLU D 28 32.17 -39.34 -17.07
N HIS D 29 32.83 -38.22 -16.78
CA HIS D 29 32.56 -36.94 -17.43
C HIS D 29 33.75 -36.54 -18.29
N PHE D 30 33.51 -36.40 -19.61
CA PHE D 30 34.56 -35.84 -20.47
C PHE D 30 34.71 -34.34 -20.23
N LEU D 31 33.59 -33.63 -20.13
CA LEU D 31 33.54 -32.23 -19.69
C LEU D 31 32.60 -32.11 -18.50
N PHE D 32 33.01 -31.34 -17.47
CA PHE D 32 32.08 -31.03 -16.40
C PHE D 32 32.36 -29.65 -15.80
N GLY D 33 31.28 -28.94 -15.46
CA GLY D 33 31.39 -27.69 -14.74
C GLY D 33 30.24 -27.48 -13.78
N TYR D 34 30.53 -26.90 -12.61
CA TYR D 34 29.49 -26.63 -11.63
C TYR D 34 28.62 -25.47 -12.10
N PRO D 35 27.29 -25.56 -11.92
CA PRO D 35 26.40 -24.45 -12.28
C PRO D 35 26.91 -23.13 -11.72
N GLY D 36 27.03 -22.14 -12.62
CA GLY D 36 27.68 -20.88 -12.32
C GLY D 36 28.95 -20.66 -13.12
N PHE D 37 29.56 -21.73 -13.63
CA PHE D 37 30.74 -21.60 -14.48
C PHE D 37 30.45 -20.78 -15.73
N GLN D 38 29.18 -20.72 -16.14
CA GLN D 38 28.83 -19.89 -17.29
C GLN D 38 29.20 -18.42 -17.05
N GLY D 39 29.15 -17.97 -15.80
CA GLY D 39 29.41 -16.56 -15.50
C GLY D 39 30.88 -16.18 -15.52
N ASP D 40 31.78 -17.14 -15.36
CA ASP D 40 33.21 -16.89 -15.42
C ASP D 40 33.76 -17.04 -16.83
N VAL D 41 32.98 -16.62 -17.84
CA VAL D 41 33.35 -16.90 -19.22
C VAL D 41 34.64 -16.19 -19.61
N THR D 42 34.87 -15.00 -19.05
CA THR D 42 36.03 -14.20 -19.43
C THR D 42 37.34 -14.89 -19.05
N ARG D 43 37.42 -15.43 -17.83
CA ARG D 43 38.63 -16.09 -17.35
C ARG D 43 38.54 -17.60 -17.43
N GLY D 44 37.45 -18.15 -17.95
CA GLY D 44 37.27 -19.59 -18.02
C GLY D 44 36.86 -20.04 -19.40
N THR D 45 37.46 -19.41 -20.41
CA THR D 45 37.12 -19.69 -21.79
C THR D 45 37.32 -21.16 -22.13
N PHE D 46 36.34 -21.75 -22.80
CA PHE D 46 36.39 -23.17 -23.17
C PHE D 46 37.32 -23.35 -24.36
N ARG D 47 38.53 -23.85 -24.10
CA ARG D 47 39.51 -24.10 -25.14
C ARG D 47 39.20 -25.44 -25.80
N GLU D 48 38.64 -25.40 -27.01
CA GLU D 48 38.15 -26.63 -27.64
C GLU D 48 39.29 -27.54 -28.08
N ASP D 49 40.39 -26.97 -28.59
CA ASP D 49 41.46 -27.78 -29.17
C ASP D 49 42.19 -28.58 -28.11
N GLU D 50 42.50 -27.94 -26.98
CA GLU D 50 43.16 -28.63 -25.89
C GLU D 50 42.20 -29.56 -25.14
N SER D 51 40.93 -29.17 -25.00
CA SER D 51 39.99 -29.99 -24.25
C SER D 51 39.64 -31.27 -24.99
N LEU D 52 39.58 -31.22 -26.32
CA LEU D 52 39.38 -32.45 -27.08
C LEU D 52 40.62 -33.33 -27.01
N ARG D 53 41.81 -32.72 -27.13
CA ARG D 53 43.04 -33.51 -27.06
C ARG D 53 43.15 -34.21 -25.72
N VAL D 54 42.73 -33.57 -24.64
CA VAL D 54 42.71 -34.23 -23.34
C VAL D 54 41.55 -35.21 -23.26
N ALA D 55 40.39 -34.85 -23.81
CA ALA D 55 39.26 -35.79 -23.83
C ALA D 55 39.56 -36.97 -24.74
N VAL D 56 40.35 -36.77 -25.80
CA VAL D 56 40.78 -37.89 -26.64
C VAL D 56 41.78 -38.77 -25.91
N GLU D 57 42.73 -38.15 -25.20
CA GLU D 57 43.73 -38.94 -24.47
C GLU D 57 43.13 -39.67 -23.29
N ALA D 58 42.05 -39.14 -22.70
CA ALA D 58 41.30 -39.90 -21.71
C ALA D 58 40.74 -41.18 -22.32
N ALA D 59 40.10 -41.06 -23.47
CA ALA D 59 39.53 -42.22 -24.16
C ALA D 59 40.61 -43.26 -24.45
N GLU D 60 41.78 -42.83 -24.92
CA GLU D 60 42.83 -43.79 -25.26
C GLU D 60 43.40 -44.46 -24.01
N LYS D 61 43.30 -43.81 -22.85
CA LYS D 61 43.70 -44.45 -21.60
C LYS D 61 42.72 -45.53 -21.20
N MET D 62 41.43 -45.32 -21.43
CA MET D 62 40.42 -46.31 -21.11
C MET D 62 40.44 -47.47 -22.12
N LYS D 63 40.69 -47.16 -23.40
CA LYS D 63 40.70 -48.19 -24.43
C LYS D 63 41.83 -49.19 -24.21
N ARG D 64 43.00 -48.71 -23.79
CA ARG D 64 44.09 -49.63 -23.47
C ARG D 64 43.69 -50.65 -22.41
N HIS D 65 42.67 -50.36 -21.60
CA HIS D 65 42.15 -51.29 -20.61
C HIS D 65 40.84 -51.94 -21.05
N GLY D 66 40.60 -52.00 -22.35
CA GLY D 66 39.48 -52.75 -22.89
C GLY D 66 38.18 -51.98 -23.02
N ILE D 67 38.05 -50.82 -22.36
CA ILE D 67 36.78 -50.10 -22.34
C ILE D 67 36.36 -49.76 -23.76
N GLN D 68 35.15 -50.17 -24.12
CA GLN D 68 34.58 -49.84 -25.42
C GLN D 68 33.49 -48.79 -25.35
N THR D 69 32.90 -48.59 -24.17
CA THR D 69 31.77 -47.67 -24.02
C THR D 69 31.94 -46.88 -22.73
N VAL D 70 31.57 -45.60 -22.79
CA VAL D 70 31.51 -44.73 -21.61
C VAL D 70 30.13 -44.10 -21.57
N VAL D 71 29.49 -44.16 -20.40
CA VAL D 71 28.23 -43.47 -20.16
C VAL D 71 28.53 -42.17 -19.43
N ASP D 72 28.18 -41.04 -20.05
CA ASP D 72 28.57 -39.71 -19.58
C ASP D 72 27.32 -38.94 -19.16
N PRO D 73 27.01 -38.88 -17.86
CA PRO D 73 25.73 -38.31 -17.44
C PRO D 73 25.79 -36.85 -17.01
N THR D 74 26.61 -36.05 -17.67
CA THR D 74 26.75 -34.65 -17.29
C THR D 74 25.44 -33.89 -17.49
N PRO D 75 24.92 -33.23 -16.47
CA PRO D 75 23.60 -32.59 -16.57
C PRO D 75 23.55 -31.51 -17.65
N ASN D 76 22.31 -31.22 -18.07
CA ASN D 76 22.09 -30.30 -19.18
C ASN D 76 22.68 -28.92 -18.92
N ASP D 77 22.75 -28.49 -17.67
CA ASP D 77 23.27 -27.17 -17.34
C ASP D 77 24.66 -27.22 -16.75
N CYS D 78 25.32 -28.39 -16.79
CA CYS D 78 26.68 -28.56 -16.29
C CYS D 78 27.67 -28.71 -17.44
N GLY D 79 27.44 -28.02 -18.55
CA GLY D 79 28.34 -28.06 -19.68
C GLY D 79 28.21 -29.27 -20.57
N ARG D 80 27.09 -29.99 -20.51
CA ARG D 80 26.89 -31.14 -21.38
C ARG D 80 26.98 -30.72 -22.84
N ASN D 81 27.82 -31.41 -23.60
CA ASN D 81 28.19 -31.01 -24.96
C ASN D 81 28.14 -32.21 -25.89
N PRO D 82 26.94 -32.57 -26.36
CA PRO D 82 26.83 -33.76 -27.23
C PRO D 82 27.66 -33.67 -28.49
N ALA D 83 27.68 -32.51 -29.14
CA ALA D 83 28.50 -32.35 -30.33
C ALA D 83 29.97 -32.61 -30.05
N PHE D 84 30.45 -32.14 -28.90
CA PHE D 84 31.85 -32.37 -28.52
C PHE D 84 32.10 -33.84 -28.25
N LEU D 85 31.19 -34.49 -27.52
CA LEU D 85 31.31 -35.93 -27.26
C LEU D 85 31.36 -36.72 -28.57
N ARG D 86 30.61 -36.28 -29.58
CA ARG D 86 30.66 -36.98 -30.87
C ARG D 86 32.06 -36.94 -31.45
N ARG D 87 32.72 -35.77 -31.39
CA ARG D 87 34.09 -35.68 -31.88
C ARG D 87 35.01 -36.65 -31.16
N VAL D 88 34.87 -36.75 -29.84
CA VAL D 88 35.64 -37.72 -29.05
C VAL D 88 35.38 -39.13 -29.57
N ALA D 89 34.09 -39.46 -29.73
CA ALA D 89 33.71 -40.79 -30.21
C ALA D 89 34.19 -41.04 -31.64
N GLU D 90 34.22 -40.01 -32.49
CA GLU D 90 34.64 -40.23 -33.87
C GLU D 90 36.14 -40.40 -33.97
N GLU D 91 36.90 -39.69 -33.14
CA GLU D 91 38.36 -39.79 -33.19
C GLU D 91 38.84 -41.13 -32.64
N THR D 92 38.14 -41.66 -31.63
CA THR D 92 38.64 -42.80 -30.85
C THR D 92 37.92 -44.10 -31.12
N GLY D 93 36.76 -44.07 -31.77
CA GLY D 93 35.94 -45.25 -31.91
C GLY D 93 35.17 -45.63 -30.68
N LEU D 94 35.41 -44.96 -29.55
CA LEU D 94 34.66 -45.22 -28.33
C LEU D 94 33.21 -44.83 -28.51
N ASN D 95 32.30 -45.67 -28.02
CA ASN D 95 30.91 -45.29 -27.90
C ASN D 95 30.72 -44.46 -26.64
N ILE D 96 29.95 -43.40 -26.74
CA ILE D 96 29.64 -42.57 -25.58
C ILE D 96 28.14 -42.32 -25.54
N ILE D 97 27.53 -42.60 -24.39
CA ILE D 97 26.12 -42.30 -24.13
C ILE D 97 26.05 -41.07 -23.23
N CYS D 98 25.30 -40.05 -23.66
CA CYS D 98 25.07 -38.86 -22.86
C CYS D 98 23.65 -38.88 -22.31
N ALA D 99 23.39 -37.97 -21.36
CA ALA D 99 22.16 -38.01 -20.58
C ALA D 99 21.35 -36.74 -20.79
N THR D 100 20.10 -36.80 -20.33
CA THR D 100 19.26 -35.61 -20.20
C THR D 100 18.83 -35.49 -18.75
N GLY D 101 19.02 -34.32 -18.17
CA GLY D 101 18.66 -34.13 -16.78
C GLY D 101 19.40 -32.96 -16.15
N TYR D 102 19.04 -32.71 -14.90
CA TYR D 102 19.51 -31.59 -14.10
C TYR D 102 20.13 -32.09 -12.80
N PRO D 103 21.08 -31.36 -12.22
CA PRO D 103 21.70 -31.79 -10.98
C PRO D 103 20.78 -31.50 -9.80
N TYR D 104 21.17 -32.01 -8.65
CA TYR D 104 20.38 -31.84 -7.44
C TYR D 104 20.48 -30.42 -6.92
N GLU D 105 19.43 -30.01 -6.19
CA GLU D 105 19.20 -28.63 -5.79
C GLU D 105 20.27 -28.08 -4.86
N GLY D 106 21.22 -28.91 -4.42
CA GLY D 106 22.31 -28.43 -3.59
C GLY D 106 23.47 -27.93 -4.41
N GLU D 107 23.74 -28.60 -5.54
CA GLU D 107 24.78 -28.23 -6.47
C GLU D 107 24.22 -28.01 -7.88
N GLY D 108 23.09 -27.32 -7.97
CA GLY D 108 22.51 -27.04 -9.27
C GLY D 108 22.09 -25.60 -9.43
N ALA D 109 21.25 -25.32 -10.42
CA ALA D 109 20.68 -23.99 -10.64
C ALA D 109 19.16 -24.11 -10.61
N PRO D 110 18.57 -24.18 -9.41
CA PRO D 110 17.11 -24.40 -9.30
C PRO D 110 16.26 -23.25 -9.84
N PRO D 111 16.71 -21.96 -9.81
CA PRO D 111 15.76 -20.88 -10.14
C PRO D 111 14.89 -21.11 -11.36
N TYR D 112 15.44 -21.64 -12.46
CA TYR D 112 14.69 -21.69 -13.71
C TYR D 112 13.44 -22.54 -13.58
N PHE D 113 13.60 -23.81 -13.21
CA PHE D 113 12.42 -24.65 -13.08
C PHE D 113 11.66 -24.43 -11.78
N GLN D 114 12.29 -23.81 -10.77
CA GLN D 114 11.51 -23.37 -9.61
C GLN D 114 10.49 -22.31 -10.03
N PHE D 115 10.88 -21.45 -10.97
CA PHE D 115 9.95 -20.49 -11.56
C PHE D 115 8.77 -21.20 -12.21
N ARG D 116 9.03 -22.02 -13.23
CA ARG D 116 7.95 -22.72 -13.92
C ARG D 116 7.14 -23.59 -12.97
N ARG D 117 7.71 -23.99 -11.83
CA ARG D 117 6.95 -24.71 -10.82
C ARG D 117 5.88 -23.82 -10.21
N LEU D 118 6.17 -22.53 -10.04
CA LEU D 118 5.15 -21.59 -9.61
C LEU D 118 3.96 -21.62 -10.57
N LEU D 119 4.23 -21.54 -11.87
CA LEU D 119 3.18 -21.53 -12.86
C LEU D 119 2.53 -22.90 -13.06
N GLY D 120 3.13 -23.95 -12.50
CA GLY D 120 2.52 -25.26 -12.55
C GLY D 120 2.70 -26.02 -13.84
N THR D 121 3.69 -25.67 -14.67
CA THR D 121 4.01 -26.44 -15.86
C THR D 121 5.32 -27.20 -15.71
N ALA D 122 6.00 -27.07 -14.58
CA ALA D 122 7.40 -27.49 -14.48
C ALA D 122 7.56 -28.99 -14.73
N GLU D 123 6.77 -29.82 -14.03
CA GLU D 123 6.91 -31.26 -14.22
C GLU D 123 6.59 -31.64 -15.66
N ASP D 124 5.59 -30.99 -16.24
CA ASP D 124 5.29 -31.22 -17.65
C ASP D 124 6.43 -30.72 -18.54
N ASP D 125 7.02 -29.57 -18.19
CA ASP D 125 8.09 -29.03 -19.01
C ASP D 125 9.32 -29.93 -19.00
N ILE D 126 9.63 -30.55 -17.84
CA ILE D 126 10.77 -31.45 -17.75
C ILE D 126 10.51 -32.74 -18.52
N TYR D 127 9.31 -33.32 -18.37
CA TYR D 127 8.95 -34.49 -19.16
C TYR D 127 9.06 -34.18 -20.65
N ASP D 128 8.46 -33.07 -21.08
CA ASP D 128 8.57 -32.65 -22.47
C ASP D 128 10.02 -32.49 -22.88
N MET D 129 10.86 -31.94 -21.98
CA MET D 129 12.29 -31.84 -22.25
C MET D 129 12.92 -33.22 -22.35
N PHE D 130 12.74 -34.04 -21.30
CA PHE D 130 13.20 -35.43 -21.34
C PHE D 130 12.79 -36.12 -22.65
N MET D 131 11.55 -35.89 -23.09
CA MET D 131 11.07 -36.55 -24.30
C MET D 131 11.87 -36.12 -25.52
N ALA D 132 11.99 -34.81 -25.73
CA ALA D 132 12.63 -34.31 -26.95
C ALA D 132 14.09 -34.71 -27.01
N GLU D 133 14.79 -34.68 -25.88
CA GLU D 133 16.20 -35.05 -25.86
C GLU D 133 16.40 -36.56 -26.05
N LEU D 134 15.36 -37.35 -25.82
CA LEU D 134 15.43 -38.80 -25.95
C LEU D 134 14.98 -39.30 -27.32
N THR D 135 13.98 -38.63 -27.91
CA THR D 135 13.38 -39.07 -29.16
C THR D 135 13.72 -38.22 -30.36
N GLU D 136 14.07 -36.95 -30.15
CA GLU D 136 14.35 -36.04 -31.25
C GLU D 136 15.82 -35.65 -31.31
N GLY D 137 16.32 -34.96 -30.31
CA GLY D 137 17.69 -34.52 -30.31
C GLY D 137 17.90 -33.39 -29.33
N ILE D 138 19.18 -33.19 -28.97
CA ILE D 138 19.60 -32.17 -28.02
C ILE D 138 19.98 -30.90 -28.77
N ALA D 139 19.25 -29.82 -28.51
CA ALA D 139 19.44 -28.53 -29.19
C ALA D 139 19.21 -28.74 -30.68
N ASP D 140 20.18 -28.46 -31.54
CA ASP D 140 20.06 -28.74 -32.97
C ASP D 140 21.28 -29.51 -33.46
N THR D 141 21.73 -30.46 -32.64
CA THR D 141 22.83 -31.35 -32.99
C THR D 141 22.37 -32.69 -33.54
N GLY D 142 21.06 -32.97 -33.53
CA GLY D 142 20.53 -34.26 -33.93
C GLY D 142 20.94 -35.42 -33.05
N ILE D 143 21.67 -35.16 -31.97
CA ILE D 143 22.21 -36.18 -31.10
C ILE D 143 21.22 -36.41 -29.96
N LYS D 144 20.84 -37.67 -29.75
CA LYS D 144 19.89 -38.05 -28.72
C LYS D 144 20.63 -38.55 -27.48
N ALA D 145 20.10 -38.21 -26.32
CA ALA D 145 20.55 -38.80 -25.08
C ALA D 145 19.97 -40.20 -24.94
N GLY D 146 20.73 -41.08 -24.28
CA GLY D 146 20.32 -42.45 -24.14
C GLY D 146 19.89 -42.87 -22.74
N VAL D 147 20.10 -41.98 -21.75
CA VAL D 147 19.68 -42.22 -20.37
C VAL D 147 19.20 -40.90 -19.78
N ILE D 148 18.43 -41.02 -18.70
CA ILE D 148 17.98 -39.85 -17.96
C ILE D 148 18.78 -39.72 -16.66
N LEU D 150 19.21 -38.26 -12.98
CA LEU D 150 18.50 -37.69 -11.83
C LEU D 150 19.46 -37.51 -10.65
N ALA D 151 19.10 -36.64 -9.70
CA ALA D 151 19.95 -36.37 -8.55
C ALA D 151 19.10 -35.92 -7.38
N SER D 152 19.43 -36.41 -6.20
CA SER D 152 18.79 -36.00 -4.96
C SER D 152 19.83 -35.45 -3.99
N SER D 153 19.36 -34.66 -3.02
CA SER D 153 20.24 -33.95 -2.10
C SER D 153 20.59 -34.83 -0.90
N LYS D 154 21.41 -34.28 0.01
CA LYS D 154 21.88 -35.03 1.17
C LYS D 154 20.72 -35.31 2.12
N GLY D 155 20.29 -36.57 2.21
CA GLY D 155 19.23 -36.91 3.13
C GLY D 155 17.86 -36.42 2.73
N ARG D 156 17.72 -35.84 1.53
CA ARG D 156 16.40 -35.44 1.05
C ARG D 156 16.36 -35.47 -0.47
N ILE D 157 15.34 -36.11 -1.02
CA ILE D 157 14.90 -35.82 -2.38
C ILE D 157 13.83 -34.73 -2.25
N THR D 158 14.24 -33.49 -2.49
CA THR D 158 13.35 -32.37 -2.27
C THR D 158 12.18 -32.40 -3.24
N GLU D 159 11.19 -31.54 -2.97
CA GLU D 159 10.03 -31.43 -3.86
C GLU D 159 10.46 -31.07 -5.27
N TYR D 160 11.35 -30.07 -5.40
CA TYR D 160 11.88 -29.69 -6.71
C TYR D 160 12.53 -30.88 -7.40
N GLU D 161 13.35 -31.65 -6.68
CA GLU D 161 13.99 -32.80 -7.31
C GLU D 161 12.97 -33.89 -7.63
N LYS D 162 11.89 -33.99 -6.85
CA LYS D 162 10.90 -35.02 -7.13
C LYS D 162 10.23 -34.78 -8.47
N MET D 163 10.10 -33.52 -8.89
CA MET D 163 9.54 -33.21 -10.21
C MET D 163 10.29 -33.97 -11.30
N PHE D 164 11.62 -34.00 -11.21
CA PHE D 164 12.40 -34.71 -12.20
C PHE D 164 12.25 -36.21 -12.05
N PHE D 165 12.20 -36.71 -10.82
CA PHE D 165 11.97 -38.14 -10.59
C PHE D 165 10.65 -38.60 -11.19
N ARG D 166 9.62 -37.75 -11.10
CA ARG D 166 8.31 -38.11 -11.63
C ARG D 166 8.28 -38.01 -13.14
N ALA D 167 8.80 -36.92 -13.69
CA ALA D 167 8.90 -36.79 -15.14
C ALA D 167 9.84 -37.84 -15.72
N ALA D 168 10.84 -38.26 -14.96
CA ALA D 168 11.77 -39.28 -15.47
C ALA D 168 11.09 -40.62 -15.63
N ALA D 169 10.19 -40.98 -14.71
CA ALA D 169 9.48 -42.24 -14.83
C ALA D 169 8.44 -42.18 -15.95
N ARG D 170 7.67 -41.09 -16.01
CA ARG D 170 6.77 -40.89 -17.14
C ARG D 170 7.53 -40.91 -18.46
N ALA D 171 8.78 -40.42 -18.47
CA ALA D 171 9.59 -40.50 -19.68
C ALA D 171 10.00 -41.93 -19.98
N GLN D 172 10.43 -42.68 -18.94
CA GLN D 172 10.87 -44.05 -19.13
C GLN D 172 9.70 -44.97 -19.49
N LYS D 173 8.50 -44.67 -18.99
CA LYS D 173 7.33 -45.47 -19.36
C LYS D 173 7.03 -45.36 -20.85
N GLU D 174 7.33 -44.20 -21.45
CA GLU D 174 7.08 -44.01 -22.88
C GLU D 174 8.21 -44.57 -23.73
N THR D 175 9.45 -44.48 -23.24
CA THR D 175 10.61 -44.74 -24.09
C THR D 175 11.45 -45.93 -23.66
N GLY D 176 11.26 -46.46 -22.46
CA GLY D 176 12.22 -47.42 -21.95
C GLY D 176 13.61 -46.87 -21.74
N ALA D 177 13.77 -45.55 -21.68
CA ALA D 177 15.07 -44.96 -21.42
C ALA D 177 15.63 -45.44 -20.08
N VAL D 178 16.94 -45.45 -19.97
CA VAL D 178 17.60 -45.85 -18.74
C VAL D 178 17.63 -44.66 -17.79
N ILE D 179 17.45 -44.93 -16.49
CA ILE D 179 17.52 -43.90 -15.46
C ILE D 179 18.82 -44.10 -14.67
N ILE D 180 19.65 -43.06 -14.61
CA ILE D 180 20.93 -43.11 -13.92
C ILE D 180 20.92 -42.00 -12.87
N THR D 181 20.94 -42.37 -11.59
CA THR D 181 20.76 -41.41 -10.51
C THR D 181 22.08 -41.03 -9.84
N HIS D 182 22.06 -39.88 -9.16
CA HIS D 182 23.14 -39.38 -8.33
C HIS D 182 22.66 -39.38 -6.89
N THR D 183 23.44 -39.98 -5.99
CA THR D 183 23.14 -39.91 -4.55
C THR D 183 24.15 -38.99 -3.88
N GLN D 184 23.70 -38.32 -2.79
CA GLN D 184 24.51 -37.30 -2.12
C GLN D 184 25.03 -37.81 -0.79
N GLU D 185 26.33 -38.14 -0.76
CA GLU D 185 27.04 -38.54 0.46
C GLU D 185 26.41 -39.76 1.12
N GLY D 186 26.20 -40.81 0.33
CA GLY D 186 25.70 -42.07 0.85
C GLY D 186 24.32 -42.01 1.47
N THR D 187 23.45 -41.09 1.01
CA THR D 187 22.09 -40.99 1.51
C THR D 187 21.11 -41.12 0.34
N MET D 188 19.90 -41.59 0.63
CA MET D 188 18.73 -41.63 -0.29
C MET D 188 18.76 -42.68 -1.38
N GLY D 189 19.67 -43.66 -1.33
CA GLY D 189 19.60 -44.78 -2.22
C GLY D 189 18.24 -45.48 -2.18
N PRO D 190 17.87 -46.02 -1.01
CA PRO D 190 16.59 -46.75 -0.92
C PRO D 190 15.38 -45.89 -1.25
N GLU D 191 15.41 -44.61 -0.91
CA GLU D 191 14.27 -43.73 -1.18
C GLU D 191 14.11 -43.49 -2.67
N GLN D 192 15.23 -43.43 -3.41
CA GLN D 192 15.19 -43.22 -4.85
C GLN D 192 14.51 -44.37 -5.55
N ALA D 193 14.90 -45.61 -5.20
CA ALA D 193 14.31 -46.79 -5.84
C ALA D 193 12.85 -46.95 -5.45
N ALA D 194 12.50 -46.66 -4.20
CA ALA D 194 11.11 -46.77 -3.77
C ALA D 194 10.25 -45.71 -4.46
N TYR D 195 10.70 -44.46 -4.48
CA TYR D 195 9.93 -43.42 -5.15
C TYR D 195 9.75 -43.72 -6.63
N LEU D 196 10.85 -44.10 -7.30
CA LEU D 196 10.77 -44.30 -8.74
C LEU D 196 9.88 -45.49 -9.10
N LEU D 197 9.90 -46.56 -8.29
CA LEU D 197 8.99 -47.68 -8.55
C LEU D 197 7.56 -47.31 -8.19
N GLU D 198 7.38 -46.43 -7.22
CA GLU D 198 6.05 -45.96 -6.86
C GLU D 198 5.37 -45.27 -8.03
N HIS D 199 6.15 -44.60 -8.88
CA HIS D 199 5.62 -43.83 -9.99
C HIS D 199 5.78 -44.54 -11.34
N GLY D 200 6.03 -45.85 -11.33
CA GLY D 200 5.96 -46.66 -12.52
C GLY D 200 7.29 -47.03 -13.17
N ALA D 201 8.41 -46.48 -12.69
CA ALA D 201 9.68 -46.79 -13.32
C ALA D 201 10.01 -48.28 -13.16
N ASP D 202 10.80 -48.79 -14.10
CA ASP D 202 11.16 -50.20 -14.14
C ASP D 202 12.51 -50.40 -13.51
N PRO D 203 12.62 -51.13 -12.40
CA PRO D 203 13.89 -51.15 -11.64
C PRO D 203 15.07 -51.68 -12.43
N LYS D 204 14.85 -52.59 -13.37
CA LYS D 204 15.98 -53.12 -14.12
C LYS D 204 16.55 -52.11 -15.11
N LYS D 205 15.94 -50.94 -15.25
CA LYS D 205 16.46 -49.87 -16.09
C LYS D 205 16.86 -48.66 -15.27
N ILE D 206 17.08 -48.84 -13.97
CA ILE D 206 17.44 -47.78 -13.04
C ILE D 206 18.77 -48.13 -12.40
N VAL D 207 19.69 -47.17 -12.38
CA VAL D 207 20.96 -47.31 -11.68
C VAL D 207 20.98 -46.29 -10.54
N ILE D 208 21.16 -46.77 -9.32
CA ILE D 208 21.31 -45.90 -8.15
C ILE D 208 22.80 -45.64 -7.97
N GLY D 209 23.25 -44.42 -8.32
CA GLY D 209 24.65 -44.12 -8.35
C GLY D 209 25.19 -43.52 -7.06
N HIS D 210 26.52 -43.39 -7.00
CA HIS D 210 27.22 -42.88 -5.82
C HIS D 210 26.88 -43.69 -4.57
N MET D 211 26.64 -44.99 -4.74
CA MET D 211 26.34 -45.83 -3.58
C MET D 211 27.60 -46.14 -2.77
N CYS D 212 28.76 -46.12 -3.42
CA CYS D 212 30.03 -46.25 -2.69
C CYS D 212 30.14 -45.25 -1.56
N GLY D 213 29.39 -44.15 -1.62
CA GLY D 213 29.44 -43.13 -0.58
C GLY D 213 28.97 -43.59 0.78
N ASN D 214 28.17 -44.65 0.84
CA ASN D 214 27.77 -45.27 2.08
C ASN D 214 28.60 -46.53 2.31
N THR D 215 29.03 -46.74 3.56
CA THR D 215 29.92 -47.84 3.89
C THR D 215 29.24 -48.97 4.64
N ASP D 216 27.92 -48.88 4.90
CA ASP D 216 27.21 -49.96 5.53
C ASP D 216 26.59 -50.84 4.44
N PRO D 217 27.05 -52.08 4.28
CA PRO D 217 26.41 -52.97 3.30
C PRO D 217 24.92 -53.17 3.53
N ASP D 218 24.43 -52.98 4.75
CA ASP D 218 22.99 -53.08 4.98
C ASP D 218 22.23 -52.00 4.21
N TYR D 219 22.80 -50.80 4.15
CA TYR D 219 22.23 -49.74 3.33
C TYR D 219 22.24 -50.12 1.86
N HIS D 220 23.21 -50.92 1.43
CA HIS D 220 23.25 -51.32 0.03
C HIS D 220 22.21 -52.39 -0.28
N ARG D 221 22.01 -53.34 0.65
CA ARG D 221 21.05 -54.41 0.40
C ARG D 221 19.61 -53.89 0.41
N LYS D 222 19.31 -52.91 1.27
CA LYS D 222 17.98 -52.33 1.23
C LYS D 222 17.71 -51.56 -0.06
N THR D 223 18.76 -51.12 -0.76
CA THR D 223 18.57 -50.56 -2.10
C THR D 223 18.61 -51.65 -3.16
N LEU D 224 19.47 -52.66 -2.99
CA LEU D 224 19.56 -53.79 -3.92
C LEU D 224 18.31 -54.67 -3.90
N ALA D 225 17.47 -54.52 -2.87
CA ALA D 225 16.26 -55.32 -2.74
C ALA D 225 15.10 -54.82 -3.59
N TYR D 226 15.24 -53.65 -4.24
CA TYR D 226 14.20 -53.15 -5.14
C TYR D 226 14.35 -53.61 -6.57
N GLY D 227 15.49 -54.23 -6.93
CA GLY D 227 15.71 -54.71 -8.28
C GLY D 227 16.65 -53.85 -9.11
N VAL D 228 16.93 -52.63 -8.67
CA VAL D 228 17.79 -51.71 -9.41
C VAL D 228 19.24 -52.18 -9.36
N TYR D 229 20.05 -51.60 -10.26
CA TYR D 229 21.49 -51.71 -10.11
C TYR D 229 22.00 -50.67 -9.13
N ILE D 230 23.18 -50.93 -8.55
CA ILE D 230 23.92 -49.91 -7.81
C ILE D 230 25.28 -49.71 -8.47
N ALA D 231 25.84 -48.53 -8.27
CA ALA D 231 27.10 -48.16 -8.89
C ALA D 231 28.05 -47.64 -7.82
N PHE D 232 29.19 -48.33 -7.68
CA PHE D 232 30.36 -47.79 -7.01
C PHE D 232 31.15 -47.03 -8.08
N ASP D 233 30.74 -45.79 -8.31
CA ASP D 233 31.21 -45.01 -9.46
C ASP D 233 32.04 -43.79 -9.09
N ARG D 234 32.72 -43.81 -7.94
CA ARG D 234 33.55 -42.67 -7.57
C ARG D 234 34.87 -43.14 -6.98
N PHE D 235 35.46 -44.17 -7.57
CA PHE D 235 36.76 -44.67 -7.12
C PHE D 235 37.85 -43.67 -7.46
N GLY D 236 38.63 -43.27 -6.44
CA GLY D 236 39.61 -42.22 -6.56
C GLY D 236 39.20 -40.93 -5.88
N ILE D 237 37.90 -40.71 -5.67
CA ILE D 237 37.43 -39.54 -4.96
C ILE D 237 37.55 -39.80 -3.47
N GLN D 238 38.41 -39.05 -2.79
CA GLN D 238 38.64 -39.23 -1.37
C GLN D 238 38.89 -37.87 -0.73
N GLY D 239 38.24 -37.64 0.41
CA GLY D 239 38.33 -36.36 1.08
C GLY D 239 37.17 -35.43 0.76
N MET D 240 37.05 -35.04 -0.51
CA MET D 240 36.03 -34.07 -0.89
C MET D 240 34.63 -34.66 -0.73
N VAL D 241 33.66 -33.76 -0.63
CA VAL D 241 32.23 -34.02 -0.37
C VAL D 241 32.02 -35.17 0.61
N GLY D 242 32.84 -35.22 1.66
CA GLY D 242 32.69 -36.23 2.69
C GLY D 242 32.78 -37.66 2.22
N ALA D 243 33.52 -37.91 1.14
CA ALA D 243 33.51 -39.23 0.51
C ALA D 243 34.42 -40.20 1.26
N PRO D 244 34.03 -41.50 1.30
CA PRO D 244 34.91 -42.50 1.93
C PRO D 244 36.25 -42.66 1.24
N THR D 245 37.11 -43.48 1.81
CA THR D 245 38.36 -43.82 1.14
C THR D 245 38.13 -44.99 0.19
N ASP D 246 39.07 -45.19 -0.72
CA ASP D 246 38.96 -46.31 -1.64
C ASP D 246 39.01 -47.63 -0.90
N GLU D 247 39.80 -47.72 0.18
CA GLU D 247 39.85 -48.94 0.96
C GLU D 247 38.52 -49.21 1.66
N GLU D 248 37.77 -48.16 2.00
CA GLU D 248 36.42 -48.37 2.50
C GLU D 248 35.48 -48.81 1.38
N ARG D 249 35.68 -48.29 0.17
CA ARG D 249 34.87 -48.72 -0.97
C ARG D 249 35.13 -50.18 -1.29
N VAL D 250 36.41 -50.58 -1.31
CA VAL D 250 36.75 -51.97 -1.58
C VAL D 250 36.11 -52.89 -0.55
N ARG D 251 36.09 -52.44 0.71
CA ARG D 251 35.53 -53.26 1.79
C ARG D 251 34.04 -53.52 1.58
N THR D 252 33.28 -52.46 1.32
CA THR D 252 31.84 -52.58 1.08
C THR D 252 31.55 -53.42 -0.15
N LEU D 253 32.33 -53.22 -1.22
CA LEU D 253 32.10 -53.94 -2.47
C LEU D 253 32.36 -55.43 -2.30
N LEU D 254 33.41 -55.79 -1.56
CA LEU D 254 33.67 -57.20 -1.32
C LEU D 254 32.59 -57.82 -0.45
N ALA D 255 32.05 -57.06 0.49
CA ALA D 255 30.96 -57.57 1.31
C ALA D 255 29.76 -57.96 0.46
N LEU D 256 29.53 -57.25 -0.65
CA LEU D 256 28.40 -57.53 -1.53
C LEU D 256 28.73 -58.56 -2.61
N LEU D 257 29.94 -58.51 -3.18
CA LEU D 257 30.34 -59.54 -4.13
C LEU D 257 30.34 -60.92 -3.47
N ARG D 258 30.79 -60.99 -2.22
CA ARG D 258 30.70 -62.23 -1.46
C ARG D 258 29.25 -62.59 -1.16
N ASP D 259 28.36 -61.61 -1.10
CA ASP D 259 26.93 -61.89 -0.97
C ASP D 259 26.27 -62.21 -2.30
N GLY D 260 27.06 -62.37 -3.36
CA GLY D 260 26.51 -62.75 -4.65
C GLY D 260 25.60 -61.71 -5.27
N TYR D 261 25.99 -60.44 -5.20
CA TYR D 261 25.17 -59.34 -5.71
C TYR D 261 25.77 -58.73 -6.98
N GLU D 262 26.66 -59.44 -7.66
CA GLU D 262 27.42 -58.86 -8.76
C GLU D 262 26.53 -58.48 -9.95
N LYS D 263 25.42 -59.19 -10.15
CA LYS D 263 24.57 -58.88 -11.31
C LYS D 263 23.86 -57.54 -11.19
N GLN D 264 24.10 -56.79 -10.12
CA GLN D 264 23.48 -55.49 -9.93
C GLN D 264 24.49 -54.38 -9.68
N ILE D 265 25.79 -54.67 -9.75
CA ILE D 265 26.83 -53.72 -9.34
C ILE D 265 27.68 -53.36 -10.55
N MET D 266 28.00 -52.08 -10.68
CA MET D 266 28.89 -51.58 -11.73
C MET D 266 29.86 -50.58 -11.11
N LEU D 267 31.01 -50.41 -11.77
CA LEU D 267 32.10 -49.60 -11.23
C LEU D 267 32.48 -48.49 -12.19
N SER D 268 32.77 -47.32 -11.63
CA SER D 268 33.25 -46.19 -12.43
C SER D 268 34.05 -45.27 -11.50
N HIS D 269 34.60 -44.20 -12.07
CA HIS D 269 35.37 -43.24 -11.30
C HIS D 269 34.66 -41.91 -11.06
N ASN D 270 33.68 -41.55 -11.92
CA ASN D 270 33.13 -40.20 -11.93
C ASN D 270 34.23 -39.17 -12.25
N THR D 271 35.11 -39.54 -13.18
CA THR D 271 36.17 -38.61 -13.56
C THR D 271 35.58 -37.32 -14.14
N VAL D 272 36.37 -36.26 -14.05
CA VAL D 272 36.10 -34.99 -14.74
C VAL D 272 37.37 -34.68 -15.51
N ASN D 273 37.41 -35.03 -16.79
CA ASN D 273 38.64 -34.97 -17.54
C ASN D 273 38.96 -33.57 -18.03
N VAL D 274 37.95 -32.71 -18.23
CA VAL D 274 38.18 -31.31 -18.55
C VAL D 274 37.23 -30.47 -17.71
N TRP D 275 37.79 -29.64 -16.84
CA TRP D 275 36.98 -28.80 -15.98
C TRP D 275 36.55 -27.54 -16.73
N LEU D 276 35.25 -27.29 -16.75
CA LEU D 276 34.71 -26.09 -17.36
C LEU D 276 34.82 -24.89 -16.44
N GLY D 277 35.02 -23.72 -17.04
CA GLY D 277 35.26 -22.52 -16.27
C GLY D 277 36.74 -22.29 -15.99
N ARG D 278 37.03 -21.57 -14.91
CA ARG D 278 38.40 -21.22 -14.58
C ARG D 278 39.20 -22.48 -14.18
N PRO D 279 40.43 -22.61 -14.65
CA PRO D 279 41.28 -23.72 -14.18
C PRO D 279 41.70 -23.53 -12.73
N PHE D 280 42.03 -24.65 -12.08
CA PHE D 280 42.36 -24.61 -10.66
C PHE D 280 43.34 -25.71 -10.32
N THR D 281 43.91 -25.62 -9.13
CA THR D 281 44.80 -26.63 -8.56
C THR D 281 44.26 -27.05 -7.21
N LEU D 282 44.38 -28.34 -6.91
CA LEU D 282 43.96 -28.77 -5.59
C LEU D 282 45.03 -28.43 -4.56
N PRO D 283 44.64 -27.90 -3.40
CA PRO D 283 45.58 -27.84 -2.27
C PRO D 283 46.12 -29.22 -1.97
N GLU D 284 47.43 -29.31 -1.74
CA GLU D 284 48.10 -30.61 -1.62
C GLU D 284 47.46 -31.53 -0.58
N PRO D 285 46.89 -31.02 0.53
CA PRO D 285 46.06 -31.91 1.36
C PRO D 285 44.93 -32.55 0.57
N PHE D 286 44.28 -31.78 -0.30
CA PHE D 286 43.28 -32.34 -1.20
C PHE D 286 43.90 -32.94 -2.46
N ALA D 287 45.15 -32.58 -2.78
CA ALA D 287 45.74 -33.01 -4.04
C ALA D 287 46.32 -34.42 -3.96
N GLU D 288 46.78 -34.87 -2.79
CA GLU D 288 47.27 -36.25 -2.69
C GLU D 288 46.12 -37.23 -2.52
N MET D 289 45.17 -36.93 -1.63
CA MET D 289 44.05 -37.82 -1.41
C MET D 289 43.23 -38.03 -2.67
N MET D 290 43.36 -37.15 -3.66
CA MET D 290 42.65 -37.25 -4.92
C MET D 290 43.54 -37.75 -6.05
N LYS D 291 44.77 -38.15 -5.73
CA LYS D 291 45.76 -38.44 -6.77
C LYS D 291 45.32 -39.57 -7.70
N ASN D 292 44.48 -40.48 -7.20
CA ASN D 292 44.05 -41.65 -7.97
C ASN D 292 42.68 -41.46 -8.63
N TRP D 293 42.25 -40.22 -8.83
CA TRP D 293 40.94 -39.98 -9.43
C TRP D 293 41.12 -39.76 -10.93
N HIS D 294 41.53 -40.83 -11.59
CA HIS D 294 41.79 -40.82 -13.02
C HIS D 294 41.28 -42.12 -13.61
N VAL D 295 41.01 -42.10 -14.92
CA VAL D 295 40.26 -43.16 -15.58
C VAL D 295 40.98 -44.50 -15.64
N GLU D 296 42.26 -44.57 -15.27
CA GLU D 296 42.94 -45.86 -15.20
C GLU D 296 42.94 -46.44 -13.78
N HIS D 297 42.51 -45.66 -12.78
CA HIS D 297 42.56 -46.06 -11.38
C HIS D 297 41.99 -47.46 -11.17
N LEU D 298 40.79 -47.70 -11.69
CA LEU D 298 40.11 -48.97 -11.44
C LEU D 298 40.95 -50.15 -11.91
N PHE D 299 41.59 -50.03 -13.07
CA PHE D 299 42.29 -51.16 -13.68
C PHE D 299 43.74 -51.27 -13.22
N VAL D 300 44.35 -50.15 -12.84
CA VAL D 300 45.72 -50.15 -12.34
C VAL D 300 45.78 -50.39 -10.83
N ASN D 301 44.77 -49.96 -10.08
CA ASN D 301 44.78 -50.03 -8.62
C ASN D 301 43.65 -50.88 -8.08
N ILE D 302 42.40 -50.58 -8.42
CA ILE D 302 41.27 -51.24 -7.76
C ILE D 302 41.22 -52.72 -8.14
N ILE D 303 41.22 -53.03 -9.44
CA ILE D 303 40.92 -54.39 -9.88
C ILE D 303 41.89 -55.42 -9.33
N PRO D 304 43.22 -55.25 -9.41
CA PRO D 304 44.10 -56.29 -8.86
C PRO D 304 44.01 -56.40 -7.36
N ALA D 305 43.59 -55.35 -6.65
CA ALA D 305 43.29 -55.51 -5.23
C ALA D 305 42.09 -56.44 -5.03
N LEU D 306 41.04 -56.28 -5.85
CA LEU D 306 39.95 -57.24 -5.82
C LEU D 306 40.42 -58.64 -6.22
N LYS D 307 41.31 -58.73 -7.21
CA LYS D 307 41.84 -60.02 -7.60
C LYS D 307 42.73 -60.62 -6.51
N ASN D 308 43.42 -59.76 -5.76
CA ASN D 308 44.22 -60.21 -4.61
C ASN D 308 43.31 -60.48 -3.41
N GLU D 309 42.02 -60.69 -3.67
CA GLU D 309 41.03 -60.86 -2.62
C GLU D 309 39.96 -61.86 -3.03
N GLY D 310 40.11 -62.55 -4.16
CA GLY D 310 39.21 -63.63 -4.51
C GLY D 310 38.06 -63.27 -5.43
N ILE D 311 38.18 -62.19 -6.20
CA ILE D 311 37.19 -61.83 -7.19
C ILE D 311 37.69 -62.31 -8.55
N ARG D 312 36.93 -63.17 -9.19
CA ARG D 312 37.35 -63.87 -10.40
C ARG D 312 37.06 -63.05 -11.65
N ASP D 313 37.75 -63.41 -12.74
CA ASP D 313 37.59 -62.71 -14.01
C ASP D 313 36.15 -62.71 -14.49
N GLU D 314 35.39 -63.76 -14.16
CA GLU D 314 34.00 -63.82 -14.64
C GLU D 314 33.12 -62.81 -13.91
N VAL D 315 33.37 -62.59 -12.61
CA VAL D 315 32.63 -61.59 -11.86
C VAL D 315 32.95 -60.19 -12.40
N LEU D 316 34.23 -59.95 -12.70
CA LEU D 316 34.61 -58.65 -13.25
C LEU D 316 33.94 -58.43 -14.62
N GLU D 317 33.88 -59.47 -15.44
CA GLU D 317 33.17 -59.36 -16.71
C GLU D 317 31.68 -59.14 -16.50
N GLN D 318 31.13 -59.74 -15.45
CA GLN D 318 29.74 -59.47 -15.09
C GLN D 318 29.52 -57.97 -14.89
N MET D 319 30.38 -57.33 -14.11
CA MET D 319 30.15 -55.91 -13.81
C MET D 319 30.42 -55.04 -15.04
N PHE D 320 31.54 -55.29 -15.73
CA PHE D 320 32.03 -54.37 -16.75
C PHE D 320 31.40 -54.59 -18.12
N ILE D 321 30.79 -55.76 -18.34
CA ILE D 321 30.20 -56.12 -19.64
C ILE D 321 28.77 -56.60 -19.41
N GLY D 322 28.60 -57.53 -18.47
CA GLY D 322 27.32 -58.23 -18.34
C GLY D 322 26.18 -57.32 -17.93
N ASN D 323 26.40 -56.51 -16.89
CA ASN D 323 25.36 -55.61 -16.40
C ASN D 323 25.03 -54.48 -17.36
N PRO D 324 26.03 -53.80 -17.94
CA PRO D 324 25.70 -52.77 -18.94
C PRO D 324 24.85 -53.34 -20.07
N ALA D 325 25.24 -54.47 -20.66
CA ALA D 325 24.44 -55.09 -21.70
C ALA D 325 23.03 -55.41 -21.19
N ALA D 326 22.95 -56.02 -20.01
CA ALA D 326 21.64 -56.30 -19.41
C ALA D 326 20.85 -55.02 -19.22
N LEU D 327 21.46 -54.00 -18.60
CA LEU D 327 20.72 -52.80 -18.22
C LEU D 327 20.18 -52.08 -19.44
N PHE D 328 20.94 -52.05 -20.54
CA PHE D 328 20.50 -51.29 -21.70
C PHE D 328 19.56 -52.07 -22.59
N SER D 329 19.27 -53.32 -22.24
CA SER D 329 18.28 -54.12 -22.94
C SER D 329 17.13 -54.44 -22.00
#